data_8V8V
#
_entry.id   8V8V
#
_cell.length_a   84.172
_cell.length_b   121.137
_cell.length_c   163.902
_cell.angle_alpha   90.00
_cell.angle_beta   92.04
_cell.angle_gamma   90.00
#
_symmetry.space_group_name_H-M   'P 1 21 1'
#
loop_
_entity.id
_entity.type
_entity.pdbx_description
1 polymer 'Phosphatidylinositol 4,5-bisphosphate 3-kinase catalytic subunit alpha isoform'
2 polymer 'Phosphatidylinositol 3-kinase regulatory subunit alpha'
3 non-polymer '2-[[(1~{R})-1-(7-methyl-4-oxidanylidene-2-piperidin-1-yl-3~{H}-pyrido[1,2-a]pyrimidin-9-yl)ethyl]amino]benzoic acid'
4 non-polymer (2S)-N~1~-{4-methyl-5-[2-(1,1,1-trifluoro-2-methylpropan-2-yl)pyridin-4-yl]-1,3-thiazol-2-yl}pyrrolidine-1,2-dicarboxamide
5 water water
#
loop_
_entity_poly.entity_id
_entity_poly.type
_entity_poly.pdbx_seq_one_letter_code
_entity_poly.pdbx_strand_id
1 'polypeptide(L)'
;GAMGSMPPRPSSGELWGIHLMPPRILVECLLPNGMIVTLECLREATLITIKHELFKEARKYPLHQLLQDESSYIFVSVTQ
EAEREEFFDETRRLCDLRLFQPFLKVIEPVGNREEKILNREIGFAIGMPVCEFDMVKDPEVQDFRRNILNVCKEAVDLRD
LNSPHSRAMYVYPPNVESSPELPKHIYNKLDKGQIIVVIWVIVSPNNDKQKYTLKINHDCVPEQVIAEAIRKKTRSMLLS
SEQLKLCVLEYQGKYILKVCGCDEYFLEKYPLSQYKYIRSCIMLGRMPNLMLMAKESLYSQLPMDCFTMPSYSRRISTAT
PYMNGETSTKSLWVINSALRIKILCATYVNVNIRDIDKIYVRTGIYHGGEPLCDNVNTQRVPCSNPRWNEWLNYDIYIPD
LPRAARLCLSICSVKGRKGAKEEHCPLAWGNINLFDYTDTLVSGKMALNLWPVPHGLEDLLNPIGVTGSNPNKETPCLEL
EFDWFSSVVKFPDMSVIEEHANWSVSREAGFSYSHAGLSNRLARDNELRENDKEQLKAISTRDPLSEITEQEKDFLWSHR
HYCVTIPEILPKLLLSVKWNSRDEVAQMYCLVKDWPPIKPEQAMELLDCNYPDPMVRGFAVRCLEKYLTDDKLSQYLIQL
VQVLKYEQYLDNLLVRFLLKKALTNQRIGHFFFWHLKSEMHNKTVSQRFGLLLESYCRACGMYLKHLNRQVEAMEKLINL
TDILKQEKKDETQKVQMKFLVEQMRRPDFMDALQGFLSPLNPAHQLGNLRLEECRIMSSAKRPLWLNWENPDIMSELLFQ
NNEIIFKNGDDLRQDMLTLQIIRIMENIWQNQGLDLRMLPYGCLSIGDCVGLIEVVRNSHTIMQIQCKGGLKGALQFNSH
TLHQWLKDKNKGEIYDAAIDLFTRSCAGYCVATFILGIGDRHNSNIMVKDDGQLFHIDFGHFLDHKKKKFGYKRERVPFV
LTQDFLIVISKGAQECTKTREFERFQEMCYKAYLAIRQHANLFINLFSMMLGSGMPELQSFDDIAYIRKTLALDKTEQEA
LEYFMKQMNDARHGGWTTKMDWIFHTIKQHALN
;
A,C
2 'polypeptide(L)'
;MNNNMSLQDAEWYWGDISREEVNEKLRDTADGTFLVRDASTKMHGDYTLTLRKGGNNKLIKIFHRDGKYGFSDPLTFSSV
VELINHYRNESLAQYNPKLDVKLLYPVSKYQQDQVVKEDNIEAVGKKLHEYNTQFQEKSREYDRLYEEYTRTSQEIQMKR
TAIEAFNETIKIFEEQCQTQERYSKEYIEKFKREGNEKEIQRIMHNYDKLKSRISEIIDSRRRLEEDLKKQAAEYREIDK
RMNSIKPDLIQLRKTRDQYLMWLTQKGVRQKKLNEWLGN
;
B,D
#
# COMPACT_ATOMS: atom_id res chain seq x y z
N PRO A 7 -41.31 -26.79 25.48
CA PRO A 7 -40.18 -26.07 26.09
C PRO A 7 -39.33 -26.96 26.99
N PRO A 8 -38.14 -26.49 27.38
CA PRO A 8 -37.30 -27.27 28.29
C PRO A 8 -37.92 -27.41 29.68
N ARG A 9 -37.26 -28.23 30.49
CA ARG A 9 -37.76 -28.55 31.83
C ARG A 9 -37.59 -27.37 32.78
N PRO A 10 -38.56 -27.13 33.66
CA PRO A 10 -38.37 -26.10 34.70
C PRO A 10 -37.36 -26.50 35.76
N SER A 11 -37.28 -27.79 36.10
CA SER A 11 -36.39 -28.27 37.14
C SER A 11 -35.78 -29.60 36.71
N SER A 12 -34.92 -30.14 37.56
CA SER A 12 -34.34 -31.46 37.38
C SER A 12 -35.05 -32.51 38.21
N GLY A 13 -36.27 -32.22 38.66
CA GLY A 13 -37.00 -33.15 39.50
C GLY A 13 -37.52 -34.36 38.74
N GLU A 14 -37.71 -35.45 39.47
CA GLU A 14 -38.15 -36.70 38.88
C GLU A 14 -39.63 -36.67 38.47
N LEU A 15 -40.40 -35.73 39.00
CA LEU A 15 -41.75 -35.45 38.55
C LEU A 15 -42.00 -33.95 38.58
N TRP A 16 -43.07 -33.53 37.90
CA TRP A 16 -43.43 -32.12 37.91
C TRP A 16 -43.81 -31.68 39.32
N GLY A 17 -43.02 -30.75 39.87
CA GLY A 17 -43.26 -30.25 41.21
C GLY A 17 -42.76 -31.12 42.33
N ILE A 18 -42.13 -32.26 42.02
CA ILE A 18 -41.58 -33.14 43.05
C ILE A 18 -40.13 -33.45 42.67
N HIS A 19 -39.21 -33.12 43.58
CA HIS A 19 -37.79 -33.35 43.29
C HIS A 19 -37.43 -34.83 43.40
N LEU A 20 -37.94 -35.51 44.42
CA LEU A 20 -37.63 -36.91 44.67
C LEU A 20 -38.93 -37.71 44.66
N MET A 21 -39.01 -38.70 43.78
CA MET A 21 -40.10 -39.65 43.88
C MET A 21 -40.02 -40.36 45.22
N PRO A 22 -41.15 -40.73 45.80
CA PRO A 22 -41.09 -41.56 47.00
C PRO A 22 -40.40 -42.86 46.68
N PRO A 23 -39.76 -43.50 47.68
CA PRO A 23 -39.09 -44.77 47.40
C PRO A 23 -39.99 -45.77 46.71
N ARG A 24 -41.28 -45.75 47.00
CA ARG A 24 -42.29 -46.49 46.26
C ARG A 24 -43.35 -45.50 45.82
N ILE A 25 -43.79 -45.63 44.58
CA ILE A 25 -44.74 -44.66 44.01
C ILE A 25 -45.76 -45.44 43.18
N LEU A 26 -47.01 -45.03 43.27
CA LEU A 26 -48.09 -45.66 42.52
C LEU A 26 -48.17 -45.02 41.13
N VAL A 27 -48.22 -45.86 40.10
CA VAL A 27 -48.15 -45.42 38.72
C VAL A 27 -49.38 -45.91 37.97
N GLU A 28 -50.11 -44.97 37.36
CA GLU A 28 -51.28 -45.32 36.56
C GLU A 28 -50.84 -45.97 35.25
N CYS A 29 -51.25 -47.22 35.04
CA CYS A 29 -50.91 -47.96 33.82
C CYS A 29 -52.15 -48.15 32.96
N LEU A 30 -52.13 -47.58 31.77
CA LEU A 30 -53.25 -47.65 30.83
C LEU A 30 -53.00 -48.76 29.82
N LEU A 31 -53.70 -49.86 29.96
CA LEU A 31 -53.51 -51.05 29.14
C LEU A 31 -54.19 -50.90 27.79
N PRO A 32 -53.75 -51.66 26.78
CA PRO A 32 -54.36 -51.55 25.45
C PRO A 32 -55.77 -52.08 25.36
N ASN A 33 -56.22 -52.88 26.32
CA ASN A 33 -57.60 -53.37 26.31
C ASN A 33 -58.58 -52.39 26.94
N GLY A 34 -58.13 -51.19 27.30
CA GLY A 34 -58.96 -50.18 27.91
C GLY A 34 -58.92 -50.14 29.42
N MET A 35 -58.37 -51.17 30.07
CA MET A 35 -58.32 -51.20 31.51
C MET A 35 -57.20 -50.29 32.01
N ILE A 36 -57.35 -49.82 33.25
CA ILE A 36 -56.37 -49.00 33.93
C ILE A 36 -55.97 -49.72 35.22
N VAL A 37 -54.66 -49.83 35.46
CA VAL A 37 -54.14 -50.58 36.59
C VAL A 37 -53.15 -49.70 37.35
N THR A 38 -53.41 -49.49 38.64
CA THR A 38 -52.49 -48.75 39.50
C THR A 38 -51.46 -49.72 40.03
N LEU A 39 -50.19 -49.45 39.73
CA LEU A 39 -49.09 -50.36 40.07
C LEU A 39 -48.07 -49.64 40.94
N GLU A 40 -47.84 -50.17 42.14
CA GLU A 40 -46.83 -49.61 43.02
C GLU A 40 -45.45 -50.01 42.52
N CYS A 41 -44.62 -49.02 42.20
CA CYS A 41 -43.31 -49.26 41.63
C CYS A 41 -42.22 -48.65 42.48
N LEU A 42 -41.04 -49.25 42.46
CA LEU A 42 -39.87 -48.61 43.02
C LEU A 42 -39.49 -47.41 42.16
N ARG A 43 -39.06 -46.32 42.80
CA ARG A 43 -38.69 -45.14 42.03
C ARG A 43 -37.51 -45.42 41.13
N GLU A 44 -36.61 -46.32 41.55
CA GLU A 44 -35.46 -46.71 40.75
C GLU A 44 -35.76 -47.88 39.82
N ALA A 45 -37.01 -48.33 39.74
CA ALA A 45 -37.31 -49.49 38.93
C ALA A 45 -37.13 -49.20 37.45
N THR A 46 -36.55 -50.15 36.73
CA THR A 46 -36.44 -50.04 35.29
C THR A 46 -37.82 -50.19 34.65
N LEU A 47 -37.90 -49.80 33.38
CA LEU A 47 -39.13 -50.06 32.63
C LEU A 47 -39.32 -51.54 32.37
N ILE A 48 -38.22 -52.29 32.25
CA ILE A 48 -38.32 -53.74 32.04
C ILE A 48 -39.05 -54.38 33.21
N THR A 49 -38.63 -54.07 34.43
CA THR A 49 -39.27 -54.58 35.63
C THR A 49 -40.73 -54.14 35.71
N ILE A 50 -40.98 -52.84 35.49
CA ILE A 50 -42.31 -52.29 35.68
C ILE A 50 -43.29 -52.90 34.69
N LYS A 51 -42.90 -53.01 33.41
CA LYS A 51 -43.80 -53.64 32.46
C LYS A 51 -44.07 -55.09 32.82
N HIS A 52 -43.06 -55.78 33.34
CA HIS A 52 -43.24 -57.17 33.76
C HIS A 52 -44.23 -57.26 34.91
N GLU A 53 -44.03 -56.45 35.95
CA GLU A 53 -44.94 -56.49 37.10
C GLU A 53 -46.35 -56.09 36.70
N LEU A 54 -46.48 -55.12 35.79
CA LEU A 54 -47.80 -54.73 35.31
C LEU A 54 -48.51 -55.92 34.68
N PHE A 55 -47.82 -56.64 33.80
CA PHE A 55 -48.47 -57.74 33.10
C PHE A 55 -48.78 -58.91 34.02
N LYS A 56 -48.08 -59.03 35.15
CA LYS A 56 -48.52 -59.94 36.19
C LYS A 56 -49.82 -59.46 36.80
N GLU A 57 -49.88 -58.18 37.16
CA GLU A 57 -51.09 -57.62 37.75
C GLU A 57 -52.24 -57.59 36.75
N ALA A 58 -51.93 -57.45 35.46
CA ALA A 58 -52.99 -57.31 34.45
C ALA A 58 -53.86 -58.55 34.35
N ARG A 59 -53.31 -59.73 34.67
CA ARG A 59 -54.11 -60.95 34.64
C ARG A 59 -55.29 -60.87 35.60
N LYS A 60 -55.20 -60.04 36.64
CA LYS A 60 -56.28 -59.90 37.60
C LYS A 60 -57.41 -59.02 37.08
N TYR A 61 -57.25 -58.39 35.93
CA TYR A 61 -58.22 -57.43 35.41
C TYR A 61 -59.01 -57.98 34.23
N PRO A 62 -60.17 -57.40 33.95
CA PRO A 62 -61.00 -57.91 32.85
C PRO A 62 -60.28 -57.81 31.51
N LEU A 63 -60.70 -58.67 30.59
CA LEU A 63 -60.18 -58.75 29.22
C LEU A 63 -58.67 -58.99 29.19
N HIS A 64 -58.12 -59.57 30.26
CA HIS A 64 -56.68 -59.78 30.33
C HIS A 64 -56.19 -60.78 29.29
N GLN A 65 -57.06 -61.63 28.77
CA GLN A 65 -56.67 -62.55 27.71
C GLN A 65 -56.56 -61.88 26.35
N LEU A 66 -56.90 -60.59 26.25
CA LEU A 66 -56.73 -59.84 25.01
C LEU A 66 -55.33 -59.25 24.87
N LEU A 67 -54.59 -59.15 25.96
CA LEU A 67 -53.26 -58.56 25.95
C LEU A 67 -52.26 -59.54 25.34
N GLN A 68 -51.48 -59.06 24.37
CA GLN A 68 -50.40 -59.87 23.85
C GLN A 68 -49.30 -60.00 24.90
N ASP A 69 -48.22 -60.69 24.55
CA ASP A 69 -47.10 -60.79 25.47
C ASP A 69 -46.47 -59.43 25.68
N GLU A 70 -45.87 -59.26 26.87
CA GLU A 70 -45.30 -57.95 27.23
C GLU A 70 -44.18 -57.53 26.28
N SER A 71 -43.56 -58.47 25.57
CA SER A 71 -42.52 -58.11 24.62
C SER A 71 -43.09 -57.38 23.40
N SER A 72 -44.37 -57.55 23.10
CA SER A 72 -45.02 -56.92 21.95
C SER A 72 -45.45 -55.49 22.22
N TYR A 73 -45.23 -54.98 23.42
CA TYR A 73 -45.68 -53.65 23.82
C TYR A 73 -44.51 -52.84 24.35
N ILE A 74 -44.65 -51.51 24.29
CA ILE A 74 -43.73 -50.57 24.93
C ILE A 74 -44.56 -49.48 25.59
N PHE A 75 -43.90 -48.71 26.46
CA PHE A 75 -44.56 -47.64 27.18
C PHE A 75 -44.47 -46.31 26.43
N VAL A 76 -45.51 -45.50 26.58
CA VAL A 76 -45.50 -44.10 26.16
C VAL A 76 -46.06 -43.28 27.31
N SER A 77 -45.61 -42.04 27.42
CA SER A 77 -46.04 -41.17 28.50
C SER A 77 -45.84 -39.71 28.10
N VAL A 78 -46.20 -38.81 29.01
CA VAL A 78 -45.96 -37.38 28.87
C VAL A 78 -44.81 -37.00 29.78
N THR A 79 -43.82 -36.31 29.22
CA THR A 79 -42.66 -35.86 29.97
C THR A 79 -42.86 -34.43 30.44
N GLN A 80 -41.95 -33.98 31.33
CA GLN A 80 -42.04 -32.63 31.85
C GLN A 80 -41.84 -31.58 30.77
N GLU A 81 -41.25 -31.94 29.63
CA GLU A 81 -41.13 -31.03 28.50
C GLU A 81 -42.37 -31.05 27.61
N ALA A 82 -43.49 -31.58 28.11
CA ALA A 82 -44.74 -31.71 27.35
C ALA A 82 -44.57 -32.59 26.11
N GLU A 83 -43.65 -33.56 26.15
CA GLU A 83 -43.41 -34.45 25.02
C GLU A 83 -44.14 -35.77 25.22
N ARG A 84 -44.72 -36.28 24.12
CA ARG A 84 -45.39 -37.58 24.09
C ARG A 84 -44.35 -38.61 23.68
N GLU A 85 -43.54 -39.02 24.64
CA GLU A 85 -42.35 -39.82 24.37
C GLU A 85 -42.61 -41.30 24.49
N GLU A 86 -42.23 -42.05 23.45
CA GLU A 86 -42.22 -43.51 23.49
C GLU A 86 -40.90 -44.00 24.06
N PHE A 87 -40.96 -44.93 24.99
CA PHE A 87 -39.77 -45.43 25.69
C PHE A 87 -39.33 -46.77 25.10
N PHE A 88 -38.43 -46.72 24.13
CA PHE A 88 -37.90 -47.96 23.58
C PHE A 88 -36.80 -48.53 24.46
N ASP A 89 -35.87 -47.69 24.93
CA ASP A 89 -34.78 -48.16 25.78
C ASP A 89 -35.34 -48.37 27.17
N GLU A 90 -35.87 -49.57 27.40
CA GLU A 90 -36.54 -49.91 28.65
C GLU A 90 -35.56 -50.21 29.78
N THR A 91 -34.26 -50.03 29.58
CA THR A 91 -33.32 -50.18 30.69
C THR A 91 -33.35 -49.01 31.65
N ARG A 92 -33.93 -47.87 31.23
CA ARG A 92 -33.92 -46.66 32.03
C ARG A 92 -34.79 -46.80 33.27
N ARG A 93 -34.30 -46.26 34.39
CA ARG A 93 -35.04 -46.34 35.64
C ARG A 93 -36.21 -45.36 35.66
N LEU A 94 -37.17 -45.64 36.55
CA LEU A 94 -38.39 -44.85 36.63
C LEU A 94 -38.10 -43.41 36.99
N CYS A 95 -37.24 -43.19 37.99
CA CYS A 95 -36.98 -41.84 38.46
C CYS A 95 -36.28 -40.98 37.41
N ASP A 96 -35.63 -41.58 36.42
CA ASP A 96 -34.90 -40.83 35.42
C ASP A 96 -35.67 -40.61 34.12
N LEU A 97 -36.93 -41.03 34.04
CA LEU A 97 -37.68 -40.67 32.83
C LEU A 97 -38.12 -39.22 32.84
N ARG A 98 -38.16 -38.59 34.02
CA ARG A 98 -38.61 -37.21 34.18
C ARG A 98 -40.04 -37.04 33.64
N LEU A 99 -40.92 -37.93 34.09
CA LEU A 99 -42.32 -37.90 33.68
C LEU A 99 -43.02 -36.67 34.22
N PHE A 100 -44.08 -36.26 33.52
CA PHE A 100 -44.94 -35.19 34.02
C PHE A 100 -45.78 -35.69 35.18
N GLN A 101 -46.65 -36.68 34.93
CA GLN A 101 -47.42 -37.36 35.96
C GLN A 101 -47.05 -38.83 35.95
N PRO A 102 -47.01 -39.49 37.12
CA PRO A 102 -46.59 -40.91 37.14
C PRO A 102 -47.61 -41.82 36.49
N PHE A 103 -47.58 -41.88 35.16
CA PHE A 103 -48.46 -42.78 34.43
C PHE A 103 -47.77 -43.22 33.15
N LEU A 104 -48.08 -44.45 32.73
CA LEU A 104 -47.56 -45.04 31.49
C LEU A 104 -48.70 -45.67 30.73
N LYS A 105 -48.78 -45.39 29.43
CA LYS A 105 -49.71 -46.06 28.55
C LYS A 105 -48.99 -47.19 27.83
N VAL A 106 -49.65 -48.33 27.72
CA VAL A 106 -49.10 -49.49 27.04
C VAL A 106 -49.55 -49.43 25.58
N ILE A 107 -48.60 -49.44 24.66
CA ILE A 107 -48.87 -49.34 23.23
C ILE A 107 -48.00 -50.30 22.47
N GLU A 108 -48.37 -50.54 21.23
CA GLU A 108 -47.50 -51.25 20.30
C GLU A 108 -46.48 -50.29 19.72
N PRO A 109 -45.19 -50.64 19.72
CA PRO A 109 -44.17 -49.69 19.25
C PRO A 109 -44.31 -49.36 17.77
N VAL A 110 -44.17 -48.09 17.46
CA VAL A 110 -44.22 -47.60 16.09
C VAL A 110 -42.93 -46.84 15.80
N GLY A 111 -42.40 -47.04 14.60
CA GLY A 111 -41.18 -46.38 14.18
C GLY A 111 -39.95 -47.27 14.33
N ASN A 112 -38.82 -46.71 13.92
CA ASN A 112 -37.52 -47.38 13.97
C ASN A 112 -36.98 -47.33 15.40
N ARG A 113 -36.68 -48.48 15.97
CA ARG A 113 -36.21 -48.52 17.36
C ARG A 113 -34.93 -47.72 17.53
N GLU A 114 -33.87 -48.05 16.78
CA GLU A 114 -32.60 -47.36 16.95
C GLU A 114 -32.71 -45.88 16.62
N GLU A 115 -33.54 -45.55 15.63
CA GLU A 115 -33.71 -44.15 15.25
C GLU A 115 -34.41 -43.34 16.35
N LYS A 116 -35.46 -43.91 16.95
CA LYS A 116 -36.15 -43.19 18.02
C LYS A 116 -35.29 -43.11 19.28
N ILE A 117 -34.54 -44.16 19.60
CA ILE A 117 -33.66 -44.11 20.78
C ILE A 117 -32.61 -43.02 20.62
N LEU A 118 -32.08 -42.87 19.41
CA LEU A 118 -31.12 -41.80 19.15
C LEU A 118 -31.76 -40.43 19.37
N ASN A 119 -32.94 -40.20 18.78
CA ASN A 119 -33.58 -38.89 18.88
C ASN A 119 -33.93 -38.53 20.32
N ARG A 120 -34.14 -39.53 21.17
CA ARG A 120 -34.30 -39.18 22.59
C ARG A 120 -32.97 -38.81 23.22
N GLU A 121 -31.90 -39.56 22.92
CA GLU A 121 -30.59 -39.21 23.47
C GLU A 121 -30.16 -37.82 23.05
N ILE A 122 -30.43 -37.45 21.80
CA ILE A 122 -30.11 -36.09 21.32
C ILE A 122 -30.95 -35.06 22.06
N GLY A 123 -32.27 -35.27 22.10
CA GLY A 123 -33.12 -34.32 22.81
C GLY A 123 -32.72 -34.17 24.25
N PHE A 124 -32.26 -35.26 24.87
CA PHE A 124 -31.75 -35.18 26.23
C PHE A 124 -30.49 -34.33 26.30
N ALA A 125 -29.53 -34.59 25.40
CA ALA A 125 -28.26 -33.87 25.41
C ALA A 125 -28.46 -32.39 25.13
N ILE A 126 -29.30 -32.07 24.14
CA ILE A 126 -29.59 -30.67 23.84
C ILE A 126 -30.26 -29.99 25.01
N GLY A 127 -31.07 -30.73 25.77
CA GLY A 127 -31.96 -30.11 26.72
C GLY A 127 -33.25 -29.65 26.10
N MET A 128 -33.63 -30.19 24.95
CA MET A 128 -34.81 -29.80 24.21
C MET A 128 -35.25 -30.94 23.31
N PRO A 129 -36.53 -31.31 23.34
CA PRO A 129 -37.02 -32.42 22.50
C PRO A 129 -36.75 -32.17 21.03
N VAL A 130 -36.22 -33.19 20.34
CA VAL A 130 -35.90 -33.08 18.92
C VAL A 130 -37.17 -32.83 18.12
N CYS A 131 -38.28 -33.43 18.53
CA CYS A 131 -39.54 -33.29 17.78
C CYS A 131 -39.96 -31.84 17.60
N GLU A 132 -39.46 -30.92 18.42
CA GLU A 132 -39.82 -29.51 18.26
C GLU A 132 -39.27 -28.93 16.97
N PHE A 133 -38.00 -29.25 16.66
CA PHE A 133 -37.43 -28.81 15.39
C PHE A 133 -38.23 -29.36 14.23
N ASP A 134 -38.79 -30.57 14.37
CA ASP A 134 -39.66 -31.12 13.34
C ASP A 134 -40.96 -30.33 13.22
N MET A 135 -41.30 -29.53 14.23
CA MET A 135 -42.55 -28.81 14.26
C MET A 135 -42.45 -27.35 13.83
N VAL A 136 -41.25 -26.80 13.70
CA VAL A 136 -41.10 -25.39 13.33
C VAL A 136 -41.36 -25.25 11.83
N LYS A 137 -42.28 -24.35 11.49
CA LYS A 137 -42.68 -24.11 10.11
C LYS A 137 -41.66 -23.26 9.35
N ASP A 138 -40.74 -22.62 10.06
CA ASP A 138 -39.73 -21.73 9.49
C ASP A 138 -38.89 -22.44 8.43
N PRO A 139 -38.94 -22.02 7.16
CA PRO A 139 -38.11 -22.69 6.15
C PRO A 139 -36.63 -22.53 6.38
N GLU A 140 -36.18 -21.39 6.91
CA GLU A 140 -34.76 -21.22 7.20
C GLU A 140 -34.27 -22.27 8.19
N VAL A 141 -35.13 -22.64 9.15
CA VAL A 141 -34.74 -23.67 10.10
C VAL A 141 -34.62 -25.02 9.40
N GLN A 142 -35.67 -25.41 8.68
CA GLN A 142 -35.64 -26.69 7.97
C GLN A 142 -34.50 -26.73 6.96
N ASP A 143 -34.19 -25.59 6.32
CA ASP A 143 -33.04 -25.54 5.43
C ASP A 143 -31.74 -25.74 6.19
N PHE A 144 -31.61 -25.08 7.35
CA PHE A 144 -30.40 -25.28 8.15
C PHE A 144 -30.23 -26.74 8.53
N ARG A 145 -31.28 -27.35 9.08
CA ARG A 145 -31.18 -28.73 9.55
C ARG A 145 -30.71 -29.67 8.44
N ARG A 146 -31.24 -29.48 7.22
CA ARG A 146 -30.85 -30.33 6.11
C ARG A 146 -29.46 -29.95 5.59
N ASN A 147 -29.29 -28.69 5.17
CA ASN A 147 -28.08 -28.28 4.48
C ASN A 147 -26.83 -28.38 5.35
N ILE A 148 -26.97 -28.34 6.68
CA ILE A 148 -25.80 -28.44 7.54
C ILE A 148 -25.23 -29.85 7.55
N LEU A 149 -26.03 -30.86 7.18
CA LEU A 149 -25.53 -32.22 7.14
C LEU A 149 -24.38 -32.39 6.16
N ASN A 150 -24.28 -31.52 5.16
CA ASN A 150 -23.11 -31.52 4.29
C ASN A 150 -21.83 -31.40 5.11
N VAL A 151 -21.80 -30.48 6.06
CA VAL A 151 -20.65 -30.33 6.93
C VAL A 151 -20.44 -31.59 7.77
N CYS A 152 -21.53 -32.19 8.24
CA CYS A 152 -21.42 -33.39 9.07
C CYS A 152 -20.83 -34.55 8.29
N LYS A 153 -21.44 -34.89 7.16
CA LYS A 153 -20.93 -35.98 6.34
C LYS A 153 -19.50 -35.71 5.91
N GLU A 154 -19.23 -34.47 5.45
CA GLU A 154 -17.88 -34.11 5.02
C GLU A 154 -16.89 -34.30 6.16
N ALA A 155 -17.27 -33.91 7.39
CA ALA A 155 -16.38 -34.08 8.52
C ALA A 155 -16.23 -35.55 8.89
N VAL A 156 -17.30 -36.32 8.75
CA VAL A 156 -17.24 -37.75 9.09
C VAL A 156 -16.35 -38.48 8.10
N ASP A 157 -16.46 -38.17 6.81
CA ASP A 157 -15.57 -38.77 5.82
C ASP A 157 -14.11 -38.44 6.13
N LEU A 158 -13.85 -37.20 6.56
CA LEU A 158 -12.48 -36.82 6.90
C LEU A 158 -11.97 -37.57 8.13
N ARG A 159 -12.87 -38.11 8.93
CA ARG A 159 -12.49 -38.91 10.09
C ARG A 159 -12.25 -40.37 9.71
N ASP A 160 -13.01 -40.88 8.74
CA ASP A 160 -12.84 -42.23 8.24
C ASP A 160 -11.93 -42.28 7.02
N LEU A 161 -11.34 -41.14 6.66
CA LEU A 161 -10.39 -41.10 5.54
C LEU A 161 -9.18 -41.99 5.81
N ASN A 162 -8.58 -41.84 6.98
CA ASN A 162 -7.37 -42.60 7.32
C ASN A 162 -7.61 -43.49 8.51
N SER A 163 -8.69 -44.27 8.47
CA SER A 163 -8.96 -45.21 9.55
C SER A 163 -7.80 -46.21 9.64
N PRO A 164 -7.39 -46.59 10.85
CA PRO A 164 -7.93 -46.19 12.15
C PRO A 164 -7.16 -45.05 12.80
N HIS A 165 -6.02 -44.62 12.25
CA HIS A 165 -5.26 -43.53 12.86
C HIS A 165 -6.05 -42.22 12.86
N SER A 166 -6.79 -41.95 11.78
CA SER A 166 -7.52 -40.69 11.70
C SER A 166 -8.54 -40.56 12.82
N ARG A 167 -9.24 -41.65 13.13
CA ARG A 167 -10.18 -41.61 14.24
C ARG A 167 -9.48 -41.60 15.58
N ALA A 168 -8.32 -42.24 15.69
CA ALA A 168 -7.53 -42.10 16.91
C ALA A 168 -7.14 -40.64 17.12
N MET A 169 -6.83 -39.94 16.03
CA MET A 169 -6.55 -38.50 16.13
C MET A 169 -7.80 -37.73 16.54
N TYR A 170 -8.96 -38.13 16.03
CA TYR A 170 -10.20 -37.45 16.39
C TYR A 170 -10.51 -37.63 17.87
N VAL A 171 -10.42 -38.87 18.35
CA VAL A 171 -10.82 -39.16 19.73
C VAL A 171 -9.78 -38.64 20.73
N TYR A 172 -8.51 -38.80 20.42
CA TYR A 172 -7.42 -38.41 21.31
C TYR A 172 -6.47 -37.46 20.58
N PRO A 173 -6.91 -36.22 20.35
CA PRO A 173 -6.05 -35.29 19.62
C PRO A 173 -4.86 -34.89 20.45
N PRO A 174 -3.72 -34.62 19.82
CA PRO A 174 -2.53 -34.21 20.58
C PRO A 174 -2.75 -32.84 21.18
N ASN A 175 -2.46 -32.73 22.47
CA ASN A 175 -2.62 -31.47 23.19
C ASN A 175 -1.26 -30.78 23.22
N VAL A 176 -1.00 -29.96 22.20
CA VAL A 176 0.31 -29.36 22.00
C VAL A 176 0.19 -27.85 22.01
N GLU A 177 1.28 -27.21 22.44
CA GLU A 177 1.38 -25.76 22.36
C GLU A 177 1.40 -25.30 20.91
N SER A 178 1.11 -24.02 20.71
CA SER A 178 1.12 -23.44 19.37
C SER A 178 2.54 -23.23 18.86
N SER A 179 3.53 -23.24 19.75
CA SER A 179 4.90 -22.98 19.35
C SER A 179 5.82 -24.10 19.86
N PRO A 180 6.63 -24.70 18.99
CA PRO A 180 7.68 -25.61 19.47
C PRO A 180 8.82 -24.89 20.14
N GLU A 181 8.98 -23.60 19.87
CA GLU A 181 10.07 -22.83 20.45
C GLU A 181 9.91 -22.70 21.95
N LEU A 182 10.98 -22.98 22.68
CA LEU A 182 11.00 -22.76 24.11
C LEU A 182 11.56 -21.38 24.39
N PRO A 183 10.83 -20.50 25.07
CA PRO A 183 11.48 -19.33 25.66
C PRO A 183 12.67 -19.81 26.48
N LYS A 184 13.83 -19.19 26.24
CA LYS A 184 15.09 -19.79 26.68
C LYS A 184 15.15 -20.03 28.18
N HIS A 185 14.41 -19.27 28.98
CA HIS A 185 14.41 -19.58 30.41
C HIS A 185 13.78 -20.94 30.70
N ILE A 186 13.03 -21.48 29.73
CA ILE A 186 12.53 -22.85 29.82
C ILE A 186 13.60 -23.83 29.38
N TYR A 187 14.38 -23.45 28.36
CA TYR A 187 15.47 -24.29 27.87
C TYR A 187 16.46 -24.61 29.00
N ASN A 188 16.84 -23.58 29.77
CA ASN A 188 17.79 -23.77 30.86
C ASN A 188 17.21 -24.57 32.03
N LYS A 189 15.89 -24.75 32.08
CA LYS A 189 15.33 -25.69 33.04
C LYS A 189 15.64 -27.13 32.69
N LEU A 190 15.98 -27.38 31.42
CA LEU A 190 16.44 -28.67 30.96
C LEU A 190 17.93 -28.83 31.25
N ASP A 191 18.39 -30.08 31.24
CA ASP A 191 19.82 -30.36 31.35
C ASP A 191 20.39 -30.31 29.93
N LYS A 192 20.73 -29.10 29.50
CA LYS A 192 21.22 -28.82 28.15
C LYS A 192 20.23 -29.34 27.10
N GLY A 193 19.00 -28.85 27.21
CA GLY A 193 17.96 -29.19 26.27
C GLY A 193 17.49 -30.64 26.30
N GLN A 194 18.03 -31.47 27.20
CA GLN A 194 17.58 -32.85 27.31
C GLN A 194 16.66 -33.00 28.51
N ILE A 195 15.62 -33.82 28.35
CA ILE A 195 14.66 -34.09 29.40
C ILE A 195 14.67 -35.57 29.71
N ILE A 196 14.56 -35.89 31.00
CA ILE A 196 14.46 -37.28 31.45
C ILE A 196 12.99 -37.66 31.49
N VAL A 197 12.66 -38.80 30.89
CA VAL A 197 11.29 -39.29 30.84
C VAL A 197 11.29 -40.74 31.31
N VAL A 198 10.26 -41.11 32.06
CA VAL A 198 10.09 -42.50 32.49
C VAL A 198 9.01 -43.12 31.62
N ILE A 199 9.39 -44.11 30.83
CA ILE A 199 8.46 -44.83 29.97
C ILE A 199 8.04 -46.11 30.69
N TRP A 200 6.75 -46.30 30.83
CA TRP A 200 6.18 -47.44 31.55
C TRP A 200 5.55 -48.41 30.56
N VAL A 201 5.59 -49.69 30.90
CA VAL A 201 4.88 -50.73 30.17
C VAL A 201 4.29 -51.70 31.18
N ILE A 202 3.04 -52.08 30.97
CA ILE A 202 2.36 -53.02 31.85
C ILE A 202 2.50 -54.42 31.27
N VAL A 203 3.09 -55.32 32.06
CA VAL A 203 3.28 -56.70 31.66
C VAL A 203 2.14 -57.52 32.25
N SER A 204 1.36 -58.15 31.38
CA SER A 204 0.20 -58.91 31.82
C SER A 204 0.64 -60.05 32.74
N PRO A 205 -0.24 -60.50 33.64
CA PRO A 205 -1.59 -60.00 33.91
C PRO A 205 -1.71 -59.22 35.23
N ASN A 206 -0.67 -59.27 36.06
CA ASN A 206 -0.71 -58.78 37.44
C ASN A 206 -0.60 -57.26 37.55
N ASN A 207 -0.89 -56.50 36.50
CA ASN A 207 -0.57 -55.07 36.47
C ASN A 207 0.91 -54.86 36.76
N ASP A 208 1.74 -55.79 36.30
CA ASP A 208 3.18 -55.72 36.48
C ASP A 208 3.72 -54.53 35.72
N LYS A 209 4.14 -53.49 36.44
CA LYS A 209 4.57 -52.24 35.85
C LYS A 209 6.09 -52.21 35.77
N GLN A 210 6.61 -52.25 34.56
CA GLN A 210 8.04 -52.16 34.28
C GLN A 210 8.35 -50.82 33.66
N LYS A 211 9.41 -50.17 34.13
CA LYS A 211 9.78 -48.83 33.66
C LYS A 211 11.12 -48.86 32.94
N TYR A 212 11.25 -47.95 31.96
CA TYR A 212 12.51 -47.72 31.28
C TYR A 212 12.72 -46.21 31.27
N THR A 213 13.66 -45.74 32.08
CA THR A 213 13.91 -44.31 32.22
C THR A 213 14.87 -43.85 31.14
N LEU A 214 14.51 -42.76 30.45
CA LEU A 214 15.29 -42.26 29.32
C LEU A 214 15.65 -40.79 29.52
N LYS A 215 16.84 -40.43 29.03
CA LYS A 215 17.29 -39.04 28.96
C LYS A 215 17.44 -38.70 27.49
N ILE A 216 16.64 -37.76 26.99
CA ILE A 216 16.58 -37.47 25.57
C ILE A 216 16.29 -35.99 25.36
N ASN A 217 16.54 -35.53 24.14
CA ASN A 217 16.33 -34.13 23.77
C ASN A 217 14.87 -33.74 23.93
N HIS A 218 14.66 -32.45 24.21
CA HIS A 218 13.32 -31.91 24.38
C HIS A 218 12.51 -31.92 23.08
N ASP A 219 13.17 -31.91 21.92
CA ASP A 219 12.47 -31.86 20.65
C ASP A 219 12.37 -33.23 19.97
N CYS A 220 12.60 -34.31 20.72
CA CYS A 220 12.40 -35.64 20.18
C CYS A 220 10.91 -35.88 19.91
N VAL A 221 10.60 -36.45 18.74
CA VAL A 221 9.23 -36.79 18.38
C VAL A 221 8.88 -38.13 19.03
N PRO A 222 7.59 -38.45 19.21
CA PRO A 222 7.24 -39.70 19.92
C PRO A 222 7.93 -40.96 19.43
N GLU A 223 8.00 -41.18 18.11
CA GLU A 223 8.69 -42.37 17.61
C GLU A 223 10.14 -42.42 18.08
N GLN A 224 10.81 -41.26 18.09
CA GLN A 224 12.18 -41.22 18.59
C GLN A 224 12.23 -41.59 20.07
N VAL A 225 11.25 -41.14 20.84
CA VAL A 225 11.15 -41.56 22.24
C VAL A 225 10.88 -43.05 22.33
N ILE A 226 9.96 -43.54 21.50
CA ILE A 226 9.66 -44.98 21.46
C ILE A 226 10.90 -45.77 21.04
N ALA A 227 11.53 -45.37 19.92
CA ALA A 227 12.71 -46.08 19.44
C ALA A 227 13.79 -46.14 20.50
N GLU A 228 13.95 -45.08 21.28
CA GLU A 228 14.93 -45.10 22.36
C GLU A 228 14.53 -46.08 23.45
N ALA A 229 13.23 -46.20 23.72
CA ALA A 229 12.76 -47.19 24.69
C ALA A 229 13.04 -48.61 24.19
N ILE A 230 12.69 -48.87 22.92
CA ILE A 230 12.99 -50.18 22.33
C ILE A 230 14.49 -50.44 22.36
N ARG A 231 15.28 -49.40 22.10
CA ARG A 231 16.73 -49.52 22.20
C ARG A 231 17.17 -49.99 23.58
N LYS A 232 16.62 -49.36 24.63
CA LYS A 232 16.97 -49.75 25.99
C LYS A 232 16.55 -51.18 26.29
N LYS A 233 15.36 -51.58 25.83
CA LYS A 233 14.87 -52.93 26.08
C LYS A 233 15.68 -53.99 25.34
N THR A 234 15.93 -53.77 24.05
CA THR A 234 16.54 -54.80 23.20
C THR A 234 18.06 -54.91 23.35
N ARG A 235 18.74 -53.87 23.84
CA ARG A 235 20.19 -53.91 23.92
C ARG A 235 20.69 -55.12 24.70
N SER A 236 19.99 -55.49 25.76
CA SER A 236 20.49 -56.63 26.53
C SER A 236 20.28 -57.96 25.83
N MET A 237 19.81 -58.06 24.59
CA MET A 237 19.48 -59.35 23.98
C MET A 237 20.45 -59.71 22.87
N LEU A 238 21.65 -59.14 22.88
CA LEU A 238 22.78 -59.51 22.03
C LEU A 238 22.40 -59.66 20.56
N LEU A 239 21.37 -58.92 20.12
CA LEU A 239 21.09 -58.85 18.70
C LEU A 239 22.32 -58.32 17.95
N SER A 240 22.42 -58.68 16.67
CA SER A 240 23.45 -58.10 15.86
C SER A 240 23.18 -56.60 15.69
N SER A 241 24.25 -55.85 15.41
CA SER A 241 24.12 -54.41 15.26
C SER A 241 23.08 -54.07 14.20
N GLU A 242 23.11 -54.78 13.07
CA GLU A 242 22.15 -54.50 12.01
C GLU A 242 20.75 -55.00 12.36
N GLN A 243 20.65 -56.16 13.01
CA GLN A 243 19.34 -56.64 13.43
C GLN A 243 18.71 -55.67 14.42
N LEU A 244 19.53 -55.04 15.27
CA LEU A 244 19.01 -54.03 16.17
C LEU A 244 18.50 -52.82 15.39
N LYS A 245 19.26 -52.37 14.38
CA LYS A 245 18.78 -51.29 13.51
C LYS A 245 17.45 -51.67 12.87
N LEU A 246 17.39 -52.83 12.22
CA LEU A 246 16.16 -53.29 11.61
C LEU A 246 15.06 -53.46 12.65
N CYS A 247 15.41 -53.93 13.85
CA CYS A 247 14.40 -54.11 14.89
C CYS A 247 13.83 -52.78 15.35
N VAL A 248 14.68 -51.77 15.53
CA VAL A 248 14.20 -50.46 15.97
C VAL A 248 13.29 -49.84 14.92
N LEU A 249 13.75 -49.83 13.66
CA LEU A 249 12.98 -49.19 12.59
C LEU A 249 11.61 -49.82 12.41
N GLU A 250 11.52 -51.15 12.48
CA GLU A 250 10.23 -51.81 12.32
C GLU A 250 9.30 -51.54 13.50
N TYR A 251 9.80 -51.77 14.72
CA TYR A 251 8.94 -51.71 15.90
C TYR A 251 8.52 -50.30 16.26
N GLN A 252 9.39 -49.31 16.01
CA GLN A 252 9.13 -47.94 16.46
C GLN A 252 7.80 -47.40 15.94
N GLY A 253 7.43 -47.78 14.72
CA GLY A 253 6.19 -47.30 14.14
C GLY A 253 4.93 -47.94 14.69
N LYS A 254 5.03 -49.02 15.45
CA LYS A 254 3.87 -49.78 15.86
C LYS A 254 3.47 -49.58 17.32
N TYR A 255 4.14 -48.67 18.03
CA TYR A 255 3.78 -48.34 19.41
C TYR A 255 3.41 -46.86 19.51
N ILE A 256 2.74 -46.51 20.61
CA ILE A 256 2.36 -45.13 20.91
C ILE A 256 2.58 -44.84 22.38
N LEU A 257 2.66 -43.55 22.71
CA LEU A 257 2.85 -43.11 24.08
C LEU A 257 1.56 -42.48 24.62
N LYS A 258 1.27 -42.77 25.88
CA LYS A 258 0.13 -42.21 26.59
C LYS A 258 0.60 -41.62 27.90
N VAL A 259 -0.05 -40.53 28.31
CA VAL A 259 0.24 -39.95 29.62
C VAL A 259 -0.27 -40.87 30.71
N CYS A 260 0.54 -41.08 31.73
CA CYS A 260 0.14 -41.92 32.85
C CYS A 260 -0.96 -41.22 33.64
N GLY A 261 -2.10 -41.88 33.78
CA GLY A 261 -3.18 -41.36 34.61
C GLY A 261 -4.31 -40.67 33.88
N CYS A 262 -4.21 -40.47 32.57
CA CYS A 262 -5.25 -39.75 31.84
C CYS A 262 -5.17 -40.10 30.36
N ASP A 263 -6.19 -39.70 29.62
CA ASP A 263 -6.35 -40.10 28.22
C ASP A 263 -5.83 -39.02 27.27
N GLU A 264 -4.55 -38.70 27.38
CA GLU A 264 -3.87 -37.85 26.40
C GLU A 264 -2.72 -38.63 25.79
N TYR A 265 -2.72 -38.73 24.46
CA TYR A 265 -1.78 -39.54 23.72
C TYR A 265 -0.91 -38.68 22.81
N PHE A 266 0.32 -39.14 22.58
CA PHE A 266 1.27 -38.44 21.71
C PHE A 266 1.22 -39.08 20.33
N LEU A 267 0.14 -38.78 19.62
CA LEU A 267 -0.15 -39.42 18.33
C LEU A 267 0.45 -38.70 17.12
N GLU A 268 1.00 -37.50 17.29
CA GLU A 268 1.44 -36.69 16.16
C GLU A 268 2.92 -36.31 16.28
N LYS A 269 3.49 -35.88 15.15
CA LYS A 269 4.91 -35.55 15.03
C LYS A 269 5.30 -34.26 15.73
N TYR A 270 4.74 -34.00 16.86
CA TYR A 270 5.27 -32.80 17.48
C TYR A 270 6.50 -33.11 18.32
N PRO A 271 7.41 -32.14 18.47
CA PRO A 271 8.47 -32.28 19.46
C PRO A 271 7.86 -32.51 20.84
N LEU A 272 8.54 -33.33 21.65
CA LEU A 272 7.96 -33.70 22.93
C LEU A 272 7.65 -32.48 23.79
N SER A 273 8.56 -31.49 23.80
CA SER A 273 8.33 -30.29 24.60
C SER A 273 7.16 -29.46 24.07
N GLN A 274 6.77 -29.63 22.81
CA GLN A 274 5.61 -28.91 22.31
C GLN A 274 4.31 -29.48 22.86
N TYR A 275 4.31 -30.76 23.27
CA TYR A 275 3.14 -31.32 23.93
C TYR A 275 2.96 -30.64 25.28
N LYS A 276 1.72 -30.24 25.57
CA LYS A 276 1.47 -29.40 26.74
C LYS A 276 1.88 -30.09 28.03
N TYR A 277 1.69 -31.41 28.10
CA TYR A 277 2.07 -32.14 29.32
C TYR A 277 3.56 -32.07 29.57
N ILE A 278 4.37 -32.10 28.51
CA ILE A 278 5.82 -32.10 28.69
C ILE A 278 6.31 -30.72 29.09
N ARG A 279 5.85 -29.68 28.39
CA ARG A 279 6.31 -28.33 28.70
C ARG A 279 5.95 -27.95 30.13
N SER A 280 4.76 -28.33 30.59
CA SER A 280 4.39 -28.10 31.99
C SER A 280 5.35 -28.83 32.92
N CYS A 281 5.74 -30.06 32.57
CA CYS A 281 6.72 -30.79 33.35
C CYS A 281 8.03 -30.03 33.45
N ILE A 282 8.37 -29.27 32.42
CA ILE A 282 9.58 -28.45 32.48
C ILE A 282 9.40 -27.31 33.46
N MET A 283 8.25 -26.63 33.39
CA MET A 283 7.96 -25.51 34.29
C MET A 283 7.96 -25.95 35.75
N LEU A 284 7.19 -27.01 36.05
CA LEU A 284 7.06 -27.48 37.44
C LEU A 284 8.25 -28.30 37.90
N GLY A 285 9.15 -28.66 37.00
CA GLY A 285 10.29 -29.49 37.36
C GLY A 285 9.97 -30.93 37.71
N ARG A 286 8.83 -31.44 37.29
CA ARG A 286 8.47 -32.84 37.50
C ARG A 286 8.84 -33.66 36.26
N MET A 287 9.36 -34.86 36.49
CA MET A 287 9.75 -35.74 35.40
C MET A 287 8.51 -36.41 34.81
N PRO A 288 8.32 -36.35 33.50
CA PRO A 288 7.11 -36.95 32.90
C PRO A 288 7.10 -38.46 33.07
N ASN A 289 5.93 -38.99 33.40
CA ASN A 289 5.67 -40.43 33.46
C ASN A 289 4.75 -40.76 32.31
N LEU A 290 5.27 -41.48 31.32
CA LEU A 290 4.53 -41.83 30.12
C LEU A 290 4.30 -43.34 30.06
N MET A 291 3.28 -43.74 29.31
CA MET A 291 2.93 -45.14 29.16
C MET A 291 3.11 -45.54 27.70
N LEU A 292 3.95 -46.55 27.46
CA LEU A 292 4.15 -47.08 26.12
C LEU A 292 3.11 -48.15 25.83
N MET A 293 2.51 -48.08 24.65
CA MET A 293 1.37 -48.92 24.35
C MET A 293 1.38 -49.33 22.88
N ALA A 294 1.05 -50.58 22.61
CA ALA A 294 0.98 -51.05 21.23
C ALA A 294 -0.22 -50.40 20.53
N LYS A 295 -0.02 -50.01 19.27
CA LYS A 295 -1.07 -49.30 18.54
C LYS A 295 -2.36 -50.12 18.43
N GLU A 296 -2.24 -51.45 18.31
CA GLU A 296 -3.43 -52.27 18.21
C GLU A 296 -4.24 -52.23 19.51
N SER A 297 -3.56 -52.16 20.66
CA SER A 297 -4.26 -52.07 21.93
C SER A 297 -5.13 -50.83 22.01
N LEU A 298 -4.63 -49.70 21.48
CA LEU A 298 -5.44 -48.49 21.45
C LEU A 298 -6.53 -48.56 20.39
N TYR A 299 -6.19 -49.05 19.20
CA TYR A 299 -7.17 -49.08 18.12
C TYR A 299 -8.36 -49.97 18.44
N SER A 300 -8.18 -50.96 19.30
CA SER A 300 -9.31 -51.80 19.69
C SER A 300 -10.27 -51.06 20.61
N GLN A 301 -9.78 -50.06 21.36
CA GLN A 301 -10.61 -49.27 22.25
C GLN A 301 -11.46 -48.25 21.51
N LEU A 302 -11.23 -48.07 20.22
CA LEU A 302 -11.90 -47.01 19.47
C LEU A 302 -13.15 -47.58 18.83
N PRO A 303 -14.34 -47.18 19.26
CA PRO A 303 -15.56 -47.68 18.63
C PRO A 303 -15.81 -47.00 17.28
N MET A 304 -16.51 -47.72 16.42
CA MET A 304 -16.80 -47.26 15.08
C MET A 304 -17.93 -46.23 15.13
N ASP A 305 -17.65 -45.02 14.65
CA ASP A 305 -18.63 -43.94 14.70
C ASP A 305 -19.62 -44.13 13.55
N CYS A 306 -20.85 -44.50 13.88
CA CYS A 306 -21.90 -44.66 12.88
C CYS A 306 -22.61 -43.32 12.72
N PHE A 307 -22.39 -42.67 11.59
CA PHE A 307 -23.15 -41.48 11.24
C PHE A 307 -24.26 -41.88 10.29
N THR A 308 -25.51 -41.71 10.72
CA THR A 308 -26.66 -42.09 9.93
C THR A 308 -27.41 -40.84 9.48
N MET A 309 -27.77 -40.79 8.21
CA MET A 309 -28.50 -39.65 7.70
C MET A 309 -29.90 -39.63 8.31
N PRO A 310 -30.32 -38.52 8.90
CA PRO A 310 -31.63 -38.48 9.57
C PRO A 310 -32.77 -38.52 8.56
N SER A 311 -33.99 -38.61 9.11
CA SER A 311 -35.18 -38.77 8.26
C SER A 311 -35.45 -37.52 7.43
N TYR A 312 -35.24 -36.34 8.02
CA TYR A 312 -35.58 -35.09 7.34
C TYR A 312 -34.61 -34.74 6.20
N SER A 313 -33.53 -35.48 6.05
CA SER A 313 -32.57 -35.20 4.98
C SER A 313 -33.17 -35.51 3.61
N SER A 328 -39.88 -14.72 -11.97
CA SER A 328 -39.60 -13.30 -12.14
C SER A 328 -38.94 -12.70 -10.90
N THR A 329 -37.71 -12.22 -11.06
CA THR A 329 -36.95 -11.59 -9.98
C THR A 329 -36.39 -10.27 -10.49
N LYS A 330 -36.46 -9.25 -9.64
CA LYS A 330 -35.87 -7.95 -9.91
C LYS A 330 -34.66 -7.74 -9.01
N SER A 331 -33.62 -7.16 -9.57
CA SER A 331 -32.43 -6.85 -8.78
C SER A 331 -32.72 -5.70 -7.82
N LEU A 332 -32.02 -5.71 -6.69
CA LEU A 332 -32.14 -4.59 -5.75
C LEU A 332 -31.77 -3.28 -6.40
N TRP A 333 -30.83 -3.31 -7.34
CA TRP A 333 -30.27 -2.09 -7.91
C TRP A 333 -31.09 -1.52 -9.05
N VAL A 334 -32.16 -2.19 -9.48
CA VAL A 334 -33.06 -1.63 -10.49
C VAL A 334 -34.27 -0.95 -9.88
N ILE A 335 -34.40 -0.98 -8.56
CA ILE A 335 -35.55 -0.40 -7.87
C ILE A 335 -35.30 1.09 -7.68
N ASN A 336 -36.02 1.91 -8.44
CA ASN A 336 -35.89 3.37 -8.32
C ASN A 336 -36.91 3.89 -7.30
N SER A 337 -36.65 3.58 -6.03
CA SER A 337 -37.56 3.94 -4.96
C SER A 337 -36.77 4.09 -3.67
N ALA A 338 -37.23 5.01 -2.82
CA ALA A 338 -36.70 5.12 -1.47
C ALA A 338 -37.31 4.06 -0.57
N LEU A 339 -36.64 3.79 0.55
CA LEU A 339 -37.12 2.79 1.48
C LEU A 339 -38.22 3.37 2.37
N ARG A 340 -39.32 2.63 2.48
CA ARG A 340 -40.39 3.01 3.38
C ARG A 340 -40.97 1.77 4.04
N ILE A 341 -41.28 1.89 5.33
CA ILE A 341 -41.83 0.80 6.13
C ILE A 341 -43.09 1.30 6.80
N LYS A 342 -44.13 0.47 6.80
CA LYS A 342 -45.41 0.84 7.38
C LYS A 342 -45.51 0.27 8.78
N ILE A 343 -45.71 1.15 9.76
CA ILE A 343 -45.95 0.74 11.13
C ILE A 343 -47.46 0.70 11.28
N LEU A 344 -48.03 -0.50 11.41
CA LEU A 344 -49.48 -0.63 11.45
C LEU A 344 -50.01 -0.44 12.87
N CYS A 345 -49.73 -1.40 13.75
CA CYS A 345 -50.30 -1.36 15.09
C CYS A 345 -49.59 -2.35 15.98
N ALA A 346 -49.75 -2.15 17.28
CA ALA A 346 -49.28 -3.09 18.28
C ALA A 346 -50.49 -3.67 19.00
N THR A 347 -50.36 -4.92 19.43
CA THR A 347 -51.46 -5.56 20.16
C THR A 347 -51.74 -4.82 21.46
N TYR A 348 -50.72 -4.65 22.29
CA TYR A 348 -50.89 -4.00 23.58
C TYR A 348 -49.53 -3.54 24.09
N VAL A 349 -49.58 -2.63 25.07
CA VAL A 349 -48.40 -2.23 25.84
C VAL A 349 -48.84 -2.07 27.28
N ASN A 350 -47.96 -2.44 28.22
CA ASN A 350 -48.28 -2.38 29.64
C ASN A 350 -47.86 -1.03 30.19
N VAL A 351 -48.75 -0.05 30.07
CA VAL A 351 -48.55 1.29 30.62
C VAL A 351 -49.83 1.72 31.31
N ASN A 352 -49.66 2.47 32.40
CA ASN A 352 -50.79 3.08 33.10
C ASN A 352 -51.10 4.42 32.43
N ILE A 353 -52.30 4.54 31.87
CA ILE A 353 -52.67 5.75 31.12
C ILE A 353 -52.54 6.99 31.99
N ARG A 354 -52.65 6.85 33.31
CA ARG A 354 -52.59 8.00 34.18
C ARG A 354 -51.19 8.61 34.25
N ASP A 355 -50.15 7.80 34.06
CA ASP A 355 -48.78 8.29 34.18
C ASP A 355 -48.07 8.45 32.83
N ILE A 356 -48.51 7.76 31.79
CA ILE A 356 -47.92 7.86 30.46
C ILE A 356 -48.88 8.59 29.54
N ASP A 357 -48.38 9.60 28.84
CA ASP A 357 -49.27 10.42 28.01
C ASP A 357 -49.58 9.73 26.68
N LYS A 358 -48.55 9.46 25.87
CA LYS A 358 -48.74 8.79 24.59
C LYS A 358 -47.59 7.83 24.32
N ILE A 359 -47.70 7.10 23.21
CA ILE A 359 -46.70 6.13 22.79
C ILE A 359 -46.44 6.31 21.30
N TYR A 360 -45.28 5.82 20.86
CA TYR A 360 -44.89 5.87 19.46
C TYR A 360 -43.86 4.78 19.18
N VAL A 361 -43.66 4.50 17.90
CA VAL A 361 -42.67 3.55 17.45
C VAL A 361 -41.49 4.33 16.90
N ARG A 362 -40.31 4.10 17.46
CA ARG A 362 -39.08 4.70 16.99
C ARG A 362 -38.32 3.68 16.15
N THR A 363 -37.92 4.08 14.95
CA THR A 363 -37.28 3.17 14.01
C THR A 363 -35.93 3.72 13.56
N GLY A 364 -35.11 2.81 13.03
CA GLY A 364 -33.83 3.14 12.45
C GLY A 364 -33.30 2.03 11.58
N ILE A 365 -32.64 2.36 10.48
CA ILE A 365 -32.07 1.39 9.56
C ILE A 365 -30.59 1.29 9.87
N TYR A 366 -30.17 0.14 10.39
CA TYR A 366 -28.81 -0.02 10.91
C TYR A 366 -28.02 -1.05 10.11
N HIS A 367 -26.71 -0.82 10.04
CA HIS A 367 -25.73 -1.79 9.59
C HIS A 367 -24.81 -1.99 10.79
N GLY A 368 -24.98 -3.11 11.48
CA GLY A 368 -24.26 -3.29 12.74
C GLY A 368 -24.78 -2.30 13.76
N GLY A 369 -23.88 -1.54 14.35
CA GLY A 369 -24.29 -0.54 15.33
C GLY A 369 -24.52 0.84 14.76
N GLU A 370 -24.01 1.09 13.54
CA GLU A 370 -24.04 2.40 12.89
C GLU A 370 -25.34 2.59 12.12
N PRO A 371 -26.07 3.67 12.36
CA PRO A 371 -27.27 3.95 11.55
C PRO A 371 -26.91 4.41 10.15
N LEU A 372 -27.68 3.94 9.18
CA LEU A 372 -27.49 4.26 7.77
C LEU A 372 -28.20 5.53 7.35
N CYS A 373 -29.13 6.04 8.16
CA CYS A 373 -29.83 7.28 7.85
C CYS A 373 -30.38 7.86 9.16
N ASP A 374 -31.12 8.96 9.04
CA ASP A 374 -31.77 9.54 10.21
C ASP A 374 -32.84 8.59 10.75
N ASN A 375 -32.89 8.46 12.07
CA ASN A 375 -33.96 7.69 12.69
C ASN A 375 -35.31 8.37 12.46
N VAL A 376 -36.33 7.55 12.21
CA VAL A 376 -37.68 8.04 11.91
C VAL A 376 -38.61 7.51 12.98
N ASN A 377 -39.47 8.40 13.50
CA ASN A 377 -40.45 8.07 14.51
C ASN A 377 -41.86 8.18 13.92
N THR A 378 -42.77 7.39 14.47
CA THR A 378 -44.17 7.48 14.08
C THR A 378 -44.84 8.63 14.83
N GLN A 379 -46.06 8.96 14.42
CA GLN A 379 -46.86 9.90 15.17
C GLN A 379 -47.17 9.33 16.55
N ARG A 380 -47.51 10.22 17.49
CA ARG A 380 -47.87 9.78 18.82
C ARG A 380 -49.34 9.39 18.85
N VAL A 381 -49.63 8.29 19.54
CA VAL A 381 -51.00 7.80 19.68
C VAL A 381 -51.29 7.55 21.15
N PRO A 382 -52.57 7.51 21.52
CA PRO A 382 -52.92 7.20 22.92
C PRO A 382 -52.41 5.83 23.32
N CYS A 383 -52.10 5.70 24.62
CA CYS A 383 -51.55 4.45 25.14
C CYS A 383 -52.50 3.28 24.90
N SER A 384 -53.79 3.49 25.13
CA SER A 384 -54.77 2.40 25.03
C SER A 384 -55.07 1.99 23.60
N ASN A 385 -54.73 2.83 22.62
CA ASN A 385 -55.00 2.54 21.21
C ASN A 385 -53.69 2.59 20.43
N PRO A 386 -52.90 1.51 20.50
CA PRO A 386 -51.61 1.47 19.77
C PRO A 386 -51.78 1.05 18.31
N ARG A 387 -52.29 1.98 17.50
CA ARG A 387 -52.40 1.73 16.07
C ARG A 387 -51.98 3.00 15.35
N TRP A 388 -51.08 2.86 14.38
CA TRP A 388 -50.48 3.99 13.68
C TRP A 388 -50.84 4.08 12.21
N ASN A 389 -50.85 2.96 11.48
CA ASN A 389 -51.19 2.95 10.06
C ASN A 389 -50.38 4.00 9.29
N GLU A 390 -49.11 4.13 9.64
CA GLU A 390 -48.27 5.22 9.20
C GLU A 390 -47.11 4.68 8.37
N TRP A 391 -46.96 5.19 7.16
CA TRP A 391 -45.79 4.87 6.34
C TRP A 391 -44.63 5.75 6.77
N LEU A 392 -43.55 5.13 7.23
CA LEU A 392 -42.36 5.88 7.55
C LEU A 392 -41.43 5.91 6.35
N ASN A 393 -41.04 7.10 5.93
CA ASN A 393 -40.14 7.28 4.79
C ASN A 393 -38.73 7.55 5.32
N TYR A 394 -37.77 6.77 4.86
CA TYR A 394 -36.41 6.80 5.36
C TYR A 394 -35.48 7.51 4.39
N ASP A 395 -34.36 8.00 4.91
CA ASP A 395 -33.38 8.74 4.11
C ASP A 395 -32.36 7.81 3.45
N ILE A 396 -32.82 6.76 2.79
CA ILE A 396 -31.93 5.81 2.13
C ILE A 396 -32.58 5.37 0.82
N TYR A 397 -31.79 5.34 -0.25
CA TYR A 397 -32.25 4.79 -1.52
C TYR A 397 -32.17 3.28 -1.42
N ILE A 398 -33.24 2.59 -1.83
CA ILE A 398 -33.30 1.14 -1.64
C ILE A 398 -32.12 0.42 -2.27
N PRO A 399 -31.63 0.77 -3.46
CA PRO A 399 -30.41 0.10 -3.96
C PRO A 399 -29.18 0.32 -3.10
N ASP A 400 -29.16 1.35 -2.27
CA ASP A 400 -28.03 1.60 -1.40
C ASP A 400 -28.09 0.81 -0.10
N LEU A 401 -29.02 -0.13 0.02
CA LEU A 401 -29.18 -0.86 1.27
C LEU A 401 -28.12 -1.95 1.37
N PRO A 402 -27.28 -1.94 2.40
CA PRO A 402 -26.29 -3.02 2.53
C PRO A 402 -26.95 -4.33 2.89
N ARG A 403 -26.19 -5.41 2.72
CA ARG A 403 -26.75 -6.74 2.92
C ARG A 403 -27.15 -6.98 4.38
N ALA A 404 -26.34 -6.50 5.32
CA ALA A 404 -26.66 -6.67 6.73
C ALA A 404 -27.57 -5.57 7.25
N ALA A 405 -28.31 -4.91 6.36
CA ALA A 405 -29.24 -3.87 6.81
C ALA A 405 -30.29 -4.47 7.70
N ARG A 406 -30.63 -3.75 8.77
CA ARG A 406 -31.55 -4.24 9.78
C ARG A 406 -32.45 -3.10 10.24
N LEU A 407 -33.73 -3.37 10.36
CA LEU A 407 -34.63 -2.42 11.01
C LEU A 407 -34.54 -2.63 12.52
N CYS A 408 -34.20 -1.57 13.24
CA CYS A 408 -34.19 -1.58 14.70
C CYS A 408 -35.30 -0.66 15.17
N LEU A 409 -36.31 -1.23 15.81
CA LEU A 409 -37.46 -0.47 16.25
C LEU A 409 -37.74 -0.76 17.72
N SER A 410 -38.64 0.04 18.28
CA SER A 410 -39.10 -0.13 19.65
C SER A 410 -40.34 0.75 19.85
N ILE A 411 -41.19 0.34 20.78
CA ILE A 411 -42.32 1.16 21.21
C ILE A 411 -41.88 1.98 22.42
N CYS A 412 -41.97 3.30 22.29
CA CYS A 412 -41.51 4.20 23.34
C CYS A 412 -42.67 4.94 23.97
N SER A 413 -42.65 5.02 25.29
CA SER A 413 -43.63 5.80 26.04
C SER A 413 -43.09 7.20 26.29
N VAL A 414 -43.96 8.20 26.17
CA VAL A 414 -43.60 9.59 26.41
C VAL A 414 -44.55 10.18 27.44
N LYS A 415 -43.99 10.74 28.52
CA LYS A 415 -44.75 11.47 29.52
C LYS A 415 -44.06 12.80 29.77
N GLY A 416 -44.81 13.89 29.66
CA GLY A 416 -44.25 15.21 29.85
C GLY A 416 -44.66 15.84 31.17
N ARG A 417 -44.71 15.01 32.23
CA ARG A 417 -45.22 15.45 33.52
C ARG A 417 -44.17 16.15 34.37
N LYS A 418 -42.96 16.33 33.86
CA LYS A 418 -41.90 17.02 34.59
C LYS A 418 -41.74 18.47 34.16
N GLY A 419 -42.63 18.97 33.30
CA GLY A 419 -42.55 20.32 32.79
C GLY A 419 -42.55 20.33 31.28
N ALA A 420 -41.84 21.27 30.66
CA ALA A 420 -41.65 21.23 29.22
C ALA A 420 -40.61 20.19 28.81
N LYS A 421 -39.97 19.55 29.78
CA LYS A 421 -38.99 18.50 29.52
C LYS A 421 -39.72 17.15 29.52
N GLU A 422 -39.80 16.53 28.35
CA GLU A 422 -40.52 15.28 28.18
C GLU A 422 -39.65 14.09 28.58
N GLU A 423 -40.33 13.04 29.04
CA GLU A 423 -39.69 11.78 29.38
C GLU A 423 -39.95 10.81 28.24
N HIS A 424 -38.88 10.21 27.72
CA HIS A 424 -38.98 9.17 26.70
C HIS A 424 -38.38 7.89 27.27
N CYS A 425 -39.10 6.79 27.12
CA CYS A 425 -38.69 5.54 27.70
C CYS A 425 -39.00 4.41 26.73
N PRO A 426 -38.08 3.46 26.57
CA PRO A 426 -38.36 2.28 25.73
C PRO A 426 -39.23 1.28 26.49
N LEU A 427 -40.25 0.76 25.81
CA LEU A 427 -41.14 -0.23 26.38
C LEU A 427 -40.80 -1.65 25.93
N ALA A 428 -40.72 -1.86 24.62
CA ALA A 428 -40.39 -3.16 24.07
C ALA A 428 -39.76 -2.95 22.70
N TRP A 429 -38.82 -3.82 22.35
CA TRP A 429 -38.01 -3.61 21.17
C TRP A 429 -37.92 -4.88 20.35
N GLY A 430 -37.55 -4.70 19.08
CA GLY A 430 -37.31 -5.81 18.16
C GLY A 430 -36.54 -5.35 16.95
N ASN A 431 -35.61 -6.18 16.47
CA ASN A 431 -34.82 -5.89 15.29
C ASN A 431 -35.05 -6.97 14.25
N ILE A 432 -35.04 -6.57 12.97
CA ILE A 432 -35.30 -7.51 11.88
C ILE A 432 -34.31 -7.26 10.76
N ASN A 433 -33.85 -8.34 10.15
CA ASN A 433 -33.01 -8.24 8.96
C ASN A 433 -33.87 -7.86 7.77
N LEU A 434 -33.44 -6.83 7.03
CA LEU A 434 -34.20 -6.41 5.87
C LEU A 434 -34.03 -7.38 4.69
N PHE A 435 -33.08 -8.30 4.76
CA PHE A 435 -32.93 -9.38 3.79
C PHE A 435 -32.95 -10.71 4.53
N ASP A 436 -33.71 -11.67 4.02
CA ASP A 436 -33.75 -13.00 4.63
C ASP A 436 -32.52 -13.79 4.18
N TYR A 437 -32.47 -15.07 4.56
CA TYR A 437 -31.32 -15.90 4.22
C TYR A 437 -31.24 -16.23 2.74
N THR A 438 -32.31 -15.99 1.97
CA THR A 438 -32.32 -16.26 0.54
C THR A 438 -31.96 -15.05 -0.29
N ASP A 439 -31.29 -14.06 0.31
CA ASP A 439 -30.87 -12.83 -0.35
C ASP A 439 -32.04 -12.03 -0.89
N THR A 440 -33.22 -12.22 -0.31
CA THR A 440 -34.44 -11.56 -0.76
C THR A 440 -34.77 -10.37 0.13
N LEU A 441 -35.13 -9.25 -0.50
CA LEU A 441 -35.61 -8.10 0.24
C LEU A 441 -36.98 -8.41 0.83
N VAL A 442 -37.13 -8.17 2.14
CA VAL A 442 -38.38 -8.45 2.82
C VAL A 442 -39.53 -7.70 2.16
N SER A 443 -40.70 -8.35 2.11
CA SER A 443 -41.85 -7.78 1.44
C SER A 443 -43.11 -8.22 2.16
N GLY A 444 -44.15 -7.41 2.04
CA GLY A 444 -45.44 -7.74 2.62
C GLY A 444 -45.51 -7.48 4.12
N LYS A 445 -46.61 -7.94 4.70
CA LYS A 445 -46.86 -7.75 6.13
C LYS A 445 -46.06 -8.73 6.96
N MET A 446 -45.79 -8.32 8.20
CA MET A 446 -44.97 -9.10 9.11
C MET A 446 -45.33 -8.70 10.53
N ALA A 447 -45.42 -9.69 11.42
CA ALA A 447 -45.73 -9.46 12.82
C ALA A 447 -44.48 -9.73 13.64
N LEU A 448 -44.14 -8.79 14.53
CA LEU A 448 -42.90 -8.86 15.29
C LEU A 448 -43.22 -8.80 16.77
N ASN A 449 -43.11 -9.93 17.44
CA ASN A 449 -43.26 -9.95 18.89
C ASN A 449 -42.02 -9.32 19.51
N LEU A 450 -42.23 -8.33 20.35
CA LEU A 450 -41.12 -7.56 20.88
C LEU A 450 -40.53 -8.20 22.13
N TRP A 451 -39.31 -7.81 22.43
CA TRP A 451 -38.50 -8.22 23.55
C TRP A 451 -38.56 -7.17 24.65
N PRO A 452 -38.44 -7.57 25.91
CA PRO A 452 -38.43 -6.58 26.98
C PRO A 452 -37.12 -5.80 26.98
N VAL A 453 -37.18 -4.58 27.47
CA VAL A 453 -35.96 -3.76 27.55
C VAL A 453 -35.00 -4.40 28.55
N PRO A 454 -33.72 -4.53 28.23
CA PRO A 454 -32.78 -5.07 29.20
C PRO A 454 -32.72 -4.20 30.45
N HIS A 455 -32.45 -4.84 31.58
CA HIS A 455 -32.29 -4.14 32.84
C HIS A 455 -31.14 -3.17 32.75
N GLY A 456 -31.43 -1.87 32.78
CA GLY A 456 -30.42 -0.84 32.69
C GLY A 456 -30.30 -0.20 31.32
N LEU A 457 -30.98 -0.73 30.31
CA LEU A 457 -30.97 -0.10 28.99
C LEU A 457 -31.82 1.17 29.00
N GLU A 458 -31.17 2.31 28.81
CA GLU A 458 -31.88 3.58 28.71
C GLU A 458 -31.97 4.09 27.28
N ASP A 459 -31.21 3.50 26.35
CA ASP A 459 -31.32 3.87 24.94
C ASP A 459 -32.70 3.54 24.41
N LEU A 460 -33.17 4.35 23.47
CA LEU A 460 -34.49 4.18 22.89
C LEU A 460 -34.55 3.02 21.90
N LEU A 461 -33.41 2.67 21.29
CA LEU A 461 -33.29 1.53 20.39
C LEU A 461 -32.22 0.59 20.91
N ASN A 462 -32.32 -0.68 20.52
CA ASN A 462 -31.38 -1.72 20.95
C ASN A 462 -30.86 -2.47 19.73
N PRO A 463 -29.93 -1.89 18.98
CA PRO A 463 -29.41 -2.58 17.79
C PRO A 463 -28.45 -3.72 18.09
N ILE A 464 -27.77 -3.70 19.25
CA ILE A 464 -26.87 -4.78 19.59
C ILE A 464 -27.62 -6.02 20.09
N GLY A 465 -28.83 -5.84 20.59
CA GLY A 465 -29.68 -6.97 20.95
C GLY A 465 -29.98 -7.86 19.75
N VAL A 466 -30.51 -9.05 20.07
CA VAL A 466 -30.79 -10.03 19.03
C VAL A 466 -31.81 -9.50 18.05
N THR A 467 -31.64 -9.85 16.78
CA THR A 467 -32.59 -9.50 15.73
C THR A 467 -33.49 -10.70 15.45
N GLY A 468 -34.76 -10.41 15.20
CA GLY A 468 -35.75 -11.46 15.01
C GLY A 468 -36.88 -11.37 16.01
N SER A 469 -37.98 -12.08 15.73
CA SER A 469 -39.15 -12.03 16.59
C SER A 469 -38.92 -12.81 17.88
N ASN A 470 -39.57 -12.35 18.93
CA ASN A 470 -39.55 -13.06 20.20
C ASN A 470 -40.30 -14.37 20.07
N PRO A 471 -39.68 -15.52 20.35
CA PRO A 471 -40.43 -16.79 20.29
C PRO A 471 -41.61 -16.83 21.24
N ASN A 472 -41.59 -16.02 22.29
CA ASN A 472 -42.70 -15.92 23.24
C ASN A 472 -43.76 -15.04 22.62
N LYS A 473 -44.76 -15.66 21.99
CA LYS A 473 -45.79 -14.91 21.28
C LYS A 473 -46.80 -14.25 22.21
N GLU A 474 -46.64 -14.42 23.53
CA GLU A 474 -47.46 -13.73 24.51
C GLU A 474 -46.89 -12.38 24.92
N THR A 475 -46.25 -11.68 23.98
CA THR A 475 -45.61 -10.40 24.23
C THR A 475 -46.25 -9.35 23.32
N PRO A 476 -46.00 -8.06 23.54
CA PRO A 476 -46.51 -7.05 22.61
C PRO A 476 -46.11 -7.38 21.18
N CYS A 477 -47.09 -7.41 20.29
CA CYS A 477 -46.87 -7.80 18.89
C CYS A 477 -47.09 -6.59 18.00
N LEU A 478 -46.02 -6.14 17.35
CA LEU A 478 -46.07 -4.99 16.47
C LEU A 478 -46.19 -5.47 15.04
N GLU A 479 -47.21 -5.00 14.34
CA GLU A 479 -47.43 -5.39 12.95
C GLU A 479 -46.78 -4.38 12.02
N LEU A 480 -45.97 -4.90 11.08
CA LEU A 480 -45.30 -4.07 10.10
C LEU A 480 -45.77 -4.45 8.71
N GLU A 481 -45.50 -3.57 7.75
CA GLU A 481 -45.78 -3.85 6.35
C GLU A 481 -44.68 -3.24 5.50
N PHE A 482 -44.08 -4.07 4.65
CA PHE A 482 -43.00 -3.65 3.77
C PHE A 482 -43.53 -3.39 2.37
N ASP A 483 -42.70 -2.72 1.57
CA ASP A 483 -43.13 -2.27 0.26
C ASP A 483 -43.14 -3.44 -0.72
N TRP A 484 -43.87 -3.25 -1.82
CA TRP A 484 -44.00 -4.26 -2.87
C TRP A 484 -43.69 -3.60 -4.21
N PHE A 485 -42.79 -4.22 -4.98
CA PHE A 485 -42.29 -3.65 -6.21
C PHE A 485 -42.60 -4.52 -7.42
N SER A 486 -43.80 -5.12 -7.44
CA SER A 486 -44.30 -5.90 -8.56
C SER A 486 -43.49 -7.16 -8.84
N SER A 487 -42.46 -7.42 -8.03
CA SER A 487 -41.64 -8.61 -8.23
C SER A 487 -40.78 -8.83 -6.99
N VAL A 488 -40.24 -10.05 -6.89
CA VAL A 488 -39.35 -10.38 -5.80
C VAL A 488 -38.04 -9.62 -5.98
N VAL A 489 -37.64 -8.87 -4.95
CA VAL A 489 -36.41 -8.11 -5.00
C VAL A 489 -35.29 -8.93 -4.37
N LYS A 490 -34.20 -9.09 -5.10
CA LYS A 490 -33.07 -9.89 -4.65
C LYS A 490 -31.83 -9.03 -4.59
N PHE A 491 -30.99 -9.26 -3.59
CA PHE A 491 -29.70 -8.62 -3.55
C PHE A 491 -28.87 -9.07 -4.76
N PRO A 492 -28.14 -8.17 -5.40
CA PRO A 492 -27.41 -8.55 -6.61
C PRO A 492 -26.31 -9.56 -6.32
N ASP A 493 -26.03 -10.39 -7.31
CA ASP A 493 -24.95 -11.36 -7.17
C ASP A 493 -23.61 -10.64 -7.08
N MET A 494 -22.61 -11.37 -6.61
CA MET A 494 -21.31 -10.74 -6.36
C MET A 494 -20.63 -10.29 -7.63
N SER A 495 -20.89 -10.96 -8.76
CA SER A 495 -20.28 -10.54 -10.02
C SER A 495 -20.78 -9.17 -10.44
N VAL A 496 -22.07 -8.89 -10.23
CA VAL A 496 -22.62 -7.59 -10.61
C VAL A 496 -22.05 -6.49 -9.72
N ILE A 497 -21.93 -6.75 -8.43
CA ILE A 497 -21.38 -5.76 -7.51
C ILE A 497 -19.93 -5.45 -7.87
N GLU A 498 -19.15 -6.49 -8.20
CA GLU A 498 -17.76 -6.29 -8.56
C GLU A 498 -17.63 -5.50 -9.86
N GLU A 499 -18.41 -5.90 -10.88
CA GLU A 499 -18.37 -5.22 -12.17
C GLU A 499 -18.78 -3.76 -12.03
N HIS A 500 -19.86 -3.50 -11.29
CA HIS A 500 -20.25 -2.13 -11.01
C HIS A 500 -19.14 -1.36 -10.31
N ALA A 501 -18.43 -2.03 -9.39
CA ALA A 501 -17.36 -1.36 -8.67
C ALA A 501 -16.20 -1.00 -9.60
N ASN A 502 -15.86 -1.89 -10.53
CA ASN A 502 -14.71 -1.65 -11.40
C ASN A 502 -14.86 -0.37 -12.20
N TRP A 503 -16.10 0.02 -12.52
CA TRP A 503 -16.34 1.30 -13.18
C TRP A 503 -16.17 2.44 -12.19
N ASN A 526 -0.16 8.45 -5.34
CA ASN A 526 1.15 8.98 -4.95
C ASN A 526 1.02 10.15 -3.99
N GLU A 527 -0.15 10.28 -3.39
CA GLU A 527 -0.34 11.25 -2.31
C GLU A 527 0.15 10.70 -0.99
N LEU A 528 0.65 9.46 -1.00
CA LEU A 528 1.09 8.74 0.20
C LEU A 528 2.51 9.16 0.58
N ARG A 529 2.60 10.28 1.30
CA ARG A 529 3.85 10.71 1.87
C ARG A 529 4.02 10.07 3.24
N GLU A 530 5.12 10.37 3.91
CA GLU A 530 5.30 9.84 5.26
C GLU A 530 4.29 10.45 6.23
N ASN A 531 3.82 11.67 5.95
CA ASN A 531 2.76 12.24 6.77
C ASN A 531 1.57 11.29 6.83
N ASP A 532 1.21 10.73 5.67
CA ASP A 532 0.10 9.80 5.60
C ASP A 532 0.49 8.41 6.09
N LYS A 533 1.72 7.98 5.80
CA LYS A 533 2.14 6.65 6.21
C LYS A 533 2.24 6.54 7.72
N GLU A 534 2.72 7.59 8.39
CA GLU A 534 2.81 7.56 9.85
C GLU A 534 1.42 7.62 10.48
N GLN A 535 0.52 8.42 9.92
CA GLN A 535 -0.85 8.48 10.44
C GLN A 535 -1.58 7.16 10.28
N LEU A 536 -1.41 6.50 9.14
CA LEU A 536 -2.11 5.23 8.94
C LEU A 536 -1.67 4.20 9.95
N LYS A 537 -0.39 4.18 10.31
CA LYS A 537 0.08 3.26 11.33
C LYS A 537 -0.46 3.65 12.70
N ALA A 538 -0.46 4.95 13.01
CA ALA A 538 -0.97 5.41 14.30
C ALA A 538 -2.46 5.11 14.42
N ILE A 539 -3.21 5.23 13.32
CA ILE A 539 -4.64 4.96 13.36
C ILE A 539 -4.90 3.47 13.59
N SER A 540 -4.14 2.60 12.92
CA SER A 540 -4.37 1.16 13.10
C SER A 540 -4.04 0.72 14.52
N THR A 541 -3.07 1.35 15.17
CA THR A 541 -2.68 0.95 16.52
C THR A 541 -3.67 1.40 17.59
N ARG A 542 -4.54 2.36 17.28
CA ARG A 542 -5.54 2.78 18.26
C ARG A 542 -6.49 1.64 18.55
N ASP A 543 -6.94 1.55 19.80
CA ASP A 543 -7.72 0.40 20.23
C ASP A 543 -9.10 0.43 19.56
N PRO A 544 -9.79 -0.72 19.54
CA PRO A 544 -11.12 -0.75 18.91
C PRO A 544 -12.13 0.17 19.55
N LEU A 545 -11.92 0.59 20.80
CA LEU A 545 -12.88 1.45 21.48
C LEU A 545 -12.56 2.93 21.37
N SER A 546 -11.48 3.31 20.69
CA SER A 546 -11.19 4.71 20.43
C SER A 546 -12.09 5.25 19.33
N GLU A 547 -12.59 6.48 19.51
CA GLU A 547 -13.42 7.08 18.49
C GLU A 547 -12.62 7.30 17.21
N ILE A 548 -13.25 7.04 16.08
CA ILE A 548 -12.65 7.27 14.77
C ILE A 548 -13.38 8.45 14.19
N THR A 549 -12.69 9.59 14.12
CA THR A 549 -13.32 10.83 13.72
C THR A 549 -13.79 10.78 12.27
N GLU A 550 -14.67 11.72 11.91
CA GLU A 550 -15.20 11.75 10.56
C GLU A 550 -14.13 12.09 9.54
N GLN A 551 -13.12 12.87 9.93
CA GLN A 551 -12.00 13.13 9.04
C GLN A 551 -11.20 11.85 8.79
N GLU A 552 -10.89 11.13 9.86
CA GLU A 552 -10.12 9.90 9.72
C GLU A 552 -10.89 8.87 8.91
N LYS A 553 -12.21 8.84 9.06
CA LYS A 553 -13.04 8.01 8.19
C LYS A 553 -12.82 8.40 6.73
N ASP A 554 -12.83 9.70 6.44
CA ASP A 554 -12.54 10.17 5.09
C ASP A 554 -11.09 9.88 4.71
N PHE A 555 -10.18 9.99 5.68
CA PHE A 555 -8.75 9.78 5.40
C PHE A 555 -8.48 8.35 4.94
N LEU A 556 -8.90 7.36 5.75
CA LEU A 556 -8.63 5.97 5.37
C LEU A 556 -9.31 5.61 4.05
N TRP A 557 -10.52 6.12 3.81
CA TRP A 557 -11.22 5.72 2.60
C TRP A 557 -10.51 6.22 1.35
N SER A 558 -9.99 7.45 1.39
CA SER A 558 -9.24 7.97 0.25
C SER A 558 -8.00 7.13 -0.01
N HIS A 559 -7.33 6.69 1.05
CA HIS A 559 -6.13 5.86 0.94
C HIS A 559 -6.43 4.39 1.18
N ARG A 560 -7.61 3.93 0.76
CA ARG A 560 -8.00 2.55 0.98
C ARG A 560 -7.01 1.56 0.38
N HIS A 561 -6.30 1.96 -0.68
CA HIS A 561 -5.38 1.04 -1.32
C HIS A 561 -4.07 0.88 -0.56
N TYR A 562 -3.56 1.96 0.05
CA TYR A 562 -2.38 1.76 0.89
C TYR A 562 -2.75 1.03 2.17
N CYS A 563 -4.04 0.99 2.50
CA CYS A 563 -4.45 0.22 3.66
C CYS A 563 -4.16 -1.26 3.42
N VAL A 564 -4.23 -1.69 2.15
CA VAL A 564 -3.85 -3.06 1.80
C VAL A 564 -2.40 -3.32 2.22
N THR A 565 -1.52 -2.35 2.01
CA THR A 565 -0.11 -2.48 2.38
C THR A 565 0.09 -2.57 3.89
N ILE A 566 -0.96 -2.29 4.67
CA ILE A 566 -0.93 -2.42 6.13
C ILE A 566 -2.18 -3.19 6.52
N PRO A 567 -2.16 -4.53 6.42
CA PRO A 567 -3.42 -5.29 6.50
C PRO A 567 -4.17 -5.18 7.80
N GLU A 568 -3.47 -5.06 8.94
CA GLU A 568 -4.16 -5.03 10.22
C GLU A 568 -5.08 -3.83 10.37
N ILE A 569 -4.97 -2.83 9.50
CA ILE A 569 -5.85 -1.66 9.57
C ILE A 569 -7.26 -1.96 9.06
N LEU A 570 -7.52 -3.18 8.60
CA LEU A 570 -8.81 -3.49 8.00
C LEU A 570 -10.01 -3.19 8.91
N PRO A 571 -10.00 -3.52 10.20
CA PRO A 571 -11.14 -3.12 11.04
C PRO A 571 -11.40 -1.62 11.04
N LYS A 572 -10.34 -0.80 11.11
CA LYS A 572 -10.52 0.64 11.14
C LYS A 572 -11.11 1.15 9.83
N LEU A 573 -10.62 0.63 8.70
CA LEU A 573 -11.12 1.07 7.39
C LEU A 573 -12.56 0.65 7.17
N LEU A 574 -12.93 -0.55 7.63
CA LEU A 574 -14.29 -1.03 7.46
C LEU A 574 -15.30 -0.13 8.13
N LEU A 575 -14.95 0.44 9.28
CA LEU A 575 -15.83 1.40 9.94
C LEU A 575 -15.89 2.73 9.22
N SER A 576 -14.98 2.97 8.27
CA SER A 576 -14.91 4.23 7.54
C SER A 576 -15.66 4.20 6.21
N VAL A 577 -16.23 3.06 5.84
CA VAL A 577 -16.97 2.95 4.58
C VAL A 577 -18.37 3.55 4.76
N LYS A 578 -18.88 4.15 3.70
CA LYS A 578 -20.27 4.58 3.65
C LYS A 578 -21.12 3.36 3.29
N TRP A 579 -21.52 2.59 4.30
CA TRP A 579 -22.33 1.40 4.05
C TRP A 579 -23.67 1.74 3.43
N ASN A 580 -24.12 2.99 3.56
CA ASN A 580 -25.34 3.46 2.92
C ASN A 580 -25.12 3.87 1.47
N SER A 581 -24.01 3.45 0.87
CA SER A 581 -23.68 3.74 -0.51
C SER A 581 -23.17 2.46 -1.16
N ARG A 582 -23.96 1.91 -2.08
CA ARG A 582 -23.54 0.67 -2.74
C ARG A 582 -22.24 0.86 -3.49
N ASP A 583 -21.97 2.08 -3.97
CA ASP A 583 -20.72 2.34 -4.68
C ASP A 583 -19.51 2.15 -3.78
N GLU A 584 -19.53 2.74 -2.59
CA GLU A 584 -18.41 2.56 -1.67
C GLU A 584 -18.34 1.13 -1.15
N VAL A 585 -19.50 0.52 -0.86
CA VAL A 585 -19.51 -0.85 -0.39
C VAL A 585 -18.94 -1.77 -1.46
N ALA A 586 -19.36 -1.59 -2.72
CA ALA A 586 -18.85 -2.42 -3.81
C ALA A 586 -17.34 -2.31 -3.91
N GLN A 587 -16.81 -1.08 -3.87
CA GLN A 587 -15.36 -0.90 -3.88
C GLN A 587 -14.74 -1.57 -2.66
N MET A 588 -15.42 -1.50 -1.51
CA MET A 588 -14.89 -2.16 -0.32
C MET A 588 -14.93 -3.67 -0.48
N TYR A 589 -15.99 -4.21 -1.09
CA TYR A 589 -16.07 -5.64 -1.33
C TYR A 589 -14.88 -6.11 -2.17
N CYS A 590 -14.55 -5.36 -3.22
CA CYS A 590 -13.42 -5.75 -4.07
C CYS A 590 -12.11 -5.71 -3.30
N LEU A 591 -11.92 -4.70 -2.45
CA LEU A 591 -10.71 -4.64 -1.63
C LEU A 591 -10.62 -5.81 -0.67
N VAL A 592 -11.77 -6.29 -0.19
CA VAL A 592 -11.78 -7.41 0.75
C VAL A 592 -11.46 -8.71 0.02
N LYS A 593 -11.93 -8.86 -1.21
CA LYS A 593 -11.73 -10.09 -1.97
C LYS A 593 -10.26 -10.45 -2.12
N ASP A 594 -9.37 -9.46 -2.10
CA ASP A 594 -7.94 -9.69 -2.25
C ASP A 594 -7.16 -9.30 -1.01
N TRP A 595 -7.83 -9.06 0.12
CA TRP A 595 -7.13 -8.56 1.29
C TRP A 595 -6.16 -9.63 1.82
N PRO A 596 -4.98 -9.23 2.26
CA PRO A 596 -4.03 -10.19 2.85
C PRO A 596 -4.63 -10.80 4.10
N PRO A 597 -4.40 -12.08 4.33
CA PRO A 597 -4.87 -12.70 5.57
C PRO A 597 -4.17 -12.07 6.76
N ILE A 598 -4.95 -11.81 7.81
CA ILE A 598 -4.42 -11.23 9.02
C ILE A 598 -4.39 -12.31 10.11
N LYS A 599 -3.67 -12.01 11.18
CA LYS A 599 -3.54 -12.94 12.29
C LYS A 599 -4.90 -13.32 12.85
N PRO A 600 -5.03 -14.51 13.45
CA PRO A 600 -6.34 -14.92 13.98
C PRO A 600 -6.90 -13.96 15.02
N GLU A 601 -6.05 -13.49 15.94
CA GLU A 601 -6.48 -12.59 17.01
C GLU A 601 -6.98 -11.25 16.49
N GLN A 602 -6.73 -10.92 15.23
CA GLN A 602 -7.30 -9.71 14.64
C GLN A 602 -8.51 -10.00 13.77
N ALA A 603 -8.61 -11.20 13.20
CA ALA A 603 -9.80 -11.55 12.42
C ALA A 603 -11.01 -11.77 13.32
N MET A 604 -10.80 -12.12 14.59
CA MET A 604 -11.94 -12.34 15.50
C MET A 604 -12.71 -11.05 15.72
N GLU A 605 -12.02 -9.91 15.74
CA GLU A 605 -12.72 -8.65 15.90
C GLU A 605 -13.77 -8.47 14.81
N LEU A 606 -13.44 -8.87 13.58
CA LEU A 606 -14.38 -8.74 12.48
C LEU A 606 -15.57 -9.69 12.58
N LEU A 607 -15.66 -10.46 13.66
CA LEU A 607 -16.81 -11.33 13.89
C LEU A 607 -17.75 -10.83 14.98
N ASP A 608 -17.41 -9.77 15.70
CA ASP A 608 -18.25 -9.28 16.77
C ASP A 608 -19.44 -8.51 16.18
N CYS A 609 -20.18 -7.84 17.05
CA CYS A 609 -21.41 -7.15 16.65
C CYS A 609 -21.16 -5.92 15.79
N ASN A 610 -19.90 -5.50 15.63
CA ASN A 610 -19.61 -4.28 14.86
C ASN A 610 -19.56 -4.53 13.36
N TYR A 611 -19.25 -5.75 12.93
CA TYR A 611 -19.03 -6.07 11.51
C TYR A 611 -20.05 -7.10 11.06
N PRO A 612 -21.26 -6.67 10.71
CA PRO A 612 -22.31 -7.61 10.32
C PRO A 612 -22.27 -8.05 8.87
N ASP A 613 -21.48 -7.39 8.03
CA ASP A 613 -21.47 -7.72 6.61
C ASP A 613 -20.95 -9.14 6.39
N PRO A 614 -21.64 -9.95 5.58
CA PRO A 614 -21.20 -11.35 5.42
C PRO A 614 -19.84 -11.49 4.76
N MET A 615 -19.52 -10.63 3.79
CA MET A 615 -18.23 -10.72 3.12
C MET A 615 -17.09 -10.40 4.08
N VAL A 616 -17.28 -9.41 4.94
CA VAL A 616 -16.27 -9.11 5.95
C VAL A 616 -16.04 -10.32 6.84
N ARG A 617 -17.14 -10.91 7.34
CA ARG A 617 -17.01 -12.11 8.17
C ARG A 617 -16.45 -13.28 7.39
N GLY A 618 -16.84 -13.41 6.12
CA GLY A 618 -16.29 -14.47 5.29
C GLY A 618 -14.78 -14.41 5.23
N PHE A 619 -14.22 -13.21 5.04
CA PHE A 619 -12.78 -13.04 5.13
C PHE A 619 -12.26 -13.46 6.50
N ALA A 620 -13.01 -13.12 7.56
CA ALA A 620 -12.56 -13.44 8.91
C ALA A 620 -12.47 -14.95 9.11
N VAL A 621 -13.50 -15.68 8.67
CA VAL A 621 -13.50 -17.13 8.84
C VAL A 621 -12.36 -17.76 8.04
N ARG A 622 -12.10 -17.24 6.84
CA ARG A 622 -11.02 -17.79 6.02
C ARG A 622 -9.66 -17.53 6.66
N CYS A 623 -9.50 -16.41 7.38
CA CYS A 623 -8.27 -16.22 8.14
C CYS A 623 -8.13 -17.26 9.23
N LEU A 624 -9.25 -17.70 9.82
CA LEU A 624 -9.20 -18.71 10.86
C LEU A 624 -8.85 -20.08 10.30
N GLU A 625 -9.44 -20.44 9.16
CA GLU A 625 -9.10 -21.71 8.52
C GLU A 625 -7.61 -21.78 8.21
N LYS A 626 -6.98 -20.63 7.97
CA LYS A 626 -5.59 -20.56 7.53
C LYS A 626 -4.61 -20.48 8.70
N TYR A 627 -4.97 -19.81 9.79
CA TYR A 627 -4.01 -19.56 10.86
C TYR A 627 -4.43 -20.07 12.24
N LEU A 628 -5.71 -20.32 12.47
CA LEU A 628 -6.18 -20.67 13.82
C LEU A 628 -5.85 -22.13 14.10
N THR A 629 -4.83 -22.35 14.93
CA THR A 629 -4.50 -23.70 15.37
C THR A 629 -5.61 -24.27 16.23
N ASP A 630 -5.72 -25.60 16.24
CA ASP A 630 -6.74 -26.22 17.08
C ASP A 630 -6.51 -25.89 18.55
N ASP A 631 -5.26 -25.60 18.92
CA ASP A 631 -4.99 -25.10 20.27
C ASP A 631 -5.62 -23.75 20.50
N LYS A 632 -5.29 -22.76 19.66
CA LYS A 632 -5.85 -21.43 19.82
C LYS A 632 -7.36 -21.42 19.67
N LEU A 633 -7.89 -22.27 18.79
CA LEU A 633 -9.34 -22.38 18.67
C LEU A 633 -9.96 -22.76 20.01
N SER A 634 -9.35 -23.75 20.68
CA SER A 634 -9.82 -24.12 22.01
C SER A 634 -9.75 -22.93 22.97
N GLN A 635 -8.70 -22.11 22.85
CA GLN A 635 -8.55 -20.99 23.76
C GLN A 635 -9.60 -19.91 23.51
N TYR A 636 -10.00 -19.72 22.25
CA TYR A 636 -11.01 -18.72 21.89
C TYR A 636 -12.36 -19.34 21.58
N LEU A 637 -12.56 -20.60 22.00
CA LEU A 637 -13.81 -21.30 21.68
C LEU A 637 -15.02 -20.61 22.29
N ILE A 638 -14.88 -19.98 23.46
CA ILE A 638 -16.00 -19.28 24.07
C ILE A 638 -16.44 -18.12 23.21
N GLN A 639 -15.50 -17.26 22.82
CA GLN A 639 -15.85 -16.07 22.04
C GLN A 639 -16.41 -16.45 20.68
N LEU A 640 -15.91 -17.53 20.09
CA LEU A 640 -16.38 -17.90 18.76
C LEU A 640 -17.78 -18.48 18.83
N VAL A 641 -18.17 -19.03 19.97
CA VAL A 641 -19.55 -19.46 20.15
C VAL A 641 -20.44 -18.25 20.43
N GLN A 642 -19.93 -17.27 21.18
CA GLN A 642 -20.74 -16.10 21.53
C GLN A 642 -21.09 -15.29 20.29
N VAL A 643 -20.11 -15.03 19.42
CA VAL A 643 -20.35 -14.22 18.24
C VAL A 643 -21.33 -14.87 17.27
N LEU A 644 -21.66 -16.15 17.45
CA LEU A 644 -22.68 -16.77 16.61
C LEU A 644 -24.02 -16.06 16.76
N LYS A 645 -24.24 -15.38 17.88
CA LYS A 645 -25.49 -14.67 18.13
C LYS A 645 -25.67 -13.47 17.20
N TYR A 646 -24.59 -12.95 16.63
CA TYR A 646 -24.66 -11.76 15.79
C TYR A 646 -24.75 -12.08 14.30
N GLU A 647 -24.65 -13.35 13.91
CA GLU A 647 -24.87 -13.72 12.53
C GLU A 647 -26.30 -13.41 12.13
N GLN A 648 -26.48 -12.99 10.88
CA GLN A 648 -27.82 -12.71 10.39
C GLN A 648 -28.67 -13.97 10.30
N TYR A 649 -28.06 -15.10 9.92
CA TYR A 649 -28.82 -16.28 9.58
C TYR A 649 -28.24 -17.52 10.27
N LEU A 650 -29.01 -18.61 10.18
CA LEU A 650 -28.60 -19.86 10.81
C LEU A 650 -27.45 -20.50 10.05
N ASP A 651 -27.55 -20.55 8.73
CA ASP A 651 -26.51 -21.12 7.88
C ASP A 651 -25.54 -20.02 7.49
N ASN A 652 -24.30 -20.11 8.00
CA ASN A 652 -23.28 -19.10 7.69
C ASN A 652 -21.90 -19.77 7.71
N LEU A 653 -20.91 -19.02 7.23
CA LEU A 653 -19.56 -19.59 7.11
C LEU A 653 -18.94 -19.87 8.47
N LEU A 654 -19.27 -19.07 9.48
CA LEU A 654 -18.65 -19.24 10.79
C LEU A 654 -19.18 -20.49 11.48
N VAL A 655 -20.51 -20.71 11.46
CA VAL A 655 -21.06 -21.89 12.11
C VAL A 655 -20.58 -23.16 11.42
N ARG A 656 -20.40 -23.10 10.10
CA ARG A 656 -19.88 -24.27 9.39
C ARG A 656 -18.42 -24.53 9.76
N PHE A 657 -17.61 -23.48 9.83
CA PHE A 657 -16.22 -23.67 10.25
C PHE A 657 -16.14 -24.22 11.67
N LEU A 658 -17.02 -23.74 12.56
CA LEU A 658 -16.99 -24.22 13.94
C LEU A 658 -17.51 -25.64 14.03
N LEU A 659 -18.54 -25.97 13.26
CA LEU A 659 -19.06 -27.34 13.29
C LEU A 659 -18.02 -28.32 12.79
N LYS A 660 -17.41 -28.04 11.63
CA LYS A 660 -16.37 -28.91 11.09
C LYS A 660 -15.26 -29.14 12.11
N LYS A 661 -14.72 -28.05 12.66
CA LYS A 661 -13.67 -28.18 13.67
C LYS A 661 -14.13 -29.00 14.85
N ALA A 662 -15.35 -28.77 15.34
CA ALA A 662 -15.86 -29.54 16.47
C ALA A 662 -16.02 -31.02 16.10
N LEU A 663 -16.43 -31.31 14.87
CA LEU A 663 -16.66 -32.68 14.45
C LEU A 663 -15.39 -33.43 14.06
N THR A 664 -14.24 -32.76 13.99
CA THR A 664 -12.99 -33.42 13.65
C THR A 664 -11.98 -33.42 14.79
N ASN A 665 -12.22 -32.65 15.85
CA ASN A 665 -11.40 -32.67 17.05
C ASN A 665 -12.36 -32.79 18.23
N GLN A 666 -12.32 -33.93 18.91
CA GLN A 666 -13.28 -34.19 19.98
C GLN A 666 -13.04 -33.30 21.18
N ARG A 667 -11.78 -32.95 21.45
CA ARG A 667 -11.50 -32.00 22.52
C ARG A 667 -12.14 -30.64 22.24
N ILE A 668 -12.05 -30.15 21.01
CA ILE A 668 -12.81 -28.96 20.64
C ILE A 668 -14.30 -29.24 20.71
N GLY A 669 -14.73 -30.37 20.13
CA GLY A 669 -16.14 -30.70 20.11
C GLY A 669 -16.76 -30.82 21.48
N HIS A 670 -15.99 -31.28 22.46
CA HIS A 670 -16.51 -31.39 23.82
C HIS A 670 -16.93 -30.03 24.36
N PHE A 671 -15.99 -29.08 24.41
CA PHE A 671 -16.33 -27.77 24.95
C PHE A 671 -17.22 -26.97 24.01
N PHE A 672 -17.14 -27.26 22.70
CA PHE A 672 -18.13 -26.71 21.78
C PHE A 672 -19.53 -27.09 22.21
N PHE A 673 -19.71 -28.31 22.69
CA PHE A 673 -21.02 -28.77 23.16
C PHE A 673 -21.43 -28.00 24.41
N TRP A 674 -20.61 -28.05 25.46
CA TRP A 674 -21.00 -27.49 26.74
C TRP A 674 -21.22 -25.99 26.66
N HIS A 675 -20.33 -25.27 25.97
CA HIS A 675 -20.51 -23.82 25.85
C HIS A 675 -21.80 -23.51 25.10
N LEU A 676 -22.11 -24.27 24.06
CA LEU A 676 -23.43 -24.15 23.46
C LEU A 676 -24.52 -24.61 24.42
N LYS A 677 -24.27 -25.72 25.11
CA LYS A 677 -25.25 -26.27 26.03
C LYS A 677 -25.55 -25.31 27.16
N SER A 678 -24.50 -24.83 27.84
CA SER A 678 -24.66 -24.00 29.03
C SER A 678 -25.49 -22.75 28.80
N GLU A 679 -25.73 -22.37 27.55
CA GLU A 679 -26.50 -21.16 27.27
C GLU A 679 -27.81 -21.49 26.55
N MET A 680 -28.22 -22.76 26.53
CA MET A 680 -29.53 -23.11 25.98
C MET A 680 -30.66 -22.51 26.81
N HIS A 681 -30.39 -22.20 28.09
CA HIS A 681 -31.39 -21.54 28.92
C HIS A 681 -31.76 -20.17 28.35
N ASN A 682 -30.81 -19.54 27.66
CA ASN A 682 -31.00 -18.21 27.08
C ASN A 682 -31.95 -18.32 25.89
N LYS A 683 -33.18 -17.81 26.06
CA LYS A 683 -34.18 -17.93 25.02
C LYS A 683 -33.85 -17.08 23.78
N THR A 684 -32.86 -16.20 23.86
CA THR A 684 -32.52 -15.36 22.71
C THR A 684 -31.82 -16.13 21.61
N VAL A 685 -31.22 -17.28 21.94
CA VAL A 685 -30.45 -18.08 21.00
C VAL A 685 -30.78 -19.56 21.06
N SER A 686 -31.64 -19.99 21.99
CA SER A 686 -31.86 -21.40 22.24
C SER A 686 -32.23 -22.18 20.98
N GLN A 687 -32.94 -21.55 20.04
CA GLN A 687 -33.22 -22.24 18.79
C GLN A 687 -31.96 -22.41 17.95
N ARG A 688 -31.21 -21.32 17.74
CA ARG A 688 -29.96 -21.41 16.98
C ARG A 688 -29.02 -22.44 17.59
N PHE A 689 -28.77 -22.34 18.89
CA PHE A 689 -27.89 -23.30 19.53
C PHE A 689 -28.55 -24.68 19.60
N GLY A 690 -29.86 -24.74 19.77
CA GLY A 690 -30.54 -26.01 19.74
C GLY A 690 -30.38 -26.71 18.40
N LEU A 691 -30.66 -25.98 17.31
CA LEU A 691 -30.50 -26.55 15.97
C LEU A 691 -29.05 -26.95 15.71
N LEU A 692 -28.10 -26.18 16.23
CA LEU A 692 -26.70 -26.52 16.04
C LEU A 692 -26.32 -27.74 16.87
N LEU A 693 -26.72 -27.76 18.16
CA LEU A 693 -26.41 -28.90 19.01
C LEU A 693 -27.01 -30.19 18.47
N GLU A 694 -28.17 -30.11 17.81
CA GLU A 694 -28.71 -31.29 17.16
C GLU A 694 -27.71 -31.84 16.14
N SER A 695 -27.19 -30.96 15.29
CA SER A 695 -26.30 -31.42 14.21
C SER A 695 -24.98 -31.94 14.76
N TYR A 696 -24.42 -31.28 15.78
CA TYR A 696 -23.19 -31.80 16.36
C TYR A 696 -23.42 -33.16 16.98
N CYS A 697 -24.52 -33.32 17.71
CA CYS A 697 -24.78 -34.59 18.37
C CYS A 697 -25.05 -35.71 17.36
N ARG A 698 -25.70 -35.38 16.25
CA ARG A 698 -26.02 -36.39 15.26
C ARG A 698 -24.77 -36.95 14.57
N ALA A 699 -23.67 -36.19 14.54
CA ALA A 699 -22.49 -36.60 13.78
C ALA A 699 -21.22 -36.75 14.61
N CYS A 700 -21.26 -36.46 15.91
CA CYS A 700 -20.06 -36.57 16.71
C CYS A 700 -19.65 -38.02 16.99
N GLY A 701 -20.50 -38.98 16.64
CA GLY A 701 -20.16 -40.37 16.85
C GLY A 701 -20.39 -40.85 18.27
N MET A 702 -19.49 -41.71 18.75
CA MET A 702 -19.66 -42.35 20.04
C MET A 702 -19.53 -41.38 21.20
N TYR A 703 -19.06 -40.14 20.97
CA TYR A 703 -18.93 -39.23 22.10
C TYR A 703 -20.27 -38.76 22.63
N LEU A 704 -21.33 -38.83 21.83
CA LEU A 704 -22.66 -38.48 22.31
C LEU A 704 -23.04 -39.31 23.52
N LYS A 705 -22.71 -40.60 23.47
CA LYS A 705 -22.97 -41.49 24.59
C LYS A 705 -22.23 -41.01 25.84
N HIS A 706 -20.97 -40.64 25.69
CA HIS A 706 -20.21 -40.11 26.83
C HIS A 706 -20.82 -38.80 27.33
N LEU A 707 -21.38 -38.00 26.43
CA LEU A 707 -22.03 -36.77 26.86
C LEU A 707 -23.32 -37.06 27.62
N ASN A 708 -24.10 -38.03 27.12
CA ASN A 708 -25.32 -38.43 27.84
C ASN A 708 -25.00 -38.83 29.27
N ARG A 709 -23.87 -39.51 29.47
CA ARG A 709 -23.45 -39.83 30.84
C ARG A 709 -23.18 -38.56 31.62
N GLN A 710 -22.53 -37.57 30.99
CA GLN A 710 -22.20 -36.33 31.67
C GLN A 710 -23.45 -35.49 31.93
N VAL A 711 -24.28 -35.31 30.91
CA VAL A 711 -25.52 -34.53 31.06
C VAL A 711 -26.37 -35.12 32.18
N GLU A 712 -26.63 -36.43 32.13
CA GLU A 712 -27.42 -37.06 33.18
C GLU A 712 -26.72 -36.99 34.54
N ALA A 713 -25.39 -37.15 34.56
CA ALA A 713 -24.67 -37.05 35.82
C ALA A 713 -24.85 -35.66 36.43
N MET A 714 -24.89 -34.63 35.59
CA MET A 714 -25.10 -33.28 36.09
C MET A 714 -26.53 -33.09 36.58
N GLU A 715 -27.51 -33.70 35.88
CA GLU A 715 -28.91 -33.56 36.29
C GLU A 715 -29.13 -34.07 37.70
N LYS A 716 -28.52 -35.21 38.05
CA LYS A 716 -28.62 -35.69 39.43
C LYS A 716 -28.06 -34.66 40.40
N LEU A 717 -26.96 -34.01 40.01
CA LEU A 717 -26.35 -33.03 40.90
C LEU A 717 -27.21 -31.77 41.03
N ILE A 718 -27.77 -31.29 39.91
CA ILE A 718 -28.66 -30.13 39.97
C ILE A 718 -29.86 -30.42 40.86
N ASN A 719 -30.56 -31.52 40.58
CA ASN A 719 -31.74 -31.88 41.35
C ASN A 719 -31.41 -32.04 42.83
N LEU A 720 -30.32 -32.73 43.14
CA LEU A 720 -29.94 -32.92 44.53
C LEU A 720 -29.66 -31.58 45.21
N THR A 721 -28.89 -30.71 44.55
CA THR A 721 -28.63 -29.39 45.11
C THR A 721 -29.91 -28.56 45.21
N ASP A 722 -30.84 -28.69 44.27
CA ASP A 722 -32.12 -28.00 44.38
C ASP A 722 -32.78 -28.35 45.71
N ILE A 723 -32.84 -29.64 46.04
CA ILE A 723 -33.42 -30.07 47.31
C ILE A 723 -32.67 -29.44 48.47
N LEU A 724 -31.34 -29.58 48.47
CA LEU A 724 -30.53 -29.03 49.55
C LEU A 724 -30.67 -27.51 49.63
N LYS A 725 -30.88 -26.84 48.49
CA LYS A 725 -31.01 -25.38 48.49
C LYS A 725 -32.44 -24.93 48.80
N GLN A 726 -33.44 -25.77 48.51
CA GLN A 726 -34.82 -25.36 48.67
C GLN A 726 -35.51 -26.00 49.87
N GLU A 727 -35.94 -27.25 49.71
CA GLU A 727 -36.78 -27.87 50.74
C GLU A 727 -36.02 -28.08 52.04
N LYS A 728 -34.76 -28.49 51.96
CA LYS A 728 -33.94 -28.76 53.14
C LYS A 728 -33.02 -27.59 53.49
N LYS A 729 -33.40 -26.38 53.08
CA LYS A 729 -32.58 -25.20 53.32
C LYS A 729 -32.41 -24.92 54.82
N ASP A 730 -33.40 -25.29 55.63
CA ASP A 730 -33.40 -24.98 57.05
C ASP A 730 -32.84 -26.11 57.91
N GLU A 731 -32.45 -27.22 57.30
CA GLU A 731 -31.89 -28.32 58.06
C GLU A 731 -30.43 -28.07 58.36
N THR A 732 -29.94 -28.70 59.42
CA THR A 732 -28.56 -28.50 59.86
C THR A 732 -27.59 -29.12 58.85
N GLN A 733 -26.30 -28.86 59.08
CA GLN A 733 -25.27 -29.49 58.27
C GLN A 733 -25.36 -31.00 58.36
N LYS A 734 -25.60 -31.53 59.56
CA LYS A 734 -25.65 -32.96 59.77
C LYS A 734 -26.81 -33.61 59.03
N VAL A 735 -28.00 -33.00 59.13
CA VAL A 735 -29.17 -33.59 58.46
C VAL A 735 -29.00 -33.56 56.96
N GLN A 736 -28.39 -32.49 56.42
CA GLN A 736 -28.15 -32.45 54.99
C GLN A 736 -27.08 -33.45 54.58
N MET A 737 -26.02 -33.58 55.37
CA MET A 737 -24.97 -34.55 55.05
C MET A 737 -25.51 -35.96 55.07
N LYS A 738 -26.31 -36.30 56.09
CA LYS A 738 -27.01 -37.58 56.11
C LYS A 738 -27.84 -37.76 54.85
N PHE A 739 -28.64 -36.74 54.51
CA PHE A 739 -29.46 -36.80 53.30
C PHE A 739 -28.59 -36.97 52.05
N LEU A 740 -27.42 -36.34 52.04
CA LEU A 740 -26.52 -36.47 50.90
C LEU A 740 -26.03 -37.90 50.76
N VAL A 741 -25.41 -38.43 51.82
CA VAL A 741 -24.95 -39.80 51.81
C VAL A 741 -26.09 -40.76 51.52
N GLU A 742 -27.28 -40.46 52.04
CA GLU A 742 -28.45 -41.28 51.77
C GLU A 742 -28.76 -41.33 50.28
N GLN A 743 -28.66 -40.19 49.60
CA GLN A 743 -29.16 -40.08 48.22
C GLN A 743 -28.17 -40.67 47.22
N MET A 744 -26.90 -40.31 47.32
CA MET A 744 -25.94 -40.82 46.34
C MET A 744 -25.81 -42.33 46.44
N ARG A 745 -26.07 -42.90 47.61
CA ARG A 745 -26.07 -44.35 47.78
C ARG A 745 -27.21 -45.02 47.01
N ARG A 746 -28.23 -44.28 46.61
CA ARG A 746 -29.34 -44.88 45.89
C ARG A 746 -28.87 -45.39 44.54
N PRO A 747 -29.41 -46.52 44.07
CA PRO A 747 -28.89 -47.13 42.83
C PRO A 747 -28.92 -46.21 41.62
N ASP A 748 -29.97 -45.42 41.45
CA ASP A 748 -30.01 -44.50 40.31
C ASP A 748 -28.90 -43.48 40.40
N PHE A 749 -28.58 -43.02 41.61
CA PHE A 749 -27.50 -42.05 41.79
C PHE A 749 -26.14 -42.69 41.54
N MET A 750 -25.94 -43.92 42.02
CA MET A 750 -24.66 -44.60 41.84
C MET A 750 -24.33 -44.82 40.38
N ASP A 751 -25.31 -45.26 39.59
CA ASP A 751 -25.05 -45.49 38.16
C ASP A 751 -24.80 -44.18 37.42
N ALA A 752 -25.52 -43.12 37.79
CA ALA A 752 -25.40 -41.86 37.06
C ALA A 752 -24.08 -41.16 37.36
N LEU A 753 -23.66 -41.15 38.62
CA LEU A 753 -22.49 -40.37 39.05
C LEU A 753 -21.20 -41.18 39.08
N GLN A 754 -21.18 -42.35 38.46
CA GLN A 754 -19.96 -43.15 38.39
C GLN A 754 -19.74 -43.59 36.96
N GLY A 755 -18.47 -43.60 36.55
CA GLY A 755 -18.11 -44.01 35.21
C GLY A 755 -18.50 -43.02 34.13
N PHE A 756 -17.95 -41.81 34.19
CA PHE A 756 -18.14 -40.82 33.14
C PHE A 756 -16.91 -39.94 33.08
N LEU A 757 -16.85 -39.11 32.04
CA LEU A 757 -15.71 -38.23 31.80
C LEU A 757 -15.97 -36.85 32.40
N SER A 758 -15.00 -36.35 33.15
CA SER A 758 -15.08 -35.03 33.77
C SER A 758 -15.38 -33.95 32.73
N PRO A 759 -16.53 -33.26 32.83
CA PRO A 759 -16.81 -32.20 31.85
C PRO A 759 -15.76 -31.10 31.86
N LEU A 760 -15.09 -30.89 33.00
CA LEU A 760 -14.02 -29.92 33.07
C LEU A 760 -12.88 -30.29 32.12
N ASN A 761 -12.55 -31.57 32.05
CA ASN A 761 -11.48 -32.08 31.19
C ASN A 761 -11.74 -33.55 30.88
N PRO A 762 -12.30 -33.87 29.71
CA PRO A 762 -12.65 -35.27 29.41
C PRO A 762 -11.46 -36.22 29.41
N ALA A 763 -10.24 -35.71 29.41
CA ALA A 763 -9.09 -36.59 29.54
C ALA A 763 -9.01 -37.23 30.92
N HIS A 764 -9.80 -36.77 31.89
CA HIS A 764 -9.86 -37.37 33.21
C HIS A 764 -11.07 -38.28 33.28
N GLN A 765 -10.84 -39.55 33.62
CA GLN A 765 -11.92 -40.50 33.79
C GLN A 765 -12.36 -40.50 35.25
N LEU A 766 -13.68 -40.46 35.46
CA LEU A 766 -14.26 -40.47 36.80
C LEU A 766 -14.88 -41.84 37.06
N GLY A 767 -14.22 -42.64 37.88
CA GLY A 767 -14.68 -43.98 38.17
C GLY A 767 -15.69 -44.04 39.30
N ASN A 768 -15.39 -44.83 40.32
CA ASN A 768 -16.27 -44.94 41.46
C ASN A 768 -16.13 -43.71 42.35
N LEU A 769 -17.20 -43.38 43.05
CA LEU A 769 -17.17 -42.27 44.00
C LEU A 769 -16.43 -42.69 45.26
N ARG A 770 -15.49 -41.84 45.69
CA ARG A 770 -14.88 -42.00 47.01
C ARG A 770 -15.82 -41.27 47.96
N LEU A 771 -16.91 -41.97 48.30
CA LEU A 771 -18.04 -41.35 48.97
C LEU A 771 -17.66 -40.75 50.31
N GLU A 772 -16.68 -41.34 51.01
CA GLU A 772 -16.25 -40.79 52.29
C GLU A 772 -15.69 -39.38 52.13
N GLU A 773 -15.18 -39.03 50.94
CA GLU A 773 -14.61 -37.72 50.70
C GLU A 773 -15.60 -36.74 50.09
N CYS A 774 -16.78 -37.19 49.69
CA CYS A 774 -17.81 -36.29 49.18
C CYS A 774 -18.50 -35.59 50.34
N ARG A 775 -18.70 -34.28 50.21
CA ARG A 775 -19.32 -33.50 51.26
C ARG A 775 -19.98 -32.28 50.65
N ILE A 776 -20.93 -31.70 51.39
CA ILE A 776 -21.50 -30.41 51.04
C ILE A 776 -20.64 -29.35 51.70
N MET A 777 -20.28 -28.32 50.94
CA MET A 777 -19.40 -27.33 51.52
C MET A 777 -20.22 -26.30 52.28
N SER A 778 -19.55 -25.62 53.22
CA SER A 778 -20.24 -24.77 54.18
C SER A 778 -20.97 -23.61 53.52
N SER A 779 -20.59 -23.20 52.31
CA SER A 779 -21.22 -22.06 51.66
C SER A 779 -22.73 -22.26 51.55
N ALA A 780 -23.47 -21.15 51.59
CA ALA A 780 -24.93 -21.19 51.57
C ALA A 780 -25.49 -21.57 50.21
N LYS A 781 -24.67 -21.53 49.15
CA LYS A 781 -25.10 -22.01 47.85
C LYS A 781 -25.10 -23.53 47.77
N ARG A 782 -24.67 -24.19 48.84
CA ARG A 782 -24.58 -25.65 49.00
C ARG A 782 -23.72 -26.27 47.91
N PRO A 783 -22.43 -25.93 47.84
CA PRO A 783 -21.56 -26.58 46.87
C PRO A 783 -21.28 -28.02 47.29
N LEU A 784 -20.93 -28.83 46.30
CA LEU A 784 -20.72 -30.27 46.51
C LEU A 784 -19.29 -30.62 46.16
N TRP A 785 -18.49 -30.93 47.17
CA TRP A 785 -17.11 -31.38 46.98
C TRP A 785 -17.14 -32.87 46.65
N LEU A 786 -16.76 -33.23 45.43
CA LEU A 786 -16.87 -34.60 44.96
C LEU A 786 -15.50 -35.19 44.64
N ASN A 787 -15.33 -36.47 44.96
CA ASN A 787 -14.07 -37.18 44.78
C ASN A 787 -14.37 -38.50 44.08
N TRP A 788 -13.64 -38.77 43.00
CA TRP A 788 -13.76 -40.02 42.26
C TRP A 788 -12.46 -40.80 42.30
N GLU A 789 -12.58 -42.10 42.08
CA GLU A 789 -11.42 -42.92 41.77
C GLU A 789 -10.96 -42.64 40.34
N ASN A 790 -9.65 -42.73 40.12
CA ASN A 790 -9.14 -42.63 38.77
C ASN A 790 -8.95 -44.04 38.22
N PRO A 791 -9.77 -44.47 37.25
CA PRO A 791 -9.68 -45.86 36.78
C PRO A 791 -8.46 -46.15 35.91
N ASP A 792 -7.61 -45.17 35.65
CA ASP A 792 -6.40 -45.44 34.88
C ASP A 792 -5.50 -46.39 35.66
N ILE A 793 -4.87 -47.32 34.94
CA ILE A 793 -4.02 -48.30 35.62
C ILE A 793 -2.81 -47.62 36.23
N MET A 794 -2.44 -46.44 35.72
CA MET A 794 -1.34 -45.65 36.25
C MET A 794 -1.85 -44.46 37.06
N SER A 795 -3.01 -44.62 37.71
CA SER A 795 -3.58 -43.53 38.50
C SER A 795 -2.61 -43.06 39.58
N GLU A 796 -1.84 -43.98 40.14
CA GLU A 796 -0.95 -43.65 41.25
C GLU A 796 0.20 -42.75 40.84
N LEU A 797 0.47 -42.62 39.54
CA LEU A 797 1.56 -41.77 39.09
C LEU A 797 1.12 -40.35 38.77
N LEU A 798 -0.18 -40.12 38.59
CA LEU A 798 -0.70 -38.79 38.27
C LEU A 798 -1.63 -38.32 39.37
N PHE A 799 -2.83 -38.89 39.47
CA PHE A 799 -3.70 -38.66 40.62
C PHE A 799 -4.73 -39.78 40.67
N GLN A 800 -4.76 -40.51 41.79
CA GLN A 800 -5.80 -41.51 42.00
C GLN A 800 -7.12 -40.90 42.42
N ASN A 801 -7.12 -39.61 42.77
CA ASN A 801 -8.31 -38.91 43.18
C ASN A 801 -8.53 -37.73 42.25
N ASN A 802 -9.76 -37.63 41.73
CA ASN A 802 -10.22 -36.47 40.99
C ASN A 802 -11.21 -35.73 41.87
N GLU A 803 -10.93 -34.46 42.15
CA GLU A 803 -11.75 -33.66 43.05
C GLU A 803 -12.36 -32.51 42.27
N ILE A 804 -13.68 -32.39 42.33
CA ILE A 804 -14.42 -31.38 41.60
C ILE A 804 -15.45 -30.74 42.52
N ILE A 805 -15.55 -29.42 42.46
CA ILE A 805 -16.55 -28.68 43.22
C ILE A 805 -17.73 -28.39 42.30
N PHE A 806 -18.91 -28.90 42.64
CA PHE A 806 -20.12 -28.63 41.90
C PHE A 806 -20.88 -27.54 42.64
N LYS A 807 -21.25 -26.48 41.93
CA LYS A 807 -21.86 -25.31 42.55
C LYS A 807 -23.11 -24.93 41.76
N ASN A 808 -24.26 -24.94 42.42
CA ASN A 808 -25.52 -24.54 41.82
C ASN A 808 -25.99 -23.26 42.48
N GLY A 809 -26.10 -22.19 41.70
CA GLY A 809 -26.63 -20.94 42.22
C GLY A 809 -25.82 -19.70 41.90
N ASP A 810 -24.72 -19.85 41.16
CA ASP A 810 -23.87 -18.73 40.82
C ASP A 810 -23.54 -18.75 39.33
N ASP A 811 -23.60 -17.57 38.71
CA ASP A 811 -23.18 -17.40 37.32
C ASP A 811 -21.67 -17.51 37.24
N LEU A 812 -21.18 -18.56 36.58
CA LEU A 812 -19.75 -18.80 36.49
C LEU A 812 -19.13 -18.21 35.23
N ARG A 813 -19.93 -17.61 34.35
CA ARG A 813 -19.39 -17.08 33.11
C ARG A 813 -18.33 -16.01 33.35
N GLN A 814 -18.47 -15.25 34.45
CA GLN A 814 -17.41 -14.30 34.80
C GLN A 814 -16.11 -15.04 35.11
N ASP A 815 -16.18 -16.03 36.01
CA ASP A 815 -14.97 -16.76 36.38
C ASP A 815 -14.41 -17.54 35.20
N MET A 816 -15.27 -18.07 34.33
CA MET A 816 -14.79 -18.67 33.09
C MET A 816 -13.94 -17.68 32.31
N LEU A 817 -14.49 -16.48 32.06
CA LEU A 817 -13.79 -15.49 31.25
C LEU A 817 -12.52 -15.00 31.93
N THR A 818 -12.57 -14.73 33.23
CA THR A 818 -11.37 -14.29 33.93
C THR A 818 -10.26 -15.33 33.82
N LEU A 819 -10.57 -16.59 34.11
CA LEU A 819 -9.56 -17.64 34.02
C LEU A 819 -9.05 -17.79 32.59
N GLN A 820 -9.91 -17.57 31.60
CA GLN A 820 -9.46 -17.56 30.22
C GLN A 820 -8.47 -16.42 29.99
N ILE A 821 -8.80 -15.23 30.48
CA ILE A 821 -7.93 -14.07 30.31
C ILE A 821 -6.62 -14.27 31.05
N ILE A 822 -6.68 -14.81 32.27
CA ILE A 822 -5.47 -15.06 33.04
C ILE A 822 -4.53 -15.97 32.27
N ARG A 823 -5.08 -16.99 31.60
CA ARG A 823 -4.26 -17.92 30.86
C ARG A 823 -3.54 -17.22 29.70
N ILE A 824 -4.23 -16.29 29.03
CA ILE A 824 -3.63 -15.60 27.89
C ILE A 824 -2.55 -14.64 28.34
N MET A 825 -2.77 -13.92 29.44
CA MET A 825 -1.74 -13.05 29.98
C MET A 825 -0.45 -13.82 30.28
N GLU A 826 -0.59 -15.04 30.80
CA GLU A 826 0.59 -15.86 31.07
C GLU A 826 1.30 -16.24 29.78
N ASN A 827 0.54 -16.59 28.74
CA ASN A 827 1.16 -16.92 27.45
C ASN A 827 1.97 -15.74 26.91
N ILE A 828 1.45 -14.52 27.06
CA ILE A 828 2.18 -13.33 26.63
C ILE A 828 3.45 -13.15 27.45
N TRP A 829 3.31 -13.24 28.77
CA TRP A 829 4.45 -13.02 29.66
C TRP A 829 5.56 -14.03 29.40
N GLN A 830 5.19 -15.27 29.06
CA GLN A 830 6.20 -16.29 28.77
C GLN A 830 6.93 -16.00 27.47
N ASN A 831 6.20 -15.56 26.44
CA ASN A 831 6.84 -15.23 25.16
C ASN A 831 7.80 -14.05 25.31
N GLN A 832 7.51 -13.13 26.23
CA GLN A 832 8.41 -12.03 26.51
C GLN A 832 9.39 -12.36 27.64
N GLY A 833 9.47 -13.62 28.06
CA GLY A 833 10.50 -14.03 28.99
C GLY A 833 10.18 -13.79 30.44
N LEU A 834 8.91 -13.55 30.78
CA LEU A 834 8.52 -13.26 32.16
C LEU A 834 7.89 -14.51 32.77
N ASP A 835 8.64 -15.20 33.63
CA ASP A 835 8.17 -16.42 34.29
C ASP A 835 7.25 -16.05 35.45
N LEU A 836 6.02 -15.66 35.12
CA LEU A 836 5.00 -15.36 36.12
C LEU A 836 4.03 -16.54 36.16
N ARG A 837 4.18 -17.39 37.17
CA ARG A 837 3.39 -18.62 37.26
C ARG A 837 1.97 -18.27 37.71
N MET A 838 1.03 -18.31 36.76
CA MET A 838 -0.38 -18.20 37.09
C MET A 838 -0.95 -19.60 37.30
N LEU A 839 -2.24 -19.68 37.61
CA LEU A 839 -2.91 -20.96 37.77
C LEU A 839 -4.37 -20.83 37.35
N PRO A 840 -4.62 -20.79 36.03
CA PRO A 840 -6.03 -20.75 35.54
C PRO A 840 -6.70 -22.12 35.64
N TYR A 841 -7.14 -22.45 36.86
CA TYR A 841 -7.77 -23.73 37.13
C TYR A 841 -9.06 -23.88 36.32
N GLY A 842 -9.53 -25.11 36.24
CA GLY A 842 -10.71 -25.41 35.43
C GLY A 842 -11.96 -24.78 36.02
N CYS A 843 -12.76 -24.15 35.17
CA CYS A 843 -14.07 -23.67 35.54
C CYS A 843 -14.95 -23.70 34.30
N LEU A 844 -16.12 -24.33 34.41
CA LEU A 844 -16.99 -24.50 33.26
C LEU A 844 -18.43 -24.31 33.71
N SER A 845 -19.08 -23.25 33.25
CA SER A 845 -20.51 -23.09 33.44
C SER A 845 -21.24 -24.07 32.53
N ILE A 846 -22.13 -24.88 33.10
CA ILE A 846 -22.85 -25.91 32.36
C ILE A 846 -24.32 -25.55 32.15
N GLY A 847 -24.79 -24.45 32.71
CA GLY A 847 -26.17 -24.06 32.53
C GLY A 847 -26.46 -22.79 33.27
N ASP A 848 -27.75 -22.53 33.49
CA ASP A 848 -28.15 -21.30 34.16
C ASP A 848 -27.63 -21.28 35.59
N CYS A 849 -26.51 -20.58 35.79
CA CYS A 849 -25.92 -20.40 37.12
C CYS A 849 -25.60 -21.74 37.79
N VAL A 850 -24.95 -22.61 37.04
CA VAL A 850 -24.52 -23.92 37.54
C VAL A 850 -23.28 -24.34 36.79
N GLY A 851 -22.29 -24.85 37.50
CA GLY A 851 -21.08 -25.26 36.85
C GLY A 851 -20.12 -25.98 37.79
N LEU A 852 -18.95 -26.30 37.23
CA LEU A 852 -17.93 -27.11 37.89
C LEU A 852 -16.64 -26.31 38.05
N ILE A 853 -15.89 -26.65 39.10
CA ILE A 853 -14.59 -26.03 39.39
C ILE A 853 -13.58 -27.13 39.65
N GLU A 854 -12.45 -27.07 38.95
CA GLU A 854 -11.38 -28.02 39.18
C GLU A 854 -10.69 -27.72 40.50
N VAL A 855 -10.54 -28.74 41.34
CA VAL A 855 -9.90 -28.59 42.64
C VAL A 855 -8.39 -28.58 42.47
N VAL A 856 -7.73 -27.61 43.12
CA VAL A 856 -6.27 -27.57 43.16
C VAL A 856 -5.82 -28.25 44.45
N ARG A 857 -5.24 -29.44 44.33
CA ARG A 857 -4.77 -30.17 45.50
C ARG A 857 -3.63 -29.42 46.18
N ASN A 858 -3.48 -29.68 47.47
CA ASN A 858 -2.39 -29.12 48.28
C ASN A 858 -2.36 -27.59 48.18
N SER A 859 -3.54 -26.98 48.17
CA SER A 859 -3.69 -25.53 48.15
C SER A 859 -4.54 -25.09 49.33
N HIS A 860 -4.24 -23.90 49.86
CA HIS A 860 -4.99 -23.38 50.99
C HIS A 860 -5.14 -21.87 50.86
N THR A 861 -6.32 -21.38 51.19
CA THR A 861 -6.52 -19.94 51.28
C THR A 861 -5.57 -19.34 52.30
N ILE A 862 -5.19 -18.08 52.07
CA ILE A 862 -4.31 -17.39 53.00
C ILE A 862 -4.85 -17.49 54.42
N MET A 863 -6.17 -17.40 54.57
CA MET A 863 -6.79 -17.48 55.88
C MET A 863 -6.59 -18.86 56.52
N GLN A 864 -6.85 -19.93 55.76
CA GLN A 864 -6.64 -21.27 56.29
C GLN A 864 -5.21 -21.45 56.77
N ILE A 865 -4.26 -20.82 56.09
CA ILE A 865 -2.88 -20.84 56.55
C ILE A 865 -2.71 -20.02 57.82
N GLN A 866 -3.44 -18.89 57.91
CA GLN A 866 -3.30 -18.01 59.06
C GLN A 866 -3.83 -18.63 60.35
N CYS A 867 -4.79 -19.54 60.27
CA CYS A 867 -5.45 -20.09 61.44
C CYS A 867 -4.55 -21.03 62.24
N LYS A 868 -3.38 -20.54 62.68
CA LYS A 868 -2.42 -21.39 63.37
C LYS A 868 -2.19 -21.07 64.85
N GLY A 869 -2.27 -19.81 65.26
CA GLY A 869 -1.90 -19.51 66.63
C GLY A 869 -2.81 -18.65 67.47
N GLY A 870 -4.03 -18.42 67.03
CA GLY A 870 -4.98 -17.61 67.78
C GLY A 870 -5.42 -16.38 67.00
N LEU A 871 -6.36 -15.66 67.61
CA LEU A 871 -7.05 -14.57 66.95
C LEU A 871 -6.44 -13.22 67.31
N LYS A 872 -6.49 -12.29 66.34
CA LYS A 872 -6.11 -10.90 66.53
C LYS A 872 -7.27 -10.03 66.05
N GLY A 873 -7.95 -9.35 66.99
CA GLY A 873 -8.95 -8.38 66.61
C GLY A 873 -10.24 -8.96 66.02
N ALA A 874 -11.05 -8.08 65.45
CA ALA A 874 -12.36 -8.45 64.90
C ALA A 874 -12.18 -9.31 63.64
N LEU A 875 -11.96 -10.62 63.87
CA LEU A 875 -11.86 -11.64 62.82
C LEU A 875 -10.61 -11.49 61.95
N GLN A 876 -9.59 -10.79 62.44
CA GLN A 876 -8.36 -10.51 61.72
C GLN A 876 -7.24 -11.43 62.18
N PHE A 877 -6.09 -11.37 61.50
CA PHE A 877 -5.00 -12.31 61.73
C PHE A 877 -3.65 -11.61 61.67
N ASN A 878 -2.60 -12.38 61.99
CA ASN A 878 -1.22 -11.89 62.08
C ASN A 878 -0.55 -11.83 60.71
N SER A 879 0.25 -10.78 60.51
CA SER A 879 0.87 -10.58 59.20
C SER A 879 2.04 -11.53 58.95
N HIS A 880 2.82 -11.87 59.98
CA HIS A 880 4.00 -12.70 59.78
C HIS A 880 3.71 -14.19 59.66
N THR A 881 2.48 -14.64 59.96
CA THR A 881 2.23 -16.08 60.01
C THR A 881 2.37 -16.75 58.64
N LEU A 882 2.04 -16.03 57.56
CA LEU A 882 2.10 -16.64 56.23
C LEU A 882 3.51 -17.07 55.88
N HIS A 883 4.48 -16.16 56.00
CA HIS A 883 5.86 -16.51 55.74
C HIS A 883 6.35 -17.59 56.71
N GLN A 884 5.97 -17.47 57.98
CA GLN A 884 6.38 -18.46 58.97
C GLN A 884 5.91 -19.86 58.57
N TRP A 885 4.70 -19.96 58.02
CA TRP A 885 4.21 -21.25 57.54
C TRP A 885 4.99 -21.71 56.31
N LEU A 886 5.18 -20.81 55.34
CA LEU A 886 5.90 -21.17 54.13
C LEU A 886 7.34 -21.56 54.43
N LYS A 887 7.94 -20.93 55.44
CA LYS A 887 9.30 -21.30 55.86
C LYS A 887 9.36 -22.77 56.27
N ASP A 888 8.31 -23.27 56.92
CA ASP A 888 8.29 -24.65 57.36
C ASP A 888 8.04 -25.61 56.21
N LYS A 889 7.19 -25.24 55.25
CA LYS A 889 6.89 -26.13 54.14
C LYS A 889 8.11 -26.34 53.25
N ASN A 890 8.81 -25.26 52.91
CA ASN A 890 9.98 -25.34 52.03
C ASN A 890 11.19 -24.86 52.82
N LYS A 891 11.72 -25.75 53.65
CA LYS A 891 12.93 -25.48 54.43
C LYS A 891 14.16 -25.97 53.67
N GLY A 892 15.28 -25.29 53.89
CA GLY A 892 16.53 -25.68 53.26
C GLY A 892 16.73 -25.05 51.89
N GLU A 893 17.25 -25.85 50.94
CA GLU A 893 17.57 -25.30 49.62
C GLU A 893 16.33 -24.91 48.84
N ILE A 894 15.20 -25.58 49.08
CA ILE A 894 13.96 -25.25 48.38
C ILE A 894 13.38 -23.91 48.81
N TYR A 895 13.89 -23.34 49.90
CA TYR A 895 13.34 -22.08 50.39
C TYR A 895 13.45 -20.98 49.34
N ASP A 896 14.64 -20.81 48.76
CA ASP A 896 14.82 -19.76 47.77
C ASP A 896 13.95 -20.00 46.54
N ALA A 897 13.78 -21.25 46.14
CA ALA A 897 12.93 -21.56 45.00
C ALA A 897 11.45 -21.32 45.32
N ALA A 898 11.04 -21.51 46.57
CA ALA A 898 9.64 -21.33 46.94
C ALA A 898 9.30 -19.85 47.03
N ILE A 899 10.11 -19.07 47.74
CA ILE A 899 9.90 -17.63 47.81
C ILE A 899 9.91 -17.02 46.41
N ASP A 900 10.80 -17.53 45.55
CA ASP A 900 10.85 -17.05 44.17
C ASP A 900 9.57 -17.42 43.42
N LEU A 901 9.12 -18.67 43.55
CA LEU A 901 7.86 -19.05 42.92
C LEU A 901 6.69 -18.22 43.45
N PHE A 902 6.68 -17.96 44.76
CA PHE A 902 5.64 -17.11 45.33
C PHE A 902 5.70 -15.71 44.73
N THR A 903 6.86 -15.06 44.80
CA THR A 903 6.94 -13.69 44.33
C THR A 903 6.67 -13.57 42.84
N ARG A 904 7.07 -14.57 42.04
CA ARG A 904 6.69 -14.55 40.63
C ARG A 904 5.19 -14.73 40.46
N SER A 905 4.60 -15.68 41.19
CA SER A 905 3.17 -15.93 41.05
C SER A 905 2.35 -14.77 41.58
N CYS A 906 2.80 -14.15 42.68
CA CYS A 906 2.10 -13.00 43.23
C CYS A 906 2.07 -11.84 42.25
N ALA A 907 3.18 -11.60 41.55
CA ALA A 907 3.26 -10.48 40.62
C ALA A 907 2.24 -10.60 39.50
N GLY A 908 2.11 -11.79 38.92
CA GLY A 908 1.19 -11.96 37.80
C GLY A 908 -0.25 -11.65 38.18
N TYR A 909 -0.69 -12.16 39.34
CA TYR A 909 -2.06 -11.90 39.77
C TYR A 909 -2.27 -10.45 40.17
N CYS A 910 -1.25 -9.79 40.73
CA CYS A 910 -1.37 -8.38 41.05
C CYS A 910 -1.66 -7.57 39.80
N VAL A 911 -0.90 -7.79 38.73
CA VAL A 911 -1.13 -7.07 37.48
C VAL A 911 -2.45 -7.49 36.86
N ALA A 912 -2.73 -8.80 36.84
CA ALA A 912 -3.95 -9.29 36.20
C ALA A 912 -5.20 -8.77 36.90
N THR A 913 -5.20 -8.76 38.24
CA THR A 913 -6.38 -8.28 38.95
C THR A 913 -6.56 -6.77 38.80
N PHE A 914 -5.46 -6.03 38.65
CA PHE A 914 -5.57 -4.59 38.45
C PHE A 914 -6.16 -4.26 37.09
N ILE A 915 -5.58 -4.82 36.02
CA ILE A 915 -6.04 -4.54 34.68
C ILE A 915 -7.52 -4.91 34.53
N LEU A 916 -7.92 -6.06 35.06
CA LEU A 916 -9.30 -6.52 34.94
C LEU A 916 -10.23 -5.90 35.96
N GLY A 917 -9.71 -5.15 36.93
CA GLY A 917 -10.56 -4.52 37.92
C GLY A 917 -11.24 -5.46 38.88
N ILE A 918 -10.63 -6.61 39.14
CA ILE A 918 -11.14 -7.57 40.11
C ILE A 918 -10.72 -7.08 41.50
N GLY A 919 -11.66 -6.46 42.21
CA GLY A 919 -11.39 -5.96 43.54
C GLY A 919 -11.70 -6.97 44.63
N ASP A 920 -11.55 -6.52 45.88
CA ASP A 920 -11.93 -7.29 47.05
C ASP A 920 -11.04 -8.53 47.23
N ARG A 921 -9.76 -8.40 46.90
CA ARG A 921 -8.84 -9.52 47.05
C ARG A 921 -8.34 -9.55 48.50
N HIS A 922 -8.67 -10.61 49.23
CA HIS A 922 -8.22 -10.76 50.60
C HIS A 922 -7.96 -12.24 50.88
N ASN A 923 -7.65 -12.54 52.16
CA ASN A 923 -7.19 -13.86 52.55
C ASN A 923 -8.18 -14.97 52.24
N SER A 924 -9.43 -14.64 51.92
CA SER A 924 -10.43 -15.66 51.62
C SER A 924 -10.43 -16.09 50.16
N ASN A 925 -9.91 -15.27 49.24
CA ASN A 925 -9.92 -15.61 47.83
C ASN A 925 -8.53 -15.57 47.21
N ILE A 926 -7.49 -15.66 48.03
CA ILE A 926 -6.12 -15.86 47.57
C ILE A 926 -5.60 -17.15 48.20
N MET A 927 -5.11 -18.06 47.36
CA MET A 927 -4.62 -19.35 47.84
C MET A 927 -3.16 -19.53 47.52
N VAL A 928 -2.50 -20.36 48.32
CA VAL A 928 -1.08 -20.67 48.17
C VAL A 928 -0.90 -22.17 48.31
N LYS A 929 -0.19 -22.77 47.36
CA LYS A 929 0.15 -24.18 47.43
C LYS A 929 1.27 -24.42 48.43
N ASP A 930 1.41 -25.68 48.85
CA ASP A 930 2.53 -26.02 49.71
C ASP A 930 3.86 -25.75 49.02
N ASP A 931 3.89 -25.90 47.70
CA ASP A 931 5.07 -25.64 46.89
C ASP A 931 5.37 -24.15 46.77
N GLY A 932 4.44 -23.29 47.17
CA GLY A 932 4.67 -21.85 47.21
C GLY A 932 3.96 -21.03 46.15
N GLN A 933 3.29 -21.66 45.18
CA GLN A 933 2.61 -20.89 44.15
C GLN A 933 1.34 -20.24 44.70
N LEU A 934 1.24 -18.92 44.50
CA LEU A 934 0.06 -18.16 44.88
C LEU A 934 -0.89 -18.07 43.68
N PHE A 935 -2.20 -18.10 43.97
CA PHE A 935 -3.18 -17.88 42.92
C PHE A 935 -4.48 -17.35 43.53
N HIS A 936 -5.23 -16.61 42.72
CA HIS A 936 -6.49 -16.00 43.13
C HIS A 936 -7.66 -16.86 42.67
N ILE A 937 -8.76 -16.78 43.42
CA ILE A 937 -9.97 -17.53 43.12
C ILE A 937 -11.18 -16.63 43.28
N ASP A 938 -12.32 -17.11 42.76
CA ASP A 938 -13.61 -16.45 42.89
C ASP A 938 -13.58 -15.06 42.28
N PHE A 939 -13.72 -14.98 40.95
CA PHE A 939 -13.71 -13.73 40.20
C PHE A 939 -15.11 -13.30 39.78
N GLY A 940 -16.09 -13.42 40.67
CA GLY A 940 -17.49 -13.26 40.27
C GLY A 940 -17.83 -11.95 39.59
N HIS A 941 -17.10 -10.87 39.90
CA HIS A 941 -17.39 -9.56 39.34
C HIS A 941 -16.09 -8.84 38.99
N PHE A 942 -16.02 -8.28 37.79
CA PHE A 942 -14.84 -7.53 37.40
C PHE A 942 -15.25 -6.24 36.69
N LEU A 943 -14.24 -5.53 36.18
CA LEU A 943 -14.38 -4.33 35.37
C LEU A 943 -15.13 -3.21 36.10
N ASP A 944 -14.96 -3.12 37.42
CA ASP A 944 -15.42 -1.96 38.20
C ASP A 944 -16.92 -1.72 38.06
N HIS A 945 -17.71 -2.79 37.92
CA HIS A 945 -19.14 -2.61 37.74
C HIS A 945 -19.88 -2.43 39.07
N LYS A 946 -19.25 -2.79 40.19
CA LYS A 946 -19.87 -2.54 41.49
C LYS A 946 -19.85 -1.06 41.83
N LYS A 947 -18.88 -0.31 41.32
CA LYS A 947 -18.73 1.12 41.57
C LYS A 947 -19.37 1.99 40.49
N LYS A 948 -19.94 1.39 39.44
CA LYS A 948 -20.54 2.18 38.36
C LYS A 948 -21.78 2.93 38.82
N LYS A 949 -22.51 2.40 39.80
CA LYS A 949 -23.73 3.06 40.29
C LYS A 949 -23.45 4.33 41.08
N PHE A 950 -22.20 4.57 41.49
CA PHE A 950 -21.83 5.67 42.35
C PHE A 950 -21.30 6.89 41.60
N GLY A 951 -20.84 6.71 40.37
CA GLY A 951 -20.22 7.77 39.59
C GLY A 951 -18.85 8.20 40.06
N TYR A 952 -18.28 7.52 41.05
CA TYR A 952 -16.97 7.83 41.59
C TYR A 952 -15.98 6.81 41.03
N LYS A 953 -15.20 7.22 40.02
CA LYS A 953 -14.23 6.32 39.40
C LYS A 953 -12.86 6.57 40.02
N ARG A 954 -12.64 5.94 41.17
CA ARG A 954 -11.40 6.08 41.93
C ARG A 954 -11.25 4.84 42.80
N GLU A 955 -10.37 3.93 42.39
CA GLU A 955 -10.12 2.69 43.12
C GLU A 955 -8.96 2.91 44.08
N ARG A 956 -9.26 2.93 45.38
CA ARG A 956 -8.25 3.14 46.41
C ARG A 956 -8.37 2.15 47.56
N VAL A 957 -8.84 0.95 47.31
CA VAL A 957 -8.91 0.03 48.44
C VAL A 957 -7.50 -0.46 48.73
N PRO A 958 -7.01 -0.35 49.96
CA PRO A 958 -5.65 -0.81 50.24
C PRO A 958 -5.60 -2.32 50.10
N PHE A 959 -4.56 -2.81 49.41
CA PHE A 959 -4.44 -4.26 49.34
C PHE A 959 -4.22 -4.76 50.75
N VAL A 960 -5.26 -5.38 51.32
CA VAL A 960 -5.27 -5.78 52.72
C VAL A 960 -4.02 -6.58 53.07
N LEU A 961 -3.55 -7.41 52.13
CA LEU A 961 -2.44 -8.32 52.38
C LEU A 961 -1.11 -7.78 51.85
N THR A 962 -0.96 -6.46 51.80
CA THR A 962 0.31 -5.88 51.36
C THR A 962 1.46 -6.32 52.26
N GLN A 963 1.30 -6.13 53.57
CA GLN A 963 2.36 -6.47 54.51
C GLN A 963 2.66 -7.96 54.50
N ASP A 964 1.62 -8.79 54.63
CA ASP A 964 1.79 -10.24 54.65
C ASP A 964 2.63 -10.73 53.48
N PHE A 965 2.34 -10.23 52.28
CA PHE A 965 3.07 -10.66 51.09
C PHE A 965 4.45 -10.02 51.02
N LEU A 966 4.60 -8.80 51.54
CA LEU A 966 5.91 -8.17 51.58
C LEU A 966 6.88 -8.98 52.41
N ILE A 967 6.41 -9.48 53.56
CA ILE A 967 7.25 -10.30 54.44
C ILE A 967 7.82 -11.48 53.68
N VAL A 968 7.02 -12.11 52.83
CA VAL A 968 7.50 -13.25 52.05
C VAL A 968 8.49 -12.81 50.99
N ILE A 969 8.16 -11.75 50.24
CA ILE A 969 9.08 -11.26 49.22
C ILE A 969 10.40 -10.83 49.85
N SER A 970 10.33 -10.19 51.02
CA SER A 970 11.52 -9.73 51.72
C SER A 970 12.20 -10.82 52.51
N LYS A 971 11.84 -12.09 52.28
CA LYS A 971 12.43 -13.25 52.96
C LYS A 971 12.38 -13.12 54.48
N GLY A 972 11.46 -12.32 55.01
CA GLY A 972 11.30 -12.15 56.44
C GLY A 972 11.94 -10.91 57.02
N ALA A 973 12.33 -9.94 56.19
CA ALA A 973 12.96 -8.73 56.71
C ALA A 973 11.97 -7.94 57.57
N GLN A 974 12.51 -7.25 58.57
CA GLN A 974 11.67 -6.37 59.37
C GLN A 974 11.28 -5.12 58.59
N GLU A 975 12.20 -4.61 57.78
CA GLU A 975 11.94 -3.46 56.90
C GLU A 975 11.70 -4.01 55.48
N CYS A 976 10.51 -4.61 55.32
CA CYS A 976 10.20 -5.33 54.09
C CYS A 976 10.33 -4.47 52.84
N THR A 977 9.88 -3.22 52.88
CA THR A 977 9.88 -2.38 51.69
C THR A 977 11.27 -1.90 51.28
N LYS A 978 12.30 -2.16 52.08
CA LYS A 978 13.65 -1.69 51.80
C LYS A 978 14.51 -2.70 51.03
N THR A 979 13.97 -3.85 50.66
CA THR A 979 14.81 -4.89 50.12
C THR A 979 15.03 -4.73 48.62
N ARG A 980 16.12 -5.35 48.14
CA ARG A 980 16.36 -5.41 46.70
C ARG A 980 15.42 -6.39 46.03
N GLU A 981 14.99 -7.43 46.76
CA GLU A 981 14.04 -8.39 46.21
C GLU A 981 12.71 -7.70 45.89
N PHE A 982 12.29 -6.77 46.75
CA PHE A 982 11.07 -6.01 46.48
C PHE A 982 11.23 -5.17 45.23
N GLU A 983 12.43 -4.62 44.99
CA GLU A 983 12.67 -3.87 43.77
C GLU A 983 12.54 -4.77 42.55
N ARG A 984 13.08 -5.98 42.63
CA ARG A 984 12.90 -6.94 41.53
C ARG A 984 11.43 -7.25 41.34
N PHE A 985 10.68 -7.36 42.44
CA PHE A 985 9.25 -7.62 42.35
C PHE A 985 8.52 -6.50 41.62
N GLN A 986 8.91 -5.25 41.88
CA GLN A 986 8.23 -4.13 41.25
C GLN A 986 8.54 -4.09 39.76
N GLU A 987 9.76 -4.46 39.38
CA GLU A 987 10.12 -4.48 37.97
C GLU A 987 9.30 -5.52 37.19
N MET A 988 9.06 -6.68 37.80
CA MET A 988 8.22 -7.68 37.14
C MET A 988 6.83 -7.12 36.86
N CYS A 989 6.23 -6.47 37.85
CA CYS A 989 4.88 -5.94 37.68
C CYS A 989 4.84 -4.82 36.65
N TYR A 990 5.87 -3.96 36.64
CA TYR A 990 5.94 -2.93 35.62
C TYR A 990 6.12 -3.57 34.25
N LYS A 991 7.01 -4.55 34.16
CA LYS A 991 7.28 -5.23 32.89
C LYS A 991 6.07 -6.02 32.42
N ALA A 992 5.40 -6.73 33.33
CA ALA A 992 4.18 -7.47 32.98
C ALA A 992 3.06 -6.53 32.57
N TYR A 993 2.92 -5.40 33.27
CA TYR A 993 1.82 -4.47 32.99
C TYR A 993 1.93 -3.90 31.57
N LEU A 994 3.13 -3.49 31.18
CA LEU A 994 3.29 -2.93 29.84
C LEU A 994 3.10 -4.00 28.77
N ALA A 995 3.52 -5.23 29.07
CA ALA A 995 3.34 -6.33 28.12
C ALA A 995 1.87 -6.50 27.76
N ILE A 996 1.01 -6.49 28.78
CA ILE A 996 -0.43 -6.59 28.52
C ILE A 996 -0.93 -5.34 27.82
N ARG A 997 -0.43 -4.17 28.21
CA ARG A 997 -0.80 -2.93 27.54
C ARG A 997 -0.44 -2.98 26.07
N GLN A 998 0.63 -3.69 25.71
CA GLN A 998 1.02 -3.86 24.33
C GLN A 998 0.04 -4.73 23.55
N HIS A 999 -0.76 -5.55 24.24
CA HIS A 999 -1.75 -6.42 23.61
C HIS A 999 -3.18 -6.01 23.95
N ALA A 1000 -3.40 -4.76 24.32
CA ALA A 1000 -4.72 -4.30 24.74
C ALA A 1000 -5.80 -4.57 23.69
N ASN A 1001 -5.46 -4.57 22.41
CA ASN A 1001 -6.46 -4.82 21.38
C ASN A 1001 -7.05 -6.22 21.48
N LEU A 1002 -6.22 -7.22 21.78
CA LEU A 1002 -6.74 -8.58 21.90
C LEU A 1002 -7.77 -8.68 23.02
N PHE A 1003 -7.43 -8.16 24.20
CA PHE A 1003 -8.33 -8.30 25.34
C PHE A 1003 -9.62 -7.51 25.10
N ILE A 1004 -9.51 -6.29 24.57
CA ILE A 1004 -10.70 -5.50 24.26
C ILE A 1004 -11.60 -6.26 23.29
N ASN A 1005 -11.01 -6.95 22.32
CA ASN A 1005 -11.80 -7.75 21.40
C ASN A 1005 -12.47 -8.93 22.09
N LEU A 1006 -11.72 -9.64 22.95
CA LEU A 1006 -12.31 -10.77 23.66
C LEU A 1006 -13.54 -10.36 24.46
N PHE A 1007 -13.43 -9.26 25.21
CA PHE A 1007 -14.60 -8.75 25.91
C PHE A 1007 -15.68 -8.32 24.92
N SER A 1008 -15.28 -7.66 23.83
CA SER A 1008 -16.25 -7.22 22.84
C SER A 1008 -17.00 -8.40 22.22
N MET A 1009 -16.35 -9.54 22.06
CA MET A 1009 -17.01 -10.72 21.50
C MET A 1009 -18.00 -11.33 22.48
N MET A 1010 -17.96 -10.95 23.75
CA MET A 1010 -18.81 -11.51 24.79
C MET A 1010 -20.07 -10.69 25.04
N LEU A 1011 -20.35 -9.69 24.21
CA LEU A 1011 -21.42 -8.75 24.53
C LEU A 1011 -22.78 -9.43 24.55
N GLY A 1012 -23.02 -10.35 23.61
CA GLY A 1012 -24.33 -10.98 23.56
C GLY A 1012 -24.61 -12.01 24.63
N SER A 1013 -23.63 -12.30 25.50
CA SER A 1013 -23.80 -13.36 26.49
C SER A 1013 -24.84 -13.03 27.55
N GLY A 1014 -25.18 -11.76 27.73
CA GLY A 1014 -26.05 -11.38 28.82
C GLY A 1014 -25.37 -11.34 30.17
N MET A 1015 -24.04 -11.34 30.21
CA MET A 1015 -23.33 -11.17 31.47
C MET A 1015 -23.59 -9.79 32.03
N PRO A 1016 -23.88 -9.65 33.32
CA PRO A 1016 -24.28 -8.34 33.86
C PRO A 1016 -23.21 -7.26 33.75
N GLU A 1017 -21.93 -7.61 33.88
CA GLU A 1017 -20.86 -6.62 33.81
C GLU A 1017 -20.37 -6.40 32.39
N LEU A 1018 -21.10 -6.87 31.38
CA LEU A 1018 -20.61 -6.89 30.02
C LEU A 1018 -21.83 -6.81 29.09
N GLN A 1019 -22.47 -5.64 29.07
CA GLN A 1019 -23.62 -5.41 28.21
C GLN A 1019 -23.38 -4.35 27.15
N SER A 1020 -22.40 -3.48 27.35
CA SER A 1020 -22.07 -2.45 26.38
C SER A 1020 -20.56 -2.29 26.32
N PHE A 1021 -20.09 -1.68 25.24
CA PHE A 1021 -18.66 -1.39 25.14
C PHE A 1021 -18.21 -0.48 26.28
N ASP A 1022 -19.12 0.33 26.81
CA ASP A 1022 -18.81 1.17 27.96
C ASP A 1022 -18.40 0.34 29.17
N ASP A 1023 -18.98 -0.84 29.35
CA ASP A 1023 -18.49 -1.74 30.39
C ASP A 1023 -17.05 -2.14 30.11
N ILE A 1024 -16.73 -2.39 28.84
CA ILE A 1024 -15.38 -2.78 28.46
C ILE A 1024 -14.40 -1.61 28.57
N ALA A 1025 -14.91 -0.38 28.54
CA ALA A 1025 -14.05 0.79 28.54
C ALA A 1025 -13.19 0.88 29.81
N TYR A 1026 -13.59 0.24 30.90
CA TYR A 1026 -12.78 0.28 32.11
C TYR A 1026 -11.38 -0.27 31.87
N ILE A 1027 -11.22 -1.21 30.94
CA ILE A 1027 -9.89 -1.72 30.62
C ILE A 1027 -9.06 -0.63 29.95
N ARG A 1028 -9.70 0.25 29.19
CA ARG A 1028 -9.00 1.37 28.57
C ARG A 1028 -8.37 2.28 29.63
N LYS A 1029 -9.07 2.48 30.75
CA LYS A 1029 -8.53 3.32 31.81
C LYS A 1029 -7.39 2.63 32.54
N THR A 1030 -7.58 1.37 32.93
CA THR A 1030 -6.56 0.67 33.70
C THR A 1030 -5.28 0.46 32.90
N LEU A 1031 -5.39 0.27 31.58
CA LEU A 1031 -4.23 0.12 30.74
C LEU A 1031 -3.68 1.44 30.23
N ALA A 1032 -4.37 2.56 30.49
CA ALA A 1032 -3.91 3.89 30.13
C ALA A 1032 -3.53 3.96 28.66
N LEU A 1033 -4.53 3.69 27.81
CA LEU A 1033 -4.31 3.71 26.37
C LEU A 1033 -4.32 5.12 25.81
N ASP A 1034 -5.00 6.06 26.47
CA ASP A 1034 -4.97 7.46 26.08
C ASP A 1034 -3.66 8.13 26.44
N LYS A 1035 -2.77 7.45 27.15
CA LYS A 1035 -1.50 8.00 27.61
C LYS A 1035 -0.35 7.43 26.79
N THR A 1036 0.86 7.78 27.18
CA THR A 1036 2.07 7.19 26.63
C THR A 1036 2.56 6.09 27.57
N GLU A 1037 3.53 5.31 27.07
CA GLU A 1037 4.09 4.24 27.89
C GLU A 1037 4.69 4.77 29.18
N GLN A 1038 5.26 5.97 29.15
CA GLN A 1038 5.83 6.54 30.36
C GLN A 1038 4.75 7.06 31.29
N GLU A 1039 3.77 7.78 30.75
CA GLU A 1039 2.65 8.24 31.57
C GLU A 1039 1.83 7.07 32.10
N ALA A 1040 1.81 5.95 31.37
CA ALA A 1040 1.05 4.79 31.83
C ALA A 1040 1.73 4.09 32.98
N LEU A 1041 3.05 3.83 32.86
CA LEU A 1041 3.77 3.16 33.94
C LEU A 1041 3.76 4.01 35.21
N GLU A 1042 3.91 5.33 35.06
CA GLU A 1042 3.74 6.22 36.21
C GLU A 1042 2.33 6.13 36.76
N TYR A 1043 1.33 6.05 35.87
CA TYR A 1043 -0.04 5.84 36.31
C TYR A 1043 -0.18 4.54 37.10
N PHE A 1044 0.45 3.47 36.61
CA PHE A 1044 0.43 2.21 37.35
C PHE A 1044 1.08 2.35 38.71
N MET A 1045 2.29 2.92 38.76
CA MET A 1045 3.00 3.09 40.03
C MET A 1045 2.15 3.87 41.02
N LYS A 1046 1.40 4.85 40.53
CA LYS A 1046 0.53 5.63 41.39
C LYS A 1046 -0.58 4.76 41.98
N GLN A 1047 -1.29 4.03 41.12
CA GLN A 1047 -2.40 3.21 41.60
C GLN A 1047 -1.93 2.17 42.61
N MET A 1048 -0.73 1.62 42.41
CA MET A 1048 -0.17 0.69 43.38
C MET A 1048 0.07 1.37 44.71
N ASN A 1049 0.62 2.60 44.68
CA ASN A 1049 0.83 3.33 45.91
C ASN A 1049 -0.49 3.73 46.56
N ASP A 1050 -1.50 4.08 45.76
CA ASP A 1050 -2.81 4.38 46.34
C ASP A 1050 -3.41 3.13 46.96
N ALA A 1051 -3.01 1.96 46.47
CA ALA A 1051 -3.44 0.67 46.99
C ALA A 1051 -2.32 -0.04 47.73
N ARG A 1052 -1.35 0.73 48.25
CA ARG A 1052 -0.19 0.13 48.89
C ARG A 1052 -0.54 -0.44 50.26
N HIS A 1053 0.14 0.02 51.32
CA HIS A 1053 -0.02 -0.56 52.64
C HIS A 1053 -1.48 -0.69 53.04
N GLY A 1054 -1.84 -1.87 53.53
CA GLY A 1054 -3.20 -2.13 53.97
C GLY A 1054 -3.36 -2.00 55.47
N LEU B 128 -28.87 17.99 46.10
CA LEU B 128 -28.19 16.78 45.64
C LEU B 128 -28.43 15.64 46.64
N HIS B 129 -28.36 15.95 47.94
CA HIS B 129 -28.76 14.94 48.92
C HIS B 129 -30.22 14.56 48.74
N GLU B 130 -31.08 15.56 48.56
CA GLU B 130 -32.48 15.27 48.37
C GLU B 130 -32.74 14.49 47.08
N TYR B 131 -32.09 14.90 46.00
CA TYR B 131 -32.27 14.22 44.72
C TYR B 131 -31.59 12.85 44.64
N ASN B 132 -30.45 12.66 45.32
CA ASN B 132 -29.78 11.36 45.28
C ASN B 132 -30.54 10.31 46.08
N THR B 133 -31.08 10.71 47.24
CA THR B 133 -31.91 9.83 48.03
C THR B 133 -33.16 9.46 47.25
N GLN B 134 -33.74 10.43 46.54
CA GLN B 134 -34.88 10.12 45.71
C GLN B 134 -34.45 9.17 44.60
N PHE B 135 -33.25 9.36 44.07
CA PHE B 135 -32.72 8.49 43.02
C PHE B 135 -32.45 7.08 43.54
N GLN B 136 -31.76 6.97 44.68
CA GLN B 136 -31.39 5.64 45.17
C GLN B 136 -32.59 4.81 45.61
N GLU B 137 -33.69 5.43 46.04
CA GLU B 137 -34.87 4.64 46.36
C GLU B 137 -35.51 4.05 45.10
N LYS B 138 -35.85 4.91 44.14
CA LYS B 138 -36.46 4.40 42.91
C LYS B 138 -35.54 3.42 42.19
N SER B 139 -34.22 3.64 42.26
CA SER B 139 -33.26 2.65 41.79
C SER B 139 -33.46 1.31 42.49
N ARG B 140 -33.60 1.33 43.82
CA ARG B 140 -33.83 0.10 44.56
C ARG B 140 -35.18 -0.52 44.21
N GLU B 141 -36.20 0.30 43.99
CA GLU B 141 -37.52 -0.24 43.67
C GLU B 141 -37.60 -0.81 42.25
N TYR B 142 -37.00 -0.12 41.27
CA TYR B 142 -36.93 -0.67 39.92
C TYR B 142 -36.18 -2.00 39.92
N ASP B 143 -35.11 -2.11 40.70
CA ASP B 143 -34.38 -3.38 40.76
C ASP B 143 -35.25 -4.47 41.36
N ARG B 144 -35.91 -4.17 42.48
CA ARG B 144 -36.81 -5.15 43.11
C ARG B 144 -37.91 -5.56 42.16
N LEU B 145 -38.57 -4.58 41.53
CA LEU B 145 -39.62 -4.88 40.56
C LEU B 145 -39.09 -5.72 39.40
N TYR B 146 -37.85 -5.47 38.96
CA TYR B 146 -37.29 -6.27 37.88
C TYR B 146 -37.04 -7.70 38.33
N GLU B 147 -36.70 -7.88 39.60
CA GLU B 147 -36.54 -9.23 40.11
C GLU B 147 -37.87 -9.95 40.09
N GLU B 148 -38.90 -9.33 40.68
CA GLU B 148 -40.24 -9.90 40.61
C GLU B 148 -40.69 -10.11 39.16
N TYR B 149 -40.34 -9.17 38.27
CA TYR B 149 -40.78 -9.30 36.88
C TYR B 149 -40.20 -10.56 36.23
N THR B 150 -38.87 -10.70 36.27
CA THR B 150 -38.23 -11.85 35.62
C THR B 150 -38.59 -13.15 36.34
N ARG B 151 -38.62 -13.12 37.68
CA ARG B 151 -39.03 -14.29 38.43
C ARG B 151 -40.44 -14.70 38.03
N THR B 152 -41.37 -13.73 37.99
CA THR B 152 -42.73 -14.01 37.57
C THR B 152 -42.78 -14.53 36.15
N SER B 153 -41.87 -14.05 35.30
CA SER B 153 -41.84 -14.49 33.91
C SER B 153 -41.45 -15.94 33.79
N GLN B 154 -40.44 -16.38 34.53
CA GLN B 154 -40.06 -17.78 34.50
C GLN B 154 -41.18 -18.68 35.00
N GLU B 155 -41.87 -18.26 36.05
CA GLU B 155 -43.00 -19.03 36.57
C GLU B 155 -44.12 -19.15 35.54
N ILE B 156 -44.44 -18.04 34.85
CA ILE B 156 -45.48 -18.08 33.82
C ILE B 156 -45.14 -19.10 32.75
N GLN B 157 -43.87 -19.14 32.32
CA GLN B 157 -43.46 -20.12 31.33
C GLN B 157 -43.70 -21.54 31.80
N MET B 158 -43.35 -21.84 33.06
CA MET B 158 -43.57 -23.17 33.60
C MET B 158 -45.05 -23.54 33.60
N LYS B 159 -45.92 -22.61 33.99
CA LYS B 159 -47.35 -22.88 33.95
C LYS B 159 -47.82 -23.15 32.53
N ARG B 160 -47.25 -22.42 31.55
CA ARG B 160 -47.57 -22.69 30.16
C ARG B 160 -47.07 -24.07 29.75
N THR B 161 -45.90 -24.45 30.25
CA THR B 161 -45.38 -25.79 30.03
C THR B 161 -46.33 -26.84 30.58
N ALA B 162 -46.67 -26.73 31.87
CA ALA B 162 -47.47 -27.76 32.51
C ALA B 162 -48.86 -27.85 31.91
N ILE B 163 -49.43 -26.72 31.48
CA ILE B 163 -50.69 -26.76 30.75
C ILE B 163 -50.49 -27.49 29.43
N GLU B 164 -49.36 -27.26 28.77
CA GLU B 164 -49.05 -28.01 27.56
C GLU B 164 -48.94 -29.49 27.87
N ALA B 165 -48.29 -29.84 28.99
CA ALA B 165 -48.16 -31.24 29.35
C ALA B 165 -49.52 -31.82 29.76
N PHE B 166 -50.34 -31.03 30.47
CA PHE B 166 -51.66 -31.50 30.85
C PHE B 166 -52.53 -31.78 29.63
N ASN B 167 -52.47 -30.89 28.63
CA ASN B 167 -53.23 -31.11 27.40
C ASN B 167 -52.84 -32.41 26.73
N GLU B 168 -51.54 -32.71 26.67
CA GLU B 168 -51.11 -33.96 26.06
C GLU B 168 -51.55 -35.15 26.89
N THR B 169 -51.54 -35.00 28.21
CA THR B 169 -51.98 -36.08 29.09
C THR B 169 -53.47 -36.32 28.96
N ILE B 170 -54.25 -35.23 28.97
CA ILE B 170 -55.70 -35.34 28.77
C ILE B 170 -55.99 -36.03 27.45
N LYS B 171 -55.29 -35.64 26.39
CA LYS B 171 -55.47 -36.25 25.08
C LYS B 171 -55.24 -37.76 25.13
N ILE B 172 -54.27 -38.21 25.92
CA ILE B 172 -53.97 -39.62 26.00
C ILE B 172 -55.07 -40.38 26.75
N PHE B 173 -55.55 -39.81 27.85
CA PHE B 173 -56.61 -40.45 28.63
C PHE B 173 -57.92 -40.52 27.85
N GLU B 174 -58.25 -39.48 27.09
CA GLU B 174 -59.48 -39.51 26.30
C GLU B 174 -59.43 -40.60 25.24
N GLU B 175 -58.26 -40.83 24.65
CA GLU B 175 -58.09 -41.98 23.76
C GLU B 175 -58.30 -43.28 24.50
N GLN B 176 -57.74 -43.39 25.71
CA GLN B 176 -57.92 -44.59 26.51
C GLN B 176 -59.39 -44.89 26.75
N CYS B 177 -60.21 -43.85 26.97
CA CYS B 177 -61.64 -44.08 27.13
C CYS B 177 -62.30 -44.56 25.85
N GLN B 178 -61.95 -43.97 24.72
CA GLN B 178 -62.57 -44.34 23.45
C GLN B 178 -62.25 -45.78 23.09
N THR B 179 -61.00 -46.18 23.27
CA THR B 179 -60.58 -47.55 22.95
C THR B 179 -61.24 -48.56 23.89
N GLN B 180 -61.43 -48.19 25.16
CA GLN B 180 -62.11 -49.05 26.13
C GLN B 180 -63.54 -49.40 25.69
N GLU B 181 -64.30 -48.41 25.20
CA GLU B 181 -65.67 -48.66 24.76
C GLU B 181 -65.71 -49.65 23.60
N ARG B 182 -64.71 -49.63 22.73
CA ARG B 182 -64.67 -50.57 21.61
C ARG B 182 -64.53 -51.99 22.11
N TYR B 183 -63.58 -52.23 23.02
CA TYR B 183 -63.32 -53.58 23.45
C TYR B 183 -64.41 -54.06 24.38
N SER B 184 -64.93 -53.19 25.26
CA SER B 184 -65.98 -53.63 26.15
C SER B 184 -67.25 -53.98 25.38
N LYS B 185 -67.37 -53.46 24.15
CA LYS B 185 -68.63 -53.54 23.41
C LYS B 185 -69.12 -54.97 23.28
N GLU B 186 -68.28 -55.84 22.71
CA GLU B 186 -68.68 -57.20 22.43
C GLU B 186 -68.61 -58.11 23.65
N TYR B 187 -67.78 -57.78 24.63
CA TYR B 187 -67.71 -58.53 25.89
C TYR B 187 -68.88 -58.25 26.83
N ILE B 188 -69.30 -57.00 26.96
CA ILE B 188 -70.53 -56.72 27.70
C ILE B 188 -71.68 -57.49 27.09
N GLU B 189 -71.75 -57.49 25.76
CA GLU B 189 -72.77 -58.28 25.08
C GLU B 189 -72.62 -59.76 25.41
N LYS B 190 -71.38 -60.25 25.41
CA LYS B 190 -71.13 -61.66 25.76
C LYS B 190 -71.45 -61.93 27.23
N PHE B 191 -70.96 -61.09 28.15
CA PHE B 191 -71.17 -61.33 29.58
C PHE B 191 -72.61 -61.13 30.03
N LYS B 192 -73.42 -60.35 29.31
CA LYS B 192 -74.84 -60.28 29.63
C LYS B 192 -75.52 -61.61 29.34
N ARG B 193 -75.34 -62.11 28.12
CA ARG B 193 -75.96 -63.36 27.71
C ARG B 193 -75.47 -64.54 28.54
N GLU B 194 -74.19 -64.53 28.95
CA GLU B 194 -73.62 -65.63 29.70
C GLU B 194 -73.96 -65.54 31.19
N GLY B 195 -74.82 -64.59 31.54
CA GLY B 195 -75.30 -64.35 32.88
C GLY B 195 -74.25 -63.93 33.87
N ASN B 196 -73.07 -63.57 33.36
CA ASN B 196 -71.94 -63.20 34.21
C ASN B 196 -72.08 -61.71 34.48
N GLU B 197 -73.12 -61.36 35.26
CA GLU B 197 -73.30 -59.97 35.65
C GLU B 197 -72.15 -59.46 36.50
N LYS B 198 -71.53 -60.34 37.30
CA LYS B 198 -70.46 -59.91 38.19
C LYS B 198 -69.25 -59.41 37.41
N GLU B 199 -69.02 -59.97 36.22
CA GLU B 199 -67.92 -59.51 35.39
C GLU B 199 -68.22 -58.16 34.77
N ILE B 200 -69.50 -57.90 34.46
CA ILE B 200 -69.84 -56.62 33.85
C ILE B 200 -69.58 -55.47 34.82
N GLN B 201 -69.83 -55.71 36.12
CA GLN B 201 -69.50 -54.73 37.15
C GLN B 201 -68.00 -54.48 37.26
N ARG B 202 -67.18 -55.51 37.00
CA ARG B 202 -65.74 -55.32 36.96
C ARG B 202 -65.38 -54.30 35.90
N ILE B 203 -65.86 -54.49 34.67
CA ILE B 203 -65.57 -53.57 33.59
C ILE B 203 -66.13 -52.18 33.92
N MET B 204 -67.37 -52.13 34.39
CA MET B 204 -67.94 -50.83 34.77
C MET B 204 -67.14 -50.19 35.90
N HIS B 205 -66.71 -50.97 36.90
CA HIS B 205 -66.00 -50.39 38.03
C HIS B 205 -64.68 -49.77 37.58
N ASN B 206 -63.95 -50.47 36.73
CA ASN B 206 -62.68 -49.92 36.22
C ASN B 206 -62.92 -48.74 35.30
N TYR B 207 -63.89 -48.83 34.41
CA TYR B 207 -64.23 -47.69 33.56
C TYR B 207 -64.62 -46.48 34.42
N ASP B 208 -65.35 -46.72 35.52
CA ASP B 208 -65.65 -45.66 36.46
C ASP B 208 -64.37 -45.10 37.08
N LYS B 209 -63.41 -45.98 37.38
CA LYS B 209 -62.13 -45.58 37.96
C LYS B 209 -61.37 -44.68 36.99
N LEU B 210 -61.46 -44.97 35.68
CA LEU B 210 -60.84 -44.11 34.66
C LEU B 210 -61.41 -42.72 34.69
N LYS B 211 -62.72 -42.63 34.66
CA LYS B 211 -63.35 -41.33 34.57
C LYS B 211 -63.11 -40.54 35.85
N SER B 212 -62.95 -41.21 36.98
CA SER B 212 -62.52 -40.53 38.18
C SER B 212 -61.14 -39.90 37.99
N ARG B 213 -60.21 -40.61 37.36
CA ARG B 213 -58.88 -40.06 37.15
C ARG B 213 -58.92 -38.89 36.17
N ILE B 214 -59.71 -39.01 35.10
CA ILE B 214 -59.74 -37.96 34.07
C ILE B 214 -60.30 -36.67 34.65
N SER B 215 -61.39 -36.76 35.40
CA SER B 215 -61.96 -35.56 36.03
C SER B 215 -61.00 -34.96 37.04
N GLU B 216 -60.32 -35.79 37.82
CA GLU B 216 -59.31 -35.27 38.75
C GLU B 216 -58.20 -34.51 38.03
N ILE B 217 -57.83 -34.96 36.83
CA ILE B 217 -56.77 -34.30 36.07
C ILE B 217 -57.25 -33.04 35.35
N ILE B 218 -58.45 -33.07 34.76
CA ILE B 218 -58.98 -31.84 34.15
C ILE B 218 -59.08 -30.74 35.19
N ASP B 219 -59.41 -31.10 36.42
CA ASP B 219 -59.48 -30.11 37.49
C ASP B 219 -58.10 -29.53 37.78
N SER B 220 -57.07 -30.39 37.74
CA SER B 220 -55.71 -29.91 37.96
C SER B 220 -55.28 -28.94 36.87
N ARG B 221 -55.59 -29.24 35.61
CA ARG B 221 -55.27 -28.31 34.53
C ARG B 221 -56.03 -27.01 34.69
N ARG B 222 -57.34 -27.12 35.00
CA ARG B 222 -58.18 -25.93 35.18
C ARG B 222 -57.67 -25.03 36.29
N ARG B 223 -57.29 -25.60 37.43
CA ARG B 223 -56.74 -24.77 38.50
C ARG B 223 -55.45 -24.09 38.06
N LEU B 224 -54.62 -24.78 37.29
CA LEU B 224 -53.40 -24.14 36.79
C LEU B 224 -53.71 -23.07 35.76
N GLU B 225 -54.71 -23.31 34.91
CA GLU B 225 -55.12 -22.30 33.94
C GLU B 225 -55.63 -21.05 34.66
N GLU B 226 -56.43 -21.25 35.71
CA GLU B 226 -56.90 -20.12 36.51
C GLU B 226 -55.72 -19.44 37.20
N ASP B 227 -54.80 -20.25 37.74
CA ASP B 227 -53.61 -19.72 38.41
C ASP B 227 -52.74 -18.94 37.44
N LEU B 228 -52.62 -19.44 36.20
CA LEU B 228 -51.83 -18.73 35.20
C LEU B 228 -52.45 -17.38 34.88
N LYS B 229 -53.79 -17.31 34.81
CA LYS B 229 -54.43 -16.02 34.58
C LYS B 229 -54.09 -14.98 35.65
N LYS B 230 -54.11 -15.36 36.94
CA LYS B 230 -53.74 -14.37 37.97
C LYS B 230 -52.29 -13.94 37.82
N GLN B 231 -51.38 -14.89 37.62
CA GLN B 231 -49.98 -14.49 37.52
C GLN B 231 -49.71 -13.75 36.22
N ALA B 232 -50.34 -14.15 35.12
CA ALA B 232 -50.13 -13.43 33.88
C ALA B 232 -50.69 -12.01 33.92
N ALA B 233 -51.73 -11.79 34.73
CA ALA B 233 -52.25 -10.44 34.94
C ALA B 233 -51.37 -9.64 35.89
N GLU B 234 -50.96 -10.27 37.00
CA GLU B 234 -49.99 -9.65 37.90
C GLU B 234 -48.73 -9.26 37.15
N TYR B 235 -48.28 -10.14 36.26
CA TYR B 235 -47.10 -9.89 35.45
C TYR B 235 -47.27 -8.57 34.69
N ARG B 236 -48.39 -8.41 34.00
CA ARG B 236 -48.63 -7.16 33.30
C ARG B 236 -48.59 -5.98 34.27
N GLU B 237 -49.01 -6.21 35.51
CA GLU B 237 -49.04 -5.15 36.52
C GLU B 237 -47.64 -4.75 36.98
N ILE B 238 -46.73 -5.72 37.09
CA ILE B 238 -45.35 -5.37 37.40
C ILE B 238 -44.75 -4.52 36.29
N ASP B 239 -44.91 -4.94 35.04
CA ASP B 239 -44.33 -4.18 33.93
C ASP B 239 -44.93 -2.79 33.82
N LYS B 240 -46.21 -2.64 34.15
CA LYS B 240 -46.81 -1.31 34.25
C LYS B 240 -46.10 -0.44 35.29
N ARG B 241 -45.91 -0.97 36.50
CA ARG B 241 -45.27 -0.15 37.52
C ARG B 241 -43.85 0.23 37.14
N MET B 242 -43.08 -0.70 36.57
CA MET B 242 -41.72 -0.36 36.16
C MET B 242 -41.72 0.68 35.04
N ASN B 243 -42.57 0.49 34.03
CA ASN B 243 -42.57 1.39 32.89
C ASN B 243 -43.01 2.79 33.25
N SER B 244 -43.61 2.98 34.43
CA SER B 244 -43.83 4.32 34.91
C SER B 244 -42.65 4.80 35.75
N ILE B 245 -41.92 3.87 36.36
CA ILE B 245 -40.75 4.23 37.16
C ILE B 245 -39.52 4.39 36.28
N LYS B 246 -39.41 3.58 35.22
CA LYS B 246 -38.28 3.67 34.30
C LYS B 246 -38.02 5.07 33.76
N PRO B 247 -38.99 5.81 33.22
CA PRO B 247 -38.66 7.17 32.76
C PRO B 247 -38.36 8.13 33.89
N ASP B 248 -39.09 8.02 35.00
CA ASP B 248 -38.84 8.86 36.17
C ASP B 248 -37.43 8.63 36.74
N LEU B 249 -36.96 7.38 36.76
CA LEU B 249 -35.62 7.08 37.25
C LEU B 249 -34.52 7.76 36.43
N ILE B 250 -34.72 7.88 35.12
CA ILE B 250 -33.73 8.53 34.25
C ILE B 250 -33.64 10.02 34.55
N GLN B 251 -34.80 10.67 34.72
CA GLN B 251 -34.88 12.10 35.00
C GLN B 251 -34.17 12.42 36.32
N LEU B 252 -34.36 11.57 37.34
CA LEU B 252 -33.70 11.79 38.61
C LEU B 252 -32.18 11.75 38.42
N ARG B 253 -31.70 10.92 37.51
CA ARG B 253 -30.28 10.91 37.19
C ARG B 253 -29.89 12.25 36.55
N LYS B 254 -30.76 12.80 35.71
CA LYS B 254 -30.50 14.09 35.10
C LYS B 254 -30.43 15.17 36.16
N THR B 255 -31.42 15.24 37.05
CA THR B 255 -31.40 16.25 38.09
C THR B 255 -30.17 16.06 38.98
N ARG B 256 -29.85 14.81 39.32
CA ARG B 256 -28.66 14.54 40.13
C ARG B 256 -27.39 14.98 39.40
N ASP B 257 -27.35 14.77 38.08
CA ASP B 257 -26.17 15.10 37.27
C ASP B 257 -26.04 16.60 37.07
N GLN B 258 -27.16 17.33 37.05
CA GLN B 258 -27.10 18.79 37.01
C GLN B 258 -26.43 19.31 38.28
N TYR B 259 -26.74 18.67 39.41
CA TYR B 259 -26.13 18.89 40.72
C TYR B 259 -24.67 18.48 40.73
N LEU B 260 -24.23 17.70 39.74
CA LEU B 260 -22.83 17.28 39.68
C LEU B 260 -21.94 18.49 39.38
N MET B 261 -22.29 19.29 38.39
CA MET B 261 -21.35 20.32 37.94
C MET B 261 -21.28 21.39 39.02
N GLN B 270 -15.01 15.59 50.00
CA GLN B 270 -15.23 14.27 49.42
C GLN B 270 -16.04 13.45 50.38
N LYS B 271 -15.81 13.68 51.68
CA LYS B 271 -16.63 13.02 52.68
C LYS B 271 -18.10 13.39 52.47
N LYS B 272 -18.38 14.65 52.13
CA LYS B 272 -19.77 15.02 51.84
C LYS B 272 -20.27 14.48 50.51
N LEU B 273 -19.39 14.27 49.52
CA LEU B 273 -19.87 13.68 48.28
C LEU B 273 -20.21 12.20 48.42
N ASN B 274 -19.35 11.41 49.09
CA ASN B 274 -19.72 10.01 49.28
C ASN B 274 -20.85 9.85 50.30
N GLU B 275 -20.95 10.78 51.24
CA GLU B 275 -22.05 10.83 52.21
C GLU B 275 -23.38 11.09 51.52
N TRP B 276 -23.44 12.12 50.67
CA TRP B 276 -24.70 12.52 50.07
C TRP B 276 -25.17 11.48 49.06
N LEU B 277 -24.26 10.73 48.46
CA LEU B 277 -24.65 9.62 47.60
C LEU B 277 -25.11 8.39 48.38
N GLY B 278 -25.85 8.57 49.47
CA GLY B 278 -26.39 7.45 50.23
C GLY B 278 -25.42 6.65 51.08
N ASN B 279 -24.20 7.14 51.33
CA ASN B 279 -23.26 6.35 52.14
C ASN B 279 -23.09 6.96 53.52
N MET C 6 24.63 34.41 -44.35
CA MET C 6 25.56 34.64 -43.24
C MET C 6 25.38 33.56 -42.16
N PRO C 7 26.43 33.29 -41.41
CA PRO C 7 26.37 32.28 -40.36
C PRO C 7 26.85 32.82 -39.02
N PRO C 8 26.68 32.07 -37.93
CA PRO C 8 27.24 32.50 -36.64
C PRO C 8 28.76 32.53 -36.68
N ARG C 9 29.35 33.03 -35.60
CA ARG C 9 30.80 33.14 -35.54
C ARG C 9 31.44 31.76 -35.44
N PRO C 10 32.53 31.51 -36.17
CA PRO C 10 33.25 30.26 -35.95
C PRO C 10 34.02 30.23 -34.65
N SER C 11 34.52 31.38 -34.19
CA SER C 11 35.34 31.46 -32.99
C SER C 11 34.95 32.70 -32.20
N SER C 12 35.58 32.85 -31.03
CA SER C 12 35.42 34.03 -30.20
C SER C 12 36.59 35.01 -30.35
N GLY C 13 37.37 34.89 -31.43
CA GLY C 13 38.52 35.74 -31.61
C GLY C 13 38.14 37.16 -31.99
N GLU C 14 39.02 38.10 -31.62
CA GLU C 14 38.75 39.50 -31.89
C GLU C 14 38.84 39.81 -33.38
N LEU C 15 39.46 38.93 -34.16
CA LEU C 15 39.44 38.99 -35.60
C LEU C 15 39.29 37.57 -36.13
N TRP C 16 38.90 37.44 -37.39
CA TRP C 16 38.80 36.12 -38.00
C TRP C 16 40.19 35.49 -38.07
N GLY C 17 40.37 34.39 -37.37
CA GLY C 17 41.66 33.72 -37.33
C GLY C 17 42.67 34.33 -36.38
N ILE C 18 42.31 35.39 -35.67
CA ILE C 18 43.20 36.00 -34.69
C ILE C 18 42.41 36.14 -33.39
N HIS C 19 42.93 35.54 -32.31
CA HIS C 19 42.22 35.60 -31.05
C HIS C 19 42.39 36.94 -30.38
N LEU C 20 43.60 37.49 -30.41
CA LEU C 20 43.90 38.76 -29.75
C LEU C 20 44.47 39.73 -30.77
N MET C 21 43.81 40.88 -30.92
CA MET C 21 44.42 41.97 -31.67
C MET C 21 45.72 42.39 -30.98
N PRO C 22 46.72 42.81 -31.77
CA PRO C 22 47.90 43.41 -31.16
C PRO C 22 47.51 44.66 -30.40
N PRO C 23 48.29 45.04 -29.40
CA PRO C 23 47.97 46.28 -28.64
C PRO C 23 47.74 47.47 -29.54
N ARG C 24 48.46 47.57 -30.66
CA ARG C 24 48.21 48.56 -31.70
C ARG C 24 48.00 47.83 -33.01
N ILE C 25 47.00 48.26 -33.78
CA ILE C 25 46.62 47.59 -35.02
C ILE C 25 46.25 48.64 -36.06
N LEU C 26 46.66 48.40 -37.31
CA LEU C 26 46.36 49.30 -38.41
C LEU C 26 44.98 48.96 -38.97
N VAL C 27 44.13 49.97 -39.13
CA VAL C 27 42.74 49.76 -39.53
C VAL C 27 42.47 50.52 -40.81
N GLU C 28 42.01 49.82 -41.84
CA GLU C 28 41.65 50.47 -43.09
C GLU C 28 40.38 51.28 -42.88
N CYS C 29 40.47 52.59 -43.04
CA CYS C 29 39.32 53.47 -42.84
C CYS C 29 38.87 54.01 -44.20
N LEU C 30 37.64 53.66 -44.58
CA LEU C 30 37.08 54.09 -45.85
C LEU C 30 36.21 55.31 -45.58
N LEU C 31 36.72 56.48 -45.93
CA LEU C 31 36.04 57.72 -45.62
C LEU C 31 34.91 57.99 -46.61
N PRO C 32 33.91 58.80 -46.20
CA PRO C 32 32.76 59.03 -47.08
C PRO C 32 33.09 59.81 -48.33
N ASN C 33 34.24 60.47 -48.39
CA ASN C 33 34.66 61.17 -49.59
C ASN C 33 35.34 60.25 -50.60
N GLY C 34 35.37 58.95 -50.33
CA GLY C 34 36.00 57.98 -51.21
C GLY C 34 37.43 57.63 -50.84
N MET C 35 38.06 58.38 -49.95
CA MET C 35 39.45 58.15 -49.58
C MET C 35 39.60 56.93 -48.69
N ILE C 36 40.81 56.37 -48.71
CA ILE C 36 41.20 55.26 -47.84
C ILE C 36 42.39 55.73 -47.01
N VAL C 37 42.27 55.60 -45.70
CA VAL C 37 43.28 56.08 -44.74
C VAL C 37 43.58 54.97 -43.75
N THR C 38 44.85 54.58 -43.64
CA THR C 38 45.28 53.59 -42.68
C THR C 38 45.56 54.28 -41.35
N LEU C 39 44.83 53.87 -40.31
CA LEU C 39 44.90 54.52 -39.00
C LEU C 39 45.33 53.51 -37.95
N GLU C 40 46.42 53.79 -37.26
CA GLU C 40 46.90 52.94 -36.18
C GLU C 40 46.01 53.15 -34.95
N CYS C 41 45.36 52.09 -34.49
CA CYS C 41 44.43 52.16 -33.36
C CYS C 41 44.82 51.19 -32.26
N LEU C 42 44.53 51.59 -31.02
CA LEU C 42 44.60 50.65 -29.90
C LEU C 42 43.46 49.65 -30.00
N ARG C 43 43.76 48.39 -29.69
CA ARG C 43 42.74 47.35 -29.79
C ARG C 43 41.60 47.61 -28.82
N GLU C 44 41.89 48.16 -27.64
CA GLU C 44 40.87 48.49 -26.66
C GLU C 44 40.29 49.89 -26.83
N ALA C 45 40.69 50.61 -27.88
CA ALA C 45 40.20 51.95 -28.10
C ALA C 45 38.72 51.93 -28.47
N THR C 46 37.98 52.91 -27.94
CA THR C 46 36.59 53.05 -28.32
C THR C 46 36.46 53.53 -29.77
N LEU C 47 35.26 53.38 -30.32
CA LEU C 47 35.00 53.89 -31.67
C LEU C 47 34.96 55.42 -31.69
N ILE C 48 34.51 56.04 -30.60
CA ILE C 48 34.52 57.50 -30.52
C ILE C 48 35.95 58.01 -30.62
N THR C 49 36.86 57.38 -29.89
CA THR C 49 38.27 57.72 -30.00
C THR C 49 38.76 57.55 -31.42
N ILE C 50 38.43 56.41 -32.03
CA ILE C 50 38.92 56.13 -33.37
C ILE C 50 38.33 57.10 -34.39
N LYS C 51 37.01 57.34 -34.31
CA LYS C 51 36.38 58.25 -35.26
C LYS C 51 36.93 59.67 -35.11
N HIS C 52 37.18 60.10 -33.88
CA HIS C 52 37.75 61.43 -33.66
C HIS C 52 39.16 61.52 -34.25
N GLU C 53 40.02 60.55 -33.90
CA GLU C 53 41.39 60.57 -34.41
C GLU C 53 41.43 60.42 -35.92
N LEU C 54 40.52 59.61 -36.47
CA LEU C 54 40.43 59.45 -37.92
C LEU C 54 40.17 60.79 -38.61
N PHE C 55 39.17 61.54 -38.12
CA PHE C 55 38.79 62.77 -38.81
C PHE C 55 39.85 63.85 -38.65
N LYS C 56 40.70 63.79 -37.63
CA LYS C 56 41.89 64.65 -37.62
C LYS C 56 42.85 64.25 -38.73
N GLU C 57 43.17 62.96 -38.80
CA GLU C 57 44.10 62.50 -39.81
C GLU C 57 43.51 62.62 -41.21
N ALA C 58 42.18 62.49 -41.33
CA ALA C 58 41.55 62.56 -42.63
C ALA C 58 41.64 63.95 -43.26
N ARG C 59 41.86 64.98 -42.45
CA ARG C 59 41.95 66.34 -42.97
C ARG C 59 43.14 66.50 -43.91
N LYS C 60 44.19 65.71 -43.72
CA LYS C 60 45.41 65.81 -44.51
C LYS C 60 45.30 65.19 -45.89
N TYR C 61 44.19 64.55 -46.20
CA TYR C 61 44.02 63.80 -47.43
C TYR C 61 43.14 64.56 -48.41
N PRO C 62 43.20 64.23 -49.70
CA PRO C 62 42.40 64.95 -50.68
C PRO C 62 40.92 64.85 -50.38
N LEU C 63 40.16 65.80 -50.93
CA LEU C 63 38.71 65.91 -50.76
C LEU C 63 38.31 66.07 -49.30
N HIS C 64 39.22 66.56 -48.45
CA HIS C 64 38.93 66.68 -47.02
C HIS C 64 37.81 67.68 -46.74
N GLN C 65 37.59 68.64 -47.62
CA GLN C 65 36.48 69.56 -47.41
C GLN C 65 35.13 68.94 -47.74
N LEU C 66 35.11 67.70 -48.22
CA LEU C 66 33.85 67.00 -48.42
C LEU C 66 33.36 66.30 -47.15
N LEU C 67 34.23 66.12 -46.17
CA LEU C 67 33.84 65.43 -44.94
C LEU C 67 32.99 66.35 -44.09
N GLN C 68 31.79 65.91 -43.74
CA GLN C 68 30.96 66.64 -42.81
C GLN C 68 31.50 66.48 -41.40
N ASP C 69 30.78 67.03 -40.42
CA ASP C 69 31.19 66.90 -39.04
C ASP C 69 31.15 65.43 -38.63
N GLU C 70 32.06 65.05 -37.72
CA GLU C 70 32.18 63.64 -37.38
C GLU C 70 30.93 63.08 -36.71
N SER C 71 30.10 63.95 -36.14
CA SER C 71 28.86 63.49 -35.51
C SER C 71 27.83 63.04 -36.54
N SER C 72 27.96 63.44 -37.80
CA SER C 72 27.00 63.08 -38.83
C SER C 72 27.22 61.69 -39.41
N TYR C 73 28.24 60.96 -38.94
CA TYR C 73 28.58 59.67 -39.52
C TYR C 73 28.68 58.59 -38.45
N ILE C 74 28.52 57.34 -38.89
CA ILE C 74 28.77 56.16 -38.07
C ILE C 74 29.59 55.16 -38.87
N PHE C 75 30.13 54.17 -38.17
CA PHE C 75 30.96 53.14 -38.77
C PHE C 75 30.16 51.92 -39.19
N VAL C 76 30.56 51.31 -40.30
CA VAL C 76 30.06 50.00 -40.71
C VAL C 76 31.26 49.15 -41.10
N SER C 77 31.10 47.84 -40.93
CA SER C 77 32.16 46.90 -41.24
C SER C 77 31.53 45.54 -41.47
N VAL C 78 32.38 44.55 -41.77
CA VAL C 78 31.96 43.17 -41.88
C VAL C 78 32.45 42.42 -40.65
N THR C 79 31.55 41.73 -39.98
CA THR C 79 31.89 40.98 -38.78
C THR C 79 32.18 39.52 -39.13
N GLN C 80 32.70 38.79 -38.13
CA GLN C 80 33.05 37.39 -38.33
C GLN C 80 31.82 36.55 -38.68
N GLU C 81 30.62 37.06 -38.44
CA GLU C 81 29.41 36.40 -38.87
C GLU C 81 29.07 36.70 -40.31
N ALA C 82 30.02 37.24 -41.08
CA ALA C 82 29.79 37.67 -42.46
C ALA C 82 28.68 38.70 -42.54
N GLU C 83 28.47 39.43 -41.45
CA GLU C 83 27.41 40.41 -41.35
C GLU C 83 27.95 41.81 -41.57
N ARG C 84 27.17 42.62 -42.27
CA ARG C 84 27.50 44.02 -42.53
C ARG C 84 26.84 44.85 -41.43
N GLU C 85 27.50 44.92 -40.28
CA GLU C 85 26.93 45.49 -39.07
C GLU C 85 27.27 46.96 -38.94
N GLU C 86 26.24 47.79 -38.72
CA GLU C 86 26.44 49.20 -38.40
C GLU C 86 26.68 49.32 -36.90
N PHE C 87 27.70 50.07 -36.51
CA PHE C 87 28.08 50.19 -35.10
C PHE C 87 27.48 51.49 -34.58
N PHE C 88 26.28 51.38 -33.98
CA PHE C 88 25.59 52.54 -33.45
C PHE C 88 26.17 52.95 -32.10
N ASP C 89 26.40 51.97 -31.23
CA ASP C 89 26.95 52.21 -29.90
C ASP C 89 28.45 52.44 -30.06
N GLU C 90 28.82 53.70 -30.27
CA GLU C 90 30.22 54.02 -30.51
C GLU C 90 31.06 53.95 -29.24
N THR C 91 30.47 53.54 -28.12
CA THR C 91 31.25 53.25 -26.93
C THR C 91 31.94 51.89 -27.00
N ARG C 92 31.49 51.01 -27.90
CA ARG C 92 32.05 49.67 -27.98
C ARG C 92 33.49 49.72 -28.47
N ARG C 93 34.34 48.91 -27.85
CA ARG C 93 35.76 48.91 -28.15
C ARG C 93 36.03 48.18 -29.47
N LEU C 94 37.20 48.42 -30.04
CA LEU C 94 37.56 47.81 -31.33
C LEU C 94 37.59 46.29 -31.23
N CYS C 95 38.20 45.76 -30.17
CA CYS C 95 38.34 44.31 -30.03
C CYS C 95 37.01 43.61 -29.80
N ASP C 96 35.98 44.33 -29.37
CA ASP C 96 34.68 43.73 -29.09
C ASP C 96 33.73 43.85 -30.28
N LEU C 97 34.18 44.38 -31.40
CA LEU C 97 33.35 44.47 -32.59
C LEU C 97 33.20 43.15 -33.31
N ARG C 98 34.08 42.19 -33.05
CA ARG C 98 34.08 40.90 -33.74
C ARG C 98 34.25 41.12 -35.24
N LEU C 99 35.20 41.95 -35.61
CA LEU C 99 35.42 42.25 -37.03
C LEU C 99 35.96 41.05 -37.77
N PHE C 100 35.62 40.98 -39.05
CA PHE C 100 36.24 40.00 -39.93
C PHE C 100 37.67 40.42 -40.29
N GLN C 101 37.81 41.56 -40.97
CA GLN C 101 39.06 42.21 -41.31
C GLN C 101 39.12 43.57 -40.63
N PRO C 102 40.29 44.00 -40.17
CA PRO C 102 40.38 45.31 -39.50
C PRO C 102 40.17 46.47 -40.45
N PHE C 103 38.91 46.76 -40.77
CA PHE C 103 38.58 47.90 -41.62
C PHE C 103 37.25 48.47 -41.19
N LEU C 104 37.09 49.78 -41.35
CA LEU C 104 35.86 50.48 -40.99
C LEU C 104 35.46 51.42 -42.13
N LYS C 105 34.21 51.31 -42.56
CA LYS C 105 33.65 52.25 -43.54
C LYS C 105 32.82 53.30 -42.80
N VAL C 106 33.02 54.57 -43.17
CA VAL C 106 32.29 55.69 -42.61
C VAL C 106 31.13 56.02 -43.54
N ILE C 107 29.90 56.01 -43.03
CA ILE C 107 28.71 56.32 -43.83
C ILE C 107 27.75 57.16 -43.00
N GLU C 108 26.78 57.75 -43.69
CA GLU C 108 25.65 58.39 -43.03
C GLU C 108 24.60 57.34 -42.67
N PRO C 109 24.16 57.26 -41.41
CA PRO C 109 23.18 56.25 -41.04
C PRO C 109 21.83 56.53 -41.69
N VAL C 110 21.23 55.49 -42.25
CA VAL C 110 19.92 55.58 -42.89
C VAL C 110 18.99 54.55 -42.28
N GLY C 111 17.72 54.93 -42.12
CA GLY C 111 16.72 54.04 -41.55
C GLY C 111 16.46 54.32 -40.09
N ASN C 112 15.57 53.53 -39.51
CA ASN C 112 15.20 53.70 -38.11
C ASN C 112 16.34 53.16 -37.25
N ARG C 113 16.97 54.04 -36.48
CA ARG C 113 18.09 53.65 -35.64
C ARG C 113 17.66 52.65 -34.58
N GLU C 114 16.62 53.01 -33.82
CA GLU C 114 16.20 52.19 -32.69
C GLU C 114 15.77 50.80 -33.14
N GLU C 115 15.16 50.70 -34.32
CA GLU C 115 14.80 49.38 -34.84
C GLU C 115 16.06 48.60 -35.20
N LYS C 116 17.08 49.28 -35.73
CA LYS C 116 18.32 48.60 -36.08
C LYS C 116 19.11 48.19 -34.85
N ILE C 117 19.07 49.04 -33.81
CA ILE C 117 19.78 48.73 -32.57
C ILE C 117 19.21 47.48 -31.93
N LEU C 118 17.89 47.34 -31.95
CA LEU C 118 17.25 46.14 -31.41
C LEU C 118 17.71 44.90 -32.17
N ASN C 119 17.64 44.94 -33.50
CA ASN C 119 18.01 43.78 -34.31
C ASN C 119 19.48 43.41 -34.14
N ARG C 120 20.33 44.38 -33.80
CA ARG C 120 21.71 44.03 -33.49
C ARG C 120 21.81 43.40 -32.12
N GLU C 121 21.12 43.98 -31.14
CA GLU C 121 21.11 43.43 -29.79
C GLU C 121 20.52 42.02 -29.78
N ILE C 122 19.46 41.80 -30.56
CA ILE C 122 18.86 40.48 -30.65
C ILE C 122 19.83 39.50 -31.31
N GLY C 123 20.37 39.91 -32.47
CA GLY C 123 21.30 39.05 -33.18
C GLY C 123 22.52 38.67 -32.36
N PHE C 124 22.99 39.59 -31.50
CA PHE C 124 24.12 39.28 -30.64
C PHE C 124 23.77 38.16 -29.66
N ALA C 125 22.62 38.28 -28.98
CA ALA C 125 22.25 37.29 -27.99
C ALA C 125 22.03 35.91 -28.62
N ILE C 126 21.37 35.89 -29.79
CA ILE C 126 21.15 34.63 -30.50
C ILE C 126 22.49 34.02 -30.90
N GLY C 127 23.49 34.86 -31.18
CA GLY C 127 24.69 34.39 -31.82
C GLY C 127 24.56 34.27 -33.31
N MET C 128 23.60 34.98 -33.89
CA MET C 128 23.30 34.92 -35.31
C MET C 128 22.59 36.19 -35.75
N PRO C 129 23.06 36.83 -36.83
CA PRO C 129 22.42 38.07 -37.29
C PRO C 129 20.94 37.88 -37.60
N VAL C 130 20.12 38.81 -37.09
CA VAL C 130 18.67 38.74 -37.29
C VAL C 130 18.31 38.90 -38.75
N CYS C 131 19.05 39.74 -39.49
CA CYS C 131 18.74 39.98 -40.89
C CYS C 131 18.69 38.70 -41.70
N GLU C 132 19.30 37.62 -41.20
CA GLU C 132 19.27 36.34 -41.90
C GLU C 132 17.88 35.75 -41.93
N PHE C 133 17.16 35.78 -40.81
CA PHE C 133 15.79 35.30 -40.78
C PHE C 133 14.91 36.05 -41.78
N ASP C 134 15.19 37.34 -42.00
CA ASP C 134 14.44 38.10 -42.99
C ASP C 134 14.70 37.60 -44.41
N MET C 135 15.74 36.81 -44.63
CA MET C 135 16.13 36.34 -45.95
C MET C 135 15.68 34.91 -46.25
N VAL C 136 15.19 34.17 -45.26
CA VAL C 136 14.79 32.79 -45.48
C VAL C 136 13.49 32.75 -46.27
N LYS C 137 13.49 32.04 -47.40
CA LYS C 137 12.31 31.98 -48.25
C LYS C 137 11.25 31.01 -47.73
N ASP C 138 11.60 30.12 -46.82
CA ASP C 138 10.67 29.09 -46.35
C ASP C 138 9.39 29.75 -45.85
N PRO C 139 8.25 29.49 -46.50
CA PRO C 139 7.00 30.16 -46.08
C PRO C 139 6.60 29.83 -44.65
N GLU C 140 6.87 28.62 -44.19
CA GLU C 140 6.59 28.28 -42.80
C GLU C 140 7.40 29.14 -41.84
N VAL C 141 8.62 29.52 -42.23
CA VAL C 141 9.46 30.34 -41.37
C VAL C 141 8.87 31.73 -41.20
N GLN C 142 8.58 32.41 -42.32
CA GLN C 142 8.00 33.76 -42.21
C GLN C 142 6.68 33.75 -41.47
N ASP C 143 5.89 32.68 -41.64
CA ASP C 143 4.66 32.55 -40.88
C ASP C 143 4.96 32.39 -39.39
N PHE C 144 5.94 31.56 -39.04
CA PHE C 144 6.33 31.42 -37.64
C PHE C 144 6.75 32.76 -37.06
N ARG C 145 7.65 33.47 -37.75
CA ARG C 145 8.16 34.74 -37.24
C ARG C 145 7.02 35.73 -36.96
N ARG C 146 6.04 35.81 -37.87
CA ARG C 146 4.94 36.75 -37.69
C ARG C 146 3.98 36.26 -36.60
N ASN C 147 3.45 35.04 -36.77
CA ASN C 147 2.38 34.56 -35.91
C ASN C 147 2.80 34.38 -34.46
N ILE C 148 4.10 34.22 -34.20
CA ILE C 148 4.53 34.01 -32.82
C ILE C 148 4.38 35.30 -32.01
N LEU C 149 4.40 36.46 -32.66
CA LEU C 149 4.22 37.72 -31.95
C LEU C 149 2.85 37.81 -31.28
N ASN C 150 1.86 37.04 -31.74
CA ASN C 150 0.61 36.93 -31.01
C ASN C 150 0.87 36.49 -29.57
N VAL C 151 1.70 35.46 -29.41
CA VAL C 151 2.10 35.04 -28.08
C VAL C 151 2.91 36.14 -27.40
N CYS C 152 3.76 36.83 -28.17
CA CYS C 152 4.52 37.95 -27.62
C CYS C 152 3.57 39.05 -27.15
N LYS C 153 2.63 39.43 -28.02
CA LYS C 153 1.59 40.39 -27.65
C LYS C 153 0.86 39.96 -26.39
N GLU C 154 0.46 38.68 -26.34
CA GLU C 154 -0.27 38.17 -25.19
C GLU C 154 0.55 38.26 -23.91
N ALA C 155 1.82 37.89 -23.96
CA ALA C 155 2.62 37.84 -22.74
C ALA C 155 2.95 39.23 -22.21
N VAL C 156 3.22 40.18 -23.10
CA VAL C 156 3.59 41.51 -22.64
C VAL C 156 2.39 42.22 -22.01
N ASP C 157 1.21 42.09 -22.63
CA ASP C 157 0.01 42.67 -22.05
C ASP C 157 -0.25 42.11 -20.66
N LEU C 158 0.00 40.82 -20.48
CA LEU C 158 -0.20 40.15 -19.21
C LEU C 158 0.80 40.59 -18.14
N ARG C 159 1.93 41.20 -18.52
CA ARG C 159 2.92 41.60 -17.53
C ARG C 159 2.66 42.97 -16.91
N ASP C 160 2.20 43.95 -17.68
CA ASP C 160 1.81 45.24 -17.13
C ASP C 160 0.31 45.35 -16.93
N LEU C 161 -0.42 44.23 -17.02
CA LEU C 161 -1.86 44.26 -16.78
C LEU C 161 -2.16 44.87 -15.43
N ASN C 162 -1.45 44.42 -14.39
CA ASN C 162 -1.61 44.98 -13.05
C ASN C 162 -0.27 45.53 -12.57
N SER C 163 0.34 46.38 -13.40
CA SER C 163 1.58 47.04 -13.04
C SER C 163 1.40 47.86 -11.76
N PRO C 164 2.44 47.99 -10.91
CA PRO C 164 3.81 47.47 -11.05
C PRO C 164 4.08 46.16 -10.35
N HIS C 165 3.17 45.65 -9.52
CA HIS C 165 3.43 44.37 -8.86
C HIS C 165 3.57 43.27 -9.90
N SER C 166 2.77 43.35 -10.96
CA SER C 166 2.81 42.34 -12.02
C SER C 166 4.19 42.31 -12.67
N ARG C 167 4.84 43.47 -12.83
CA ARG C 167 6.18 43.49 -13.40
C ARG C 167 7.20 42.92 -12.43
N ALA C 168 7.05 43.21 -11.14
CA ALA C 168 7.93 42.62 -10.13
C ALA C 168 7.81 41.10 -10.11
N MET C 169 6.60 40.59 -10.33
CA MET C 169 6.41 39.15 -10.38
C MET C 169 7.14 38.53 -11.56
N TYR C 170 7.14 39.21 -12.70
CA TYR C 170 7.85 38.71 -13.87
C TYR C 170 9.35 38.66 -13.62
N VAL C 171 9.91 39.74 -13.09
CA VAL C 171 11.36 39.82 -12.91
C VAL C 171 11.82 38.98 -11.73
N TYR C 172 11.07 38.98 -10.63
CA TYR C 172 11.46 38.28 -9.40
C TYR C 172 10.37 37.30 -8.99
N PRO C 173 10.19 36.22 -9.73
CA PRO C 173 9.17 35.24 -9.36
C PRO C 173 9.58 34.50 -8.10
N PRO C 174 8.63 34.06 -7.29
CA PRO C 174 8.97 33.37 -6.03
C PRO C 174 9.65 32.03 -6.29
N ASN C 175 10.75 31.80 -5.59
CA ASN C 175 11.51 30.56 -5.67
C ASN C 175 10.99 29.64 -4.58
N VAL C 176 9.95 28.87 -4.89
CA VAL C 176 9.23 28.10 -3.90
C VAL C 176 9.24 26.62 -4.24
N GLU C 177 9.21 25.79 -3.19
CA GLU C 177 9.00 24.37 -3.37
C GLU C 177 7.62 24.11 -3.96
N SER C 178 7.41 22.92 -4.50
CA SER C 178 6.12 22.61 -5.10
C SER C 178 5.02 22.33 -4.09
N SER C 179 5.36 21.98 -2.85
CA SER C 179 4.35 21.64 -1.85
C SER C 179 4.64 22.41 -0.56
N PRO C 180 3.62 23.03 0.05
CA PRO C 180 3.83 23.61 1.38
C PRO C 180 3.97 22.57 2.47
N GLU C 181 3.55 21.33 2.22
CA GLU C 181 3.65 20.28 3.22
C GLU C 181 5.11 19.97 3.52
N LEU C 182 5.47 19.97 4.80
CA LEU C 182 6.82 19.59 5.20
C LEU C 182 6.88 18.13 5.57
N PRO C 183 7.76 17.33 4.96
CA PRO C 183 8.07 16.01 5.53
C PRO C 183 8.48 16.16 6.99
N LYS C 184 7.89 15.33 7.84
CA LYS C 184 7.98 15.54 9.29
C LYS C 184 9.41 15.57 9.80
N HIS C 185 10.33 14.86 9.14
CA HIS C 185 11.73 14.92 9.55
C HIS C 185 12.33 16.31 9.35
N ILE C 186 11.71 17.12 8.50
CA ILE C 186 12.11 18.52 8.37
C ILE C 186 11.40 19.37 9.42
N TYR C 187 10.14 19.04 9.70
CA TYR C 187 9.38 19.76 10.73
C TYR C 187 10.06 19.67 12.08
N ASN C 188 10.50 18.48 12.48
CA ASN C 188 11.10 18.31 13.79
C ASN C 188 12.43 19.03 13.93
N LYS C 189 13.02 19.48 12.83
CA LYS C 189 14.18 20.35 12.92
C LYS C 189 13.79 21.74 13.39
N LEU C 190 12.51 22.10 13.29
CA LEU C 190 12.04 23.36 13.83
C LEU C 190 11.77 23.25 15.32
N ASP C 191 11.75 24.40 15.99
CA ASP C 191 11.38 24.48 17.40
C ASP C 191 9.87 24.66 17.48
N LYS C 192 9.15 23.56 17.72
CA LYS C 192 7.68 23.57 17.82
C LYS C 192 7.04 24.09 16.53
N GLY C 193 7.54 23.62 15.38
CA GLY C 193 7.09 24.17 14.12
C GLY C 193 7.38 25.63 13.89
N GLN C 194 8.08 26.29 14.80
CA GLN C 194 8.45 27.69 14.64
C GLN C 194 9.89 27.83 14.20
N ILE C 195 10.16 28.84 13.38
CA ILE C 195 11.51 29.13 12.92
C ILE C 195 11.86 30.54 13.39
N ILE C 196 13.08 30.71 13.86
CA ILE C 196 13.56 32.02 14.26
C ILE C 196 14.18 32.68 13.04
N VAL C 197 13.78 33.92 12.77
CA VAL C 197 14.19 34.64 11.58
C VAL C 197 14.78 35.98 11.99
N VAL C 198 15.85 36.38 11.32
CA VAL C 198 16.46 37.70 11.52
C VAL C 198 16.06 38.57 10.34
N ILE C 199 15.27 39.61 10.63
CA ILE C 199 14.84 40.57 9.61
C ILE C 199 15.76 41.78 9.67
N TRP C 200 16.35 42.13 8.54
CA TRP C 200 17.28 43.24 8.45
C TRP C 200 16.65 44.42 7.72
N VAL C 201 17.02 45.61 8.17
CA VAL C 201 16.67 46.85 7.48
C VAL C 201 17.89 47.77 7.55
N ILE C 202 18.18 48.43 6.45
CA ILE C 202 19.33 49.33 6.38
C ILE C 202 18.88 50.75 6.69
N VAL C 203 19.52 51.37 7.67
CA VAL C 203 19.21 52.73 8.06
C VAL C 203 20.14 53.66 7.31
N SER C 204 19.56 54.51 6.46
CA SER C 204 20.34 55.39 5.60
C SER C 204 21.17 56.36 6.44
N PRO C 205 22.28 56.88 5.89
CA PRO C 205 22.85 56.56 4.57
C PRO C 205 24.12 55.70 4.63
N ASN C 206 24.69 55.51 5.82
CA ASN C 206 25.99 54.85 5.98
C ASN C 206 25.91 53.34 5.88
N ASN C 207 24.86 52.80 5.26
CA ASN C 207 24.56 51.36 5.29
C ASN C 207 24.46 50.84 6.72
N ASP C 208 23.97 51.68 7.62
CA ASP C 208 23.77 51.28 9.02
C ASP C 208 22.69 50.21 9.06
N LYS C 209 23.09 48.98 9.37
CA LYS C 209 22.22 47.82 9.30
C LYS C 209 21.65 47.50 10.67
N GLN C 210 20.35 47.62 10.82
CA GLN C 210 19.65 47.27 12.05
C GLN C 210 18.87 45.99 11.83
N LYS C 211 18.94 45.08 12.81
CA LYS C 211 18.30 43.78 12.71
C LYS C 211 17.20 43.64 13.76
N TYR C 212 16.17 42.88 13.40
CA TYR C 212 15.06 42.56 14.29
C TYR C 212 14.81 41.05 14.23
N THR C 213 15.14 40.35 15.32
CA THR C 213 15.01 38.90 15.36
C THR C 213 13.59 38.49 15.75
N LEU C 214 13.00 37.60 14.97
CA LEU C 214 11.64 37.16 15.18
C LEU C 214 11.58 35.64 15.26
N LYS C 215 10.68 35.14 16.10
CA LYS C 215 10.39 33.71 16.17
C LYS C 215 8.92 33.53 15.79
N ILE C 216 8.68 32.83 14.68
CA ILE C 216 7.35 32.75 14.07
C ILE C 216 7.13 31.36 13.49
N ASN C 217 5.87 31.07 13.18
CA ASN C 217 5.53 29.80 12.55
C ASN C 217 6.23 29.68 11.20
N HIS C 218 6.54 28.45 10.82
CA HIS C 218 7.19 28.22 9.54
C HIS C 218 6.29 28.55 8.37
N ASP C 219 4.98 28.48 8.55
CA ASP C 219 4.03 28.71 7.47
C ASP C 219 3.44 30.12 7.50
N CYS C 220 4.07 31.05 8.20
CA CYS C 220 3.64 32.44 8.15
C CYS C 220 3.89 33.01 6.75
N VAL C 221 2.92 33.78 6.26
CA VAL C 221 3.03 34.43 4.97
C VAL C 221 3.94 35.64 5.13
N PRO C 222 4.65 36.09 4.09
CA PRO C 222 5.56 37.24 4.25
C PRO C 222 4.91 38.46 4.89
N GLU C 223 3.67 38.81 4.51
CA GLU C 223 3.02 39.97 5.13
C GLU C 223 2.94 39.81 6.64
N GLN C 224 2.66 38.59 7.12
CA GLN C 224 2.64 38.35 8.56
C GLN C 224 4.03 38.51 9.15
N VAL C 225 5.07 38.07 8.43
CA VAL C 225 6.43 38.27 8.89
C VAL C 225 6.73 39.76 8.99
N ILE C 226 6.30 40.53 7.98
CA ILE C 226 6.43 41.97 8.05
C ILE C 226 5.64 42.51 9.23
N ALA C 227 4.37 42.10 9.34
CA ALA C 227 3.51 42.58 10.42
C ALA C 227 4.14 42.29 11.78
N GLU C 228 4.78 41.14 11.94
CA GLU C 228 5.45 40.85 13.20
C GLU C 228 6.66 41.76 13.40
N ALA C 229 7.37 42.05 12.31
CA ALA C 229 8.50 42.97 12.41
C ALA C 229 8.03 44.37 12.78
N ILE C 230 6.97 44.85 12.12
CA ILE C 230 6.43 46.17 12.45
C ILE C 230 6.06 46.23 13.92
N ARG C 231 5.53 45.13 14.47
CA ARG C 231 5.06 45.12 15.85
C ARG C 231 6.19 45.39 16.84
N LYS C 232 7.36 44.77 16.62
CA LYS C 232 8.45 44.95 17.56
C LYS C 232 8.88 46.41 17.64
N LYS C 233 9.01 47.07 16.49
CA LYS C 233 9.42 48.47 16.50
C LYS C 233 8.34 49.34 17.11
N THR C 234 7.06 49.09 16.76
CA THR C 234 5.98 49.92 17.26
C THR C 234 5.64 49.61 18.71
N ARG C 235 6.00 48.41 19.20
CA ARG C 235 5.72 48.04 20.58
C ARG C 235 6.38 49.00 21.54
N SER C 236 7.63 49.38 21.27
CA SER C 236 8.41 50.26 22.13
C SER C 236 7.97 51.72 22.04
N MET C 237 6.92 51.99 21.27
CA MET C 237 6.51 53.36 21.00
C MET C 237 5.10 53.69 21.51
N LEU C 238 4.62 52.94 22.52
CA LEU C 238 3.40 53.24 23.29
C LEU C 238 2.17 53.56 22.42
N LEU C 239 2.11 53.03 21.21
CA LEU C 239 0.90 53.14 20.42
C LEU C 239 -0.29 52.53 21.14
N SER C 240 -1.49 52.99 20.82
CA SER C 240 -2.67 52.33 21.34
C SER C 240 -2.80 50.95 20.69
N SER C 241 -3.51 50.06 21.39
CA SER C 241 -3.66 48.70 20.90
C SER C 241 -4.26 48.67 19.50
N GLU C 242 -5.28 49.50 19.24
CA GLU C 242 -5.89 49.54 17.92
C GLU C 242 -5.01 50.28 16.92
N GLN C 243 -4.33 51.35 17.37
CA GLN C 243 -3.44 52.09 16.46
C GLN C 243 -2.36 51.20 15.89
N LEU C 244 -1.88 50.23 16.68
CA LEU C 244 -0.88 49.29 16.19
C LEU C 244 -1.45 48.44 15.06
N LYS C 245 -2.67 47.94 15.23
CA LYS C 245 -3.33 47.19 14.17
C LYS C 245 -3.43 48.01 12.89
N LEU C 246 -3.97 49.22 12.99
CA LEU C 246 -4.09 50.09 11.83
C LEU C 246 -2.73 50.34 11.20
N CYS C 247 -1.71 50.49 12.03
CA CYS C 247 -0.35 50.69 11.52
C CYS C 247 0.16 49.45 10.81
N VAL C 248 -0.15 48.27 11.35
CA VAL C 248 0.30 47.02 10.74
C VAL C 248 -0.24 46.90 9.31
N LEU C 249 -1.54 47.10 9.15
CA LEU C 249 -2.15 47.01 7.83
C LEU C 249 -1.50 47.99 6.86
N GLU C 250 -1.15 49.19 7.36
CA GLU C 250 -0.54 50.20 6.52
C GLU C 250 0.85 49.76 6.06
N TYR C 251 1.70 49.35 6.99
CA TYR C 251 3.08 49.05 6.64
C TYR C 251 3.20 47.71 5.91
N GLN C 252 2.43 46.69 6.32
CA GLN C 252 2.63 45.36 5.77
C GLN C 252 2.42 45.34 4.26
N GLY C 253 1.47 46.13 3.76
CA GLY C 253 1.24 46.17 2.33
C GLY C 253 2.26 46.95 1.55
N LYS C 254 3.07 47.75 2.22
CA LYS C 254 4.01 48.64 1.55
C LYS C 254 5.47 48.16 1.62
N TYR C 255 5.73 47.01 2.24
CA TYR C 255 7.07 46.46 2.28
C TYR C 255 7.08 45.05 1.69
N ILE C 256 8.29 44.59 1.36
CA ILE C 256 8.52 43.23 0.89
C ILE C 256 9.80 42.72 1.53
N LEU C 257 9.97 41.40 1.52
CA LEU C 257 11.14 40.75 2.06
C LEU C 257 12.05 40.28 0.93
N LYS C 258 13.36 40.44 1.14
CA LYS C 258 14.36 39.98 0.19
C LYS C 258 15.36 39.12 0.93
N VAL C 259 15.88 38.09 0.25
CA VAL C 259 16.92 37.28 0.85
C VAL C 259 18.20 38.10 0.93
N CYS C 260 18.88 38.04 2.07
CA CYS C 260 20.14 38.76 2.22
C CYS C 260 21.22 38.11 1.39
N GLY C 261 21.86 38.91 0.53
CA GLY C 261 22.98 38.47 -0.26
C GLY C 261 22.66 38.10 -1.70
N CYS C 262 21.39 38.12 -2.09
CA CYS C 262 21.03 37.75 -3.46
C CYS C 262 19.65 38.31 -3.75
N ASP C 263 19.29 38.28 -5.03
CA ASP C 263 18.06 38.91 -5.50
C ASP C 263 16.93 37.89 -5.65
N GLU C 264 16.54 37.32 -4.51
CA GLU C 264 15.35 36.48 -4.41
C GLU C 264 14.39 37.15 -3.44
N TYR C 265 13.18 37.42 -3.90
CA TYR C 265 12.19 38.17 -3.12
C TYR C 265 10.98 37.29 -2.82
N PHE C 266 10.34 37.57 -1.68
CA PHE C 266 9.14 36.86 -1.26
C PHE C 266 7.90 37.67 -1.66
N LEU C 267 7.61 37.63 -2.95
CA LEU C 267 6.54 38.47 -3.50
C LEU C 267 5.16 37.85 -3.41
N GLU C 268 5.05 36.57 -3.07
CA GLU C 268 3.76 35.88 -3.11
C GLU C 268 3.43 35.32 -1.75
N LYS C 269 2.14 35.07 -1.54
CA LYS C 269 1.61 34.60 -0.26
C LYS C 269 1.83 33.11 -0.02
N TYR C 270 3.00 32.58 -0.33
CA TYR C 270 3.25 31.20 0.05
C TYR C 270 3.70 31.17 1.51
N PRO C 271 3.44 30.07 2.22
CA PRO C 271 4.03 29.92 3.55
C PRO C 271 5.54 30.09 3.47
N LEU C 272 6.11 30.69 4.52
CA LEU C 272 7.54 31.00 4.50
C LEU C 272 8.37 29.74 4.24
N SER C 273 7.98 28.62 4.83
CA SER C 273 8.72 27.37 4.62
C SER C 273 8.60 26.86 3.19
N GLN C 274 7.59 27.29 2.44
CA GLN C 274 7.50 26.85 1.05
C GLN C 274 8.52 27.55 0.15
N TYR C 275 9.00 28.73 0.54
CA TYR C 275 10.06 29.38 -0.20
C TYR C 275 11.35 28.56 -0.08
N LYS C 276 12.02 28.33 -1.21
CA LYS C 276 13.14 27.40 -1.22
C LYS C 276 14.28 27.87 -0.32
N TYR C 277 14.52 29.18 -0.24
CA TYR C 277 15.60 29.65 0.62
C TYR C 277 15.33 29.32 2.08
N ILE C 278 14.07 29.43 2.51
CA ILE C 278 13.75 29.19 3.90
C ILE C 278 13.82 27.71 4.22
N ARG C 279 13.24 26.87 3.36
CA ARG C 279 13.24 25.44 3.62
C ARG C 279 14.67 24.91 3.70
N SER C 280 15.56 25.39 2.81
CA SER C 280 16.96 24.99 2.90
C SER C 280 17.58 25.41 4.23
N CYS C 281 17.25 26.61 4.71
CA CYS C 281 17.77 27.06 6.00
C CYS C 281 17.33 26.12 7.12
N ILE C 282 16.13 25.55 7.02
CA ILE C 282 15.69 24.57 8.01
C ILE C 282 16.47 23.27 7.84
N MET C 283 16.69 22.84 6.60
CA MET C 283 17.45 21.63 6.35
C MET C 283 18.84 21.74 6.95
N LEU C 284 19.54 22.84 6.64
CA LEU C 284 20.91 23.06 7.08
C LEU C 284 20.99 23.60 8.50
N GLY C 285 19.85 23.95 9.11
CA GLY C 285 19.92 24.55 10.43
C GLY C 285 20.49 25.95 10.45
N ARG C 286 20.51 26.62 9.30
CA ARG C 286 21.00 28.00 9.22
C ARG C 286 19.86 28.97 9.49
N MET C 287 20.17 30.06 10.15
CA MET C 287 19.09 30.99 10.47
C MET C 287 18.87 31.95 9.30
N PRO C 288 17.64 32.06 8.81
CA PRO C 288 17.40 32.90 7.63
C PRO C 288 17.66 34.37 7.92
N ASN C 289 18.35 35.03 7.00
CA ASN C 289 18.58 36.46 7.06
C ASN C 289 17.82 37.10 5.91
N LEU C 290 16.77 37.85 6.24
CA LEU C 290 15.96 38.53 5.24
C LEU C 290 16.11 40.04 5.40
N MET C 291 15.84 40.75 4.31
CA MET C 291 15.95 42.20 4.28
C MET C 291 14.59 42.82 4.04
N LEU C 292 14.20 43.74 4.91
CA LEU C 292 12.96 44.47 4.72
C LEU C 292 13.21 45.66 3.80
N MET C 293 12.33 45.82 2.82
CA MET C 293 12.53 46.79 1.75
C MET C 293 11.18 47.39 1.35
N ALA C 294 11.18 48.69 1.13
CA ALA C 294 9.95 49.35 0.65
C ALA C 294 9.67 48.95 -0.79
N LYS C 295 8.40 48.70 -1.09
CA LYS C 295 8.03 48.28 -2.44
C LYS C 295 8.46 49.31 -3.46
N GLU C 296 8.44 50.59 -3.09
CA GLU C 296 8.86 51.64 -4.01
C GLU C 296 10.34 51.51 -4.33
N SER C 297 11.15 51.12 -3.33
CA SER C 297 12.57 50.90 -3.57
C SER C 297 12.81 49.81 -4.59
N LEU C 298 12.01 48.75 -4.53
CA LEU C 298 12.12 47.70 -5.55
C LEU C 298 11.58 48.17 -6.89
N TYR C 299 10.45 48.87 -6.88
CA TYR C 299 9.82 49.32 -8.12
C TYR C 299 10.70 50.29 -8.90
N SER C 300 11.60 51.00 -8.20
CA SER C 300 12.53 51.89 -8.89
C SER C 300 13.59 51.14 -9.67
N GLN C 301 13.90 49.90 -9.30
CA GLN C 301 14.87 49.10 -10.01
C GLN C 301 14.34 48.54 -11.33
N LEU C 302 13.04 48.60 -11.56
CA LEU C 302 12.44 47.99 -12.74
C LEU C 302 12.20 49.03 -13.83
N PRO C 303 12.94 48.99 -14.94
CA PRO C 303 12.62 49.88 -16.06
C PRO C 303 11.42 49.36 -16.83
N MET C 304 10.73 50.28 -17.49
CA MET C 304 9.52 49.91 -18.24
C MET C 304 9.91 49.23 -19.54
N ASP C 305 9.50 47.98 -19.71
CA ASP C 305 9.84 47.18 -20.88
C ASP C 305 8.87 47.50 -22.02
N CYS C 306 9.37 48.14 -23.06
CA CYS C 306 8.57 48.47 -24.24
C CYS C 306 8.66 47.33 -25.25
N PHE C 307 7.54 46.63 -25.46
CA PHE C 307 7.43 45.66 -26.54
C PHE C 307 6.81 46.35 -27.75
N THR C 308 7.58 46.47 -28.81
CA THR C 308 7.15 47.13 -30.03
C THR C 308 7.02 46.11 -31.16
N MET C 309 5.94 46.23 -31.92
CA MET C 309 5.69 45.29 -33.00
C MET C 309 6.76 45.42 -34.08
N PRO C 310 7.36 44.32 -34.51
CA PRO C 310 8.45 44.39 -35.49
C PRO C 310 7.95 44.81 -36.86
N SER C 311 8.93 45.05 -37.75
CA SER C 311 8.63 45.58 -39.08
C SER C 311 7.89 44.57 -39.96
N TYR C 312 8.26 43.29 -39.88
CA TYR C 312 7.71 42.30 -40.81
C TYR C 312 6.25 41.95 -40.54
N SER C 313 5.66 42.44 -39.46
CA SER C 313 4.26 42.14 -39.16
C SER C 313 3.33 42.80 -40.18
N SER C 328 -9.35 25.79 -54.32
CA SER C 328 -9.79 24.46 -54.73
C SER C 328 -9.03 23.38 -53.97
N THR C 329 -9.74 22.63 -53.13
CA THR C 329 -9.14 21.57 -52.33
C THR C 329 -10.00 20.32 -52.34
N LYS C 330 -9.36 19.16 -52.42
CA LYS C 330 -10.00 17.87 -52.18
C LYS C 330 -9.53 17.33 -50.84
N SER C 331 -10.45 16.70 -50.11
CA SER C 331 -10.08 16.10 -48.84
C SER C 331 -9.20 14.88 -49.04
N LEU C 332 -8.36 14.60 -48.04
CA LEU C 332 -7.51 13.42 -48.09
C LEU C 332 -8.33 12.15 -48.23
N TRP C 333 -9.54 12.12 -47.68
CA TRP C 333 -10.34 10.90 -47.63
C TRP C 333 -11.13 10.65 -48.90
N VAL C 334 -11.09 11.55 -49.88
CA VAL C 334 -11.76 11.31 -51.15
C VAL C 334 -10.83 10.75 -52.21
N ILE C 335 -9.55 10.58 -51.89
CA ILE C 335 -8.56 10.09 -52.84
C ILE C 335 -8.59 8.56 -52.79
N ASN C 336 -9.08 7.95 -53.86
CA ASN C 336 -9.18 6.49 -53.96
C ASN C 336 -7.90 5.94 -54.61
N SER C 337 -6.82 5.99 -53.84
CA SER C 337 -5.51 5.59 -54.35
C SER C 337 -4.62 5.11 -53.23
N ALA C 338 -3.73 4.18 -53.57
CA ALA C 338 -2.67 3.78 -52.67
C ALA C 338 -1.54 4.81 -52.69
N LEU C 339 -0.73 4.79 -51.65
CA LEU C 339 0.39 5.72 -51.55
C LEU C 339 1.56 5.24 -52.41
N ARG C 340 2.11 6.13 -53.23
CA ARG C 340 3.28 5.81 -54.02
C ARG C 340 4.21 7.02 -54.08
N ILE C 341 5.52 6.77 -54.00
CA ILE C 341 6.53 7.81 -54.02
C ILE C 341 7.57 7.43 -55.07
N LYS C 342 7.98 8.40 -55.87
CA LYS C 342 8.96 8.19 -56.93
C LYS C 342 10.34 8.68 -56.49
N ILE C 343 11.32 7.79 -56.53
CA ILE C 343 12.73 8.15 -56.32
C ILE C 343 13.36 8.36 -57.67
N LEU C 344 13.75 9.59 -57.96
CA LEU C 344 14.30 9.95 -59.28
C LEU C 344 15.80 9.68 -59.34
N CYS C 345 16.59 10.46 -58.63
CA CYS C 345 18.04 10.34 -58.71
C CYS C 345 18.67 11.10 -57.55
N ALA C 346 19.92 10.75 -57.26
CA ALA C 346 20.74 11.45 -56.30
C ALA C 346 21.94 12.08 -57.00
N THR C 347 22.39 13.22 -56.47
CA THR C 347 23.52 13.91 -57.07
C THR C 347 24.79 13.05 -56.98
N TYR C 348 25.16 12.65 -55.76
CA TYR C 348 26.40 11.91 -55.57
C TYR C 348 26.35 11.20 -54.23
N VAL C 349 27.25 10.22 -54.07
CA VAL C 349 27.50 9.57 -52.79
C VAL C 349 28.99 9.32 -52.67
N ASN C 350 29.50 9.43 -51.44
CA ASN C 350 30.92 9.24 -51.18
C ASN C 350 31.16 7.77 -50.90
N VAL C 351 31.38 7.00 -51.96
CA VAL C 351 31.68 5.58 -51.85
C VAL C 351 32.86 5.24 -52.74
N ASN C 352 33.68 4.29 -52.29
CA ASN C 352 34.76 3.76 -53.09
C ASN C 352 34.20 2.63 -53.95
N ILE C 353 34.22 2.83 -55.27
CA ILE C 353 33.64 1.84 -56.18
C ILE C 353 34.31 0.48 -56.05
N ARG C 354 35.58 0.46 -55.63
CA ARG C 354 36.31 -0.80 -55.55
C ARG C 354 35.84 -1.67 -54.39
N ASP C 355 35.39 -1.06 -53.29
CA ASP C 355 34.98 -1.83 -52.12
C ASP C 355 33.48 -1.92 -51.92
N ILE C 356 32.70 -1.02 -52.53
CA ILE C 356 31.25 -1.04 -52.45
C ILE C 356 30.72 -1.46 -53.81
N ASP C 357 29.81 -2.44 -53.82
CA ASP C 357 29.36 -3.03 -55.07
C ASP C 357 28.29 -2.17 -55.75
N LYS C 358 27.17 -1.94 -55.07
CA LYS C 358 26.05 -1.20 -55.63
C LYS C 358 25.46 -0.31 -54.55
N ILE C 359 24.45 0.49 -54.92
CA ILE C 359 23.72 1.34 -53.97
C ILE C 359 22.23 1.21 -54.24
N TYR C 360 21.43 1.55 -53.23
CA TYR C 360 19.98 1.54 -53.36
C TYR C 360 19.37 2.48 -52.32
N VAL C 361 18.12 2.83 -52.54
CA VAL C 361 17.37 3.70 -51.64
C VAL C 361 16.37 2.86 -50.85
N ARG C 362 16.46 2.90 -49.53
CA ARG C 362 15.49 2.26 -48.66
C ARG C 362 14.54 3.32 -48.10
N THR C 363 13.24 3.07 -48.21
CA THR C 363 12.21 4.00 -47.77
C THR C 363 11.27 3.31 -46.79
N GLY C 364 10.55 4.12 -46.03
CA GLY C 364 9.54 3.62 -45.13
C GLY C 364 8.61 4.71 -44.66
N ILE C 365 7.32 4.39 -44.50
CA ILE C 365 6.32 5.34 -44.04
C ILE C 365 6.09 5.08 -42.56
N TYR C 366 6.51 6.01 -41.72
CA TYR C 366 6.50 5.83 -40.27
C TYR C 366 5.59 6.85 -39.61
N HIS C 367 4.99 6.44 -38.50
CA HIS C 367 4.27 7.34 -37.58
C HIS C 367 4.99 7.20 -36.24
N GLY C 368 5.79 8.20 -35.89
CA GLY C 368 6.61 8.08 -34.70
C GLY C 368 7.66 7.00 -34.92
N GLY C 369 7.68 6.02 -34.02
CA GLY C 369 8.62 4.92 -34.16
C GLY C 369 8.05 3.73 -34.92
N GLU C 370 6.73 3.69 -35.08
CA GLU C 370 6.09 2.54 -35.71
C GLU C 370 6.05 2.71 -37.23
N PRO C 371 6.55 1.74 -37.99
CA PRO C 371 6.33 1.77 -39.44
C PRO C 371 4.88 1.40 -39.72
N LEU C 372 4.26 2.14 -40.63
CA LEU C 372 2.85 1.92 -40.94
C LEU C 372 2.63 0.89 -42.03
N CYS C 373 3.68 0.48 -42.74
CA CYS C 373 3.56 -0.52 -43.80
C CYS C 373 4.92 -1.17 -43.99
N ASP C 374 4.99 -2.05 -44.97
CA ASP C 374 6.26 -2.70 -45.29
C ASP C 374 7.25 -1.67 -45.78
N ASN C 375 8.48 -1.74 -45.27
CA ASN C 375 9.53 -0.89 -45.81
C ASN C 375 9.82 -1.31 -47.25
N VAL C 376 9.98 -0.34 -48.13
CA VAL C 376 10.15 -0.60 -49.55
C VAL C 376 11.50 -0.05 -49.99
N ASN C 377 12.23 -0.85 -50.76
CA ASN C 377 13.53 -0.46 -51.29
C ASN C 377 13.44 -0.34 -52.80
N THR C 378 14.25 0.55 -53.37
CA THR C 378 14.35 0.67 -54.82
C THR C 378 15.27 -0.42 -55.35
N GLN C 379 15.28 -0.57 -56.67
CA GLN C 379 16.28 -1.44 -57.28
C GLN C 379 17.67 -0.88 -57.01
N ARG C 380 18.67 -1.76 -57.08
CA ARG C 380 20.05 -1.37 -56.90
C ARG C 380 20.64 -0.91 -58.23
N VAL C 381 21.42 0.17 -58.18
CA VAL C 381 22.11 0.68 -59.36
C VAL C 381 23.58 0.81 -59.02
N PRO C 382 24.45 0.83 -60.03
CA PRO C 382 25.88 0.99 -59.76
C PRO C 382 26.17 2.30 -59.05
N CYS C 383 27.22 2.27 -58.23
CA CYS C 383 27.59 3.45 -57.43
C CYS C 383 27.83 4.66 -58.32
N SER C 384 28.49 4.45 -59.47
CA SER C 384 28.87 5.58 -60.32
C SER C 384 27.68 6.23 -61.02
N ASN C 385 26.54 5.54 -61.11
CA ASN C 385 25.34 6.07 -61.77
C ASN C 385 24.18 5.97 -60.79
N PRO C 386 24.05 6.92 -59.87
CA PRO C 386 22.94 6.89 -58.89
C PRO C 386 21.63 7.45 -59.44
N ARG C 387 20.97 6.66 -60.27
CA ARG C 387 19.68 7.04 -60.84
C ARG C 387 18.74 5.85 -60.82
N TRP C 388 17.56 6.06 -60.21
CA TRP C 388 16.55 5.01 -60.11
C TRP C 388 15.32 5.30 -60.93
N ASN C 389 14.80 6.53 -60.88
CA ASN C 389 13.62 6.94 -61.63
C ASN C 389 12.48 5.93 -61.42
N GLU C 390 12.36 5.46 -60.17
CA GLU C 390 11.55 4.30 -59.84
C GLU C 390 10.41 4.68 -58.91
N TRP C 391 9.18 4.32 -59.31
CA TRP C 391 8.01 4.50 -58.47
C TRP C 391 7.90 3.35 -57.47
N LEU C 392 7.94 3.68 -56.18
CA LEU C 392 7.67 2.69 -55.14
C LEU C 392 6.21 2.75 -54.75
N ASN C 393 5.54 1.61 -54.78
CA ASN C 393 4.13 1.52 -54.39
C ASN C 393 4.04 0.96 -52.98
N TYR C 394 3.31 1.66 -52.11
CA TYR C 394 3.26 1.34 -50.70
C TYR C 394 1.98 0.60 -50.32
N ASP C 395 2.05 -0.09 -49.19
CA ASP C 395 0.93 -0.86 -48.62
C ASP C 395 0.08 0.01 -47.71
N ILE C 396 -0.34 1.18 -48.20
CA ILE C 396 -1.10 2.13 -47.40
C ILE C 396 -2.19 2.78 -48.25
N TYR C 397 -3.40 2.81 -47.72
CA TYR C 397 -4.51 3.57 -48.31
C TYR C 397 -4.32 5.04 -47.94
N ILE C 398 -4.39 5.93 -48.94
CA ILE C 398 -4.10 7.35 -48.70
C ILE C 398 -5.01 7.95 -47.64
N PRO C 399 -6.33 7.71 -47.63
CA PRO C 399 -7.14 8.22 -46.50
C PRO C 399 -6.75 7.64 -45.16
N ASP C 400 -6.10 6.47 -45.14
CA ASP C 400 -5.64 5.87 -43.89
C ASP C 400 -4.30 6.45 -43.43
N LEU C 401 -3.82 7.51 -44.08
CA LEU C 401 -2.55 8.11 -43.73
C LEU C 401 -2.72 9.04 -42.54
N PRO C 402 -2.02 8.81 -41.43
CA PRO C 402 -2.14 9.73 -40.29
C PRO C 402 -1.48 11.07 -40.56
N ARG C 403 -1.83 12.05 -39.73
CA ARG C 403 -1.32 13.40 -39.93
C ARG C 403 0.20 13.47 -39.72
N ALA C 404 0.71 12.72 -38.76
CA ALA C 404 2.14 12.68 -38.47
C ALA C 404 2.88 11.66 -39.33
N ALA C 405 2.30 11.27 -40.46
CA ALA C 405 2.98 10.34 -41.36
C ALA C 405 4.27 10.97 -41.87
N ARG C 406 5.33 10.16 -41.94
CA ARG C 406 6.63 10.63 -42.35
C ARG C 406 7.30 9.56 -43.21
N LEU C 407 7.86 9.99 -44.33
CA LEU C 407 8.72 9.12 -45.12
C LEU C 407 10.13 9.18 -44.56
N CYS C 408 10.68 8.02 -44.21
CA CYS C 408 12.04 7.92 -43.74
C CYS C 408 12.84 7.16 -44.79
N LEU C 409 13.81 7.83 -45.40
CA LEU C 409 14.61 7.23 -46.46
C LEU C 409 16.08 7.36 -46.14
N SER C 410 16.88 6.67 -46.95
CA SER C 410 18.33 6.71 -46.87
C SER C 410 18.91 6.06 -48.12
N ILE C 411 20.11 6.48 -48.49
CA ILE C 411 20.87 5.82 -49.55
C ILE C 411 21.74 4.77 -48.87
N CYS C 412 21.56 3.52 -49.26
CA CYS C 412 22.23 2.40 -48.62
C CYS C 412 23.23 1.75 -49.57
N SER C 413 24.41 1.46 -49.04
CA SER C 413 25.45 0.76 -49.77
C SER C 413 25.32 -0.73 -49.53
N VAL C 414 25.57 -1.52 -50.57
CA VAL C 414 25.55 -2.97 -50.49
C VAL C 414 26.92 -3.49 -50.90
N LYS C 415 27.51 -4.30 -50.04
CA LYS C 415 28.83 -4.88 -50.30
C LYS C 415 28.82 -6.39 -50.14
N GLU C 422 25.78 -10.96 -46.99
CA GLU C 422 25.65 -9.66 -47.64
C GLU C 422 25.67 -8.54 -46.60
N GLU C 423 26.28 -7.41 -46.95
CA GLU C 423 26.36 -6.25 -46.07
C GLU C 423 25.52 -5.09 -46.58
N HIS C 424 24.71 -4.50 -45.70
CA HIS C 424 23.97 -3.29 -46.01
C HIS C 424 24.37 -2.20 -45.02
N CYS C 425 24.64 -1.00 -45.53
CA CYS C 425 25.11 0.10 -44.70
C CYS C 425 24.49 1.42 -45.17
N PRO C 426 24.06 2.27 -44.24
CA PRO C 426 23.53 3.58 -44.62
C PRO C 426 24.65 4.57 -44.94
N LEU C 427 24.46 5.30 -46.03
CA LEU C 427 25.40 6.34 -46.47
C LEU C 427 24.94 7.73 -46.06
N ALA C 428 23.70 8.09 -46.39
CA ALA C 428 23.13 9.38 -46.05
C ALA C 428 21.62 9.21 -45.97
N TRP C 429 20.98 9.96 -45.07
CA TRP C 429 19.58 9.76 -44.77
C TRP C 429 18.83 11.08 -44.74
N GLY C 430 17.51 10.98 -44.82
CA GLY C 430 16.64 12.13 -44.72
C GLY C 430 15.20 11.73 -44.44
N ASN C 431 14.52 12.50 -43.60
CA ASN C 431 13.12 12.24 -43.27
C ASN C 431 12.29 13.45 -43.68
N ILE C 432 11.06 13.20 -44.11
CA ILE C 432 10.19 14.26 -44.61
C ILE C 432 8.78 14.07 -44.09
N ASN C 433 8.14 15.18 -43.72
CA ASN C 433 6.74 15.15 -43.35
C ASN C 433 5.87 15.00 -44.60
N LEU C 434 4.97 14.01 -44.59
CA LEU C 434 4.10 13.81 -45.73
C LEU C 434 2.97 14.85 -45.79
N PHE C 435 2.75 15.60 -44.72
CA PHE C 435 1.85 16.75 -44.71
C PHE C 435 2.63 17.97 -44.26
N ASP C 436 2.48 19.08 -44.97
CA ASP C 436 3.15 20.30 -44.54
C ASP C 436 2.39 20.94 -43.39
N TYR C 437 2.83 22.12 -42.97
CA TYR C 437 2.19 22.78 -41.84
C TYR C 437 0.81 23.34 -42.18
N THR C 438 0.46 23.41 -43.46
CA THR C 438 -0.83 23.93 -43.91
C THR C 438 -1.85 22.83 -44.15
N ASP C 439 -1.66 21.65 -43.56
CA ASP C 439 -2.53 20.49 -43.72
C ASP C 439 -2.59 19.99 -45.16
N THR C 440 -1.59 20.30 -45.97
CA THR C 440 -1.58 19.89 -47.37
C THR C 440 -0.71 18.65 -47.54
N LEU C 441 -1.24 17.65 -48.24
CA LEU C 441 -0.44 16.49 -48.58
C LEU C 441 0.62 16.90 -49.60
N VAL C 442 1.88 16.57 -49.31
CA VAL C 442 2.96 16.96 -50.22
C VAL C 442 2.69 16.42 -51.61
N SER C 443 3.02 17.22 -52.62
CA SER C 443 2.70 16.86 -53.99
C SER C 443 3.78 17.37 -54.92
N GLY C 444 3.90 16.72 -56.06
CA GLY C 444 4.85 17.11 -57.09
C GLY C 444 6.26 16.65 -56.76
N LYS C 445 7.20 17.13 -57.57
CA LYS C 445 8.59 16.74 -57.40
C LYS C 445 9.21 17.51 -56.25
N MET C 446 10.24 16.92 -55.64
CA MET C 446 10.83 17.50 -54.45
C MET C 446 12.27 17.00 -54.28
N ALA C 447 13.17 17.90 -53.89
CA ALA C 447 14.57 17.59 -53.66
C ALA C 447 14.89 17.69 -52.17
N LEU C 448 15.55 16.66 -51.64
CA LEU C 448 15.85 16.54 -50.21
C LEU C 448 17.35 16.33 -50.02
N ASN C 449 18.02 17.34 -49.47
CA ASN C 449 19.43 17.18 -49.12
C ASN C 449 19.56 16.28 -47.90
N LEU C 450 20.39 15.25 -48.02
CA LEU C 450 20.50 14.23 -46.99
C LEU C 450 21.50 14.63 -45.91
N TRP C 451 21.37 14.00 -44.74
CA TRP C 451 22.14 14.13 -43.52
C TRP C 451 23.15 12.99 -43.40
N PRO C 452 24.29 13.25 -42.75
CA PRO C 452 25.27 12.18 -42.54
C PRO C 452 24.77 11.19 -41.50
N VAL C 453 25.24 9.95 -41.63
CA VAL C 453 24.88 8.91 -40.66
C VAL C 453 25.49 9.27 -39.30
N PRO C 454 24.73 9.24 -38.22
CA PRO C 454 25.32 9.47 -36.90
C PRO C 454 26.36 8.42 -36.58
N HIS C 455 27.33 8.80 -35.76
CA HIS C 455 28.37 7.86 -35.35
C HIS C 455 27.76 6.69 -34.60
N GLY C 456 27.79 5.49 -35.20
CA GLY C 456 27.26 4.30 -34.58
C GLY C 456 25.89 3.89 -35.06
N LEU C 457 25.22 4.71 -35.86
CA LEU C 457 23.91 4.30 -36.40
C LEU C 457 24.15 3.25 -37.48
N GLU C 458 23.71 2.02 -37.21
CA GLU C 458 23.79 0.95 -38.18
C GLU C 458 22.45 0.65 -38.81
N ASP C 459 21.36 1.17 -38.26
CA ASP C 459 20.05 0.99 -38.86
C ASP C 459 20.04 1.64 -40.24
N LEU C 460 19.32 1.00 -41.16
CA LEU C 460 19.27 1.50 -42.54
C LEU C 460 18.37 2.73 -42.66
N LEU C 461 17.44 2.93 -41.73
CA LEU C 461 16.62 4.12 -41.67
C LEU C 461 16.81 4.79 -40.32
N ASN C 462 16.57 6.10 -40.27
CA ASN C 462 16.74 6.90 -39.06
C ASN C 462 15.49 7.72 -38.81
N PRO C 463 14.44 7.12 -38.27
CA PRO C 463 13.20 7.87 -38.03
C PRO C 463 13.28 8.84 -36.86
N ILE C 464 14.18 8.60 -35.91
CA ILE C 464 14.33 9.51 -34.78
C ILE C 464 15.10 10.76 -35.18
N GLY C 465 15.92 10.70 -36.23
CA GLY C 465 16.58 11.89 -36.71
C GLY C 465 15.59 12.95 -37.16
N VAL C 466 16.11 14.17 -37.29
CA VAL C 466 15.25 15.30 -37.64
C VAL C 466 14.65 15.09 -39.03
N THR C 467 13.42 15.56 -39.20
CA THR C 467 12.77 15.53 -40.50
C THR C 467 12.91 16.89 -41.15
N GLY C 468 13.15 16.88 -42.46
CA GLY C 468 13.43 18.10 -43.19
C GLY C 468 14.80 18.05 -43.83
N SER C 469 15.05 18.92 -44.79
CA SER C 469 16.31 18.91 -45.53
C SER C 469 17.46 19.50 -44.70
N ASN C 470 18.65 19.00 -44.98
CA ASN C 470 19.87 19.55 -44.41
C ASN C 470 20.06 20.96 -44.95
N PRO C 471 20.16 21.99 -44.11
CA PRO C 471 20.44 23.33 -44.63
C PRO C 471 21.74 23.40 -45.39
N ASN C 472 22.68 22.48 -45.14
CA ASN C 472 23.93 22.41 -45.88
C ASN C 472 23.65 21.74 -47.22
N LYS C 473 23.45 22.55 -48.25
CA LYS C 473 23.13 22.04 -49.58
C LYS C 473 24.34 21.44 -50.30
N GLU C 474 25.53 21.45 -49.69
CA GLU C 474 26.70 20.80 -50.26
C GLU C 474 26.78 19.33 -49.88
N THR C 475 25.64 18.67 -49.73
CA THR C 475 25.51 17.28 -49.33
C THR C 475 24.77 16.52 -50.42
N PRO C 476 24.76 15.19 -50.40
CA PRO C 476 23.97 14.44 -51.38
C PRO C 476 22.51 14.88 -51.43
N CYS C 477 22.04 15.20 -52.63
CA CYS C 477 20.69 15.71 -52.84
C CYS C 477 19.88 14.70 -53.63
N LEU C 478 18.83 14.15 -53.00
CA LEU C 478 17.97 13.15 -53.61
C LEU C 478 16.69 13.81 -54.11
N GLU C 479 16.36 13.58 -55.38
CA GLU C 479 15.15 14.11 -56.00
C GLU C 479 14.03 13.09 -55.93
N LEU C 480 12.89 13.49 -55.38
CA LEU C 480 11.70 12.66 -55.26
C LEU C 480 10.55 13.32 -56.00
N GLU C 481 9.48 12.53 -56.22
CA GLU C 481 8.25 13.04 -56.81
C GLU C 481 7.05 12.38 -56.16
N PHE C 482 6.14 13.21 -55.65
CA PHE C 482 4.90 12.73 -55.07
C PHE C 482 3.76 12.98 -56.06
N ASP C 483 2.64 12.29 -55.82
CA ASP C 483 1.55 12.27 -56.78
C ASP C 483 0.72 13.54 -56.74
N TRP C 484 -0.06 13.74 -57.81
CA TRP C 484 -0.94 14.89 -58.00
C TRP C 484 -2.33 14.40 -58.34
N PHE C 485 -3.34 14.94 -57.68
CA PHE C 485 -4.72 14.48 -57.81
C PHE C 485 -5.63 15.58 -58.33
N SER C 486 -5.15 16.34 -59.32
CA SER C 486 -5.91 17.38 -60.01
C SER C 486 -6.34 18.54 -59.11
N SER C 487 -5.96 18.50 -57.83
CA SER C 487 -6.29 19.58 -56.90
C SER C 487 -5.42 19.43 -55.67
N VAL C 488 -5.38 20.50 -54.87
CA VAL C 488 -4.63 20.49 -53.63
C VAL C 488 -5.30 19.55 -52.64
N VAL C 489 -4.53 18.61 -52.10
CA VAL C 489 -5.05 17.62 -51.15
C VAL C 489 -4.82 18.13 -49.74
N LYS C 490 -5.89 18.17 -48.95
CA LYS C 490 -5.86 18.66 -47.58
C LYS C 490 -6.30 17.57 -46.60
N PHE C 491 -5.63 17.53 -45.45
CA PHE C 491 -6.08 16.66 -44.37
C PHE C 491 -7.46 17.10 -43.89
N PRO C 492 -8.36 16.16 -43.60
CA PRO C 492 -9.72 16.56 -43.22
C PRO C 492 -9.75 17.33 -41.90
N ASP C 493 -10.70 18.25 -41.81
CA ASP C 493 -10.88 19.01 -40.58
C ASP C 493 -11.33 18.11 -39.45
N MET C 494 -11.19 18.60 -38.22
CA MET C 494 -11.47 17.76 -37.06
C MET C 494 -12.95 17.40 -36.96
N SER C 495 -13.84 18.26 -37.44
CA SER C 495 -15.26 17.97 -37.37
C SER C 495 -15.62 16.78 -38.26
N VAL C 496 -14.99 16.69 -39.43
CA VAL C 496 -15.30 15.59 -40.35
C VAL C 496 -14.86 14.27 -39.77
N ILE C 497 -13.69 14.24 -39.14
CA ILE C 497 -13.19 13.02 -38.51
C ILE C 497 -14.09 12.61 -37.36
N GLU C 498 -14.58 13.59 -36.59
CA GLU C 498 -15.39 13.30 -35.42
C GLU C 498 -16.71 12.65 -35.79
N GLU C 499 -17.41 13.18 -36.80
CA GLU C 499 -18.68 12.58 -37.20
C GLU C 499 -18.48 11.16 -37.72
N HIS C 500 -17.44 10.94 -38.53
CA HIS C 500 -17.15 9.59 -38.99
C HIS C 500 -16.89 8.66 -37.82
N ALA C 501 -16.18 9.14 -36.79
CA ALA C 501 -15.93 8.33 -35.61
C ALA C 501 -17.20 8.11 -34.81
N ASN C 502 -18.05 9.14 -34.71
CA ASN C 502 -19.33 8.98 -34.03
C ASN C 502 -20.23 7.97 -34.75
N TRP C 503 -20.18 7.93 -36.08
CA TRP C 503 -20.89 6.89 -36.82
C TRP C 503 -20.29 5.52 -36.58
N SER C 504 -18.97 5.47 -36.33
CA SER C 504 -18.29 4.21 -36.07
C SER C 504 -18.79 3.57 -34.78
N ARG C 521 -11.33 -7.46 -31.61
CA ARG C 521 -10.71 -6.32 -30.94
C ARG C 521 -11.77 -5.30 -30.50
N LEU C 522 -12.96 -5.79 -30.18
CA LEU C 522 -14.07 -4.96 -29.74
C LEU C 522 -14.76 -5.64 -28.57
N ALA C 523 -15.33 -4.83 -27.67
CA ALA C 523 -16.00 -5.36 -26.50
C ALA C 523 -17.18 -4.47 -26.14
N ARG C 524 -18.24 -5.09 -25.64
CA ARG C 524 -19.43 -4.39 -25.22
C ARG C 524 -19.32 -4.05 -23.73
N ASP C 525 -20.36 -3.42 -23.19
CA ASP C 525 -20.32 -3.00 -21.80
C ASP C 525 -20.38 -4.19 -20.85
N ASN C 526 -20.99 -5.31 -21.27
CA ASN C 526 -21.06 -6.49 -20.43
C ASN C 526 -20.02 -7.54 -20.77
N GLU C 527 -19.04 -7.21 -21.61
CA GLU C 527 -17.90 -8.08 -21.85
C GLU C 527 -16.72 -7.81 -20.93
N LEU C 528 -16.85 -6.85 -20.01
CA LEU C 528 -15.75 -6.48 -19.12
C LEU C 528 -15.70 -7.49 -17.98
N ARG C 529 -14.88 -8.52 -18.17
CA ARG C 529 -14.71 -9.58 -17.19
C ARG C 529 -13.82 -9.11 -16.04
N GLU C 530 -13.72 -9.96 -15.01
CA GLU C 530 -12.87 -9.61 -13.87
C GLU C 530 -11.39 -9.82 -14.17
N ASN C 531 -11.07 -10.77 -15.05
CA ASN C 531 -9.70 -10.91 -15.54
C ASN C 531 -9.23 -9.63 -16.23
N ASP C 532 -10.13 -8.94 -16.93
CA ASP C 532 -9.74 -7.79 -17.73
C ASP C 532 -9.32 -6.60 -16.87
N LYS C 533 -10.06 -6.30 -15.81
CA LYS C 533 -9.74 -5.12 -15.00
C LYS C 533 -8.38 -5.26 -14.33
N GLU C 534 -8.11 -6.42 -13.73
CA GLU C 534 -6.82 -6.65 -13.10
C GLU C 534 -5.69 -6.51 -14.11
N GLN C 535 -5.91 -6.98 -15.34
CA GLN C 535 -4.83 -6.97 -16.33
C GLN C 535 -4.57 -5.56 -16.82
N LEU C 536 -5.63 -4.76 -16.98
CA LEU C 536 -5.48 -3.36 -17.37
C LEU C 536 -4.72 -2.56 -16.33
N LYS C 537 -4.96 -2.82 -15.05
CA LYS C 537 -4.26 -2.11 -13.99
C LYS C 537 -2.77 -2.47 -13.96
N ALA C 538 -2.46 -3.76 -14.10
CA ALA C 538 -1.06 -4.18 -14.11
C ALA C 538 -0.33 -3.64 -15.32
N ILE C 539 -1.01 -3.56 -16.46
CA ILE C 539 -0.39 -3.05 -17.69
C ILE C 539 -0.05 -1.57 -17.54
N SER C 540 -0.94 -0.79 -16.92
CA SER C 540 -0.69 0.63 -16.77
C SER C 540 0.55 0.92 -15.94
N THR C 541 0.86 0.05 -14.98
CA THR C 541 2.02 0.28 -14.11
C THR C 541 3.34 -0.04 -14.79
N ARG C 542 3.33 -0.85 -15.85
CA ARG C 542 4.55 -1.18 -16.56
C ARG C 542 5.10 0.05 -17.28
N ASP C 543 6.43 0.16 -17.31
CA ASP C 543 7.09 1.37 -17.78
C ASP C 543 6.93 1.56 -19.29
N PRO C 544 7.16 2.77 -19.80
CA PRO C 544 7.03 3.00 -21.26
C PRO C 544 7.99 2.16 -22.09
N LEU C 545 9.09 1.69 -21.52
CA LEU C 545 10.03 0.85 -22.24
C LEU C 545 9.75 -0.63 -22.05
N SER C 546 8.70 -0.98 -21.33
CA SER C 546 8.29 -2.37 -21.24
C SER C 546 7.70 -2.80 -22.57
N GLU C 547 8.08 -3.99 -23.00
CA GLU C 547 7.57 -4.53 -24.26
C GLU C 547 6.08 -4.79 -24.16
N ILE C 548 5.33 -4.34 -25.17
CA ILE C 548 3.90 -4.54 -25.25
C ILE C 548 3.61 -5.43 -26.45
N THR C 549 3.16 -6.65 -26.18
CA THR C 549 2.94 -7.64 -27.23
C THR C 549 1.81 -7.20 -28.15
N GLU C 550 1.72 -7.89 -29.30
CA GLU C 550 0.67 -7.59 -30.25
C GLU C 550 -0.70 -7.94 -29.70
N GLN C 551 -0.78 -8.91 -28.80
CA GLN C 551 -2.05 -9.21 -28.14
C GLN C 551 -2.52 -8.04 -27.29
N GLU C 552 -1.61 -7.49 -26.47
CA GLU C 552 -1.99 -6.38 -25.61
C GLU C 552 -2.41 -5.15 -26.41
N LYS C 553 -1.78 -4.92 -27.56
CA LYS C 553 -2.27 -3.87 -28.46
C LYS C 553 -3.74 -4.09 -28.79
N ASP C 554 -4.11 -5.32 -29.14
CA ASP C 554 -5.51 -5.64 -29.42
C ASP C 554 -6.36 -5.54 -28.17
N PHE C 555 -5.83 -5.96 -27.02
CA PHE C 555 -6.60 -5.95 -25.78
C PHE C 555 -6.96 -4.54 -25.36
N LEU C 556 -5.97 -3.65 -25.27
CA LEU C 556 -6.24 -2.28 -24.85
C LEU C 556 -7.24 -1.62 -25.79
N TRP C 557 -7.14 -1.88 -27.09
CA TRP C 557 -8.06 -1.27 -28.03
C TRP C 557 -9.47 -1.79 -27.85
N SER C 558 -9.62 -3.09 -27.56
CA SER C 558 -10.95 -3.67 -27.37
C SER C 558 -11.67 -3.01 -26.20
N HIS C 559 -10.95 -2.73 -25.13
CA HIS C 559 -11.51 -2.06 -23.96
C HIS C 559 -11.09 -0.59 -23.91
N ARG C 560 -10.95 0.04 -25.08
CA ARG C 560 -10.52 1.43 -25.15
C ARG C 560 -11.48 2.35 -24.40
N HIS C 561 -12.78 2.00 -24.36
CA HIS C 561 -13.72 2.85 -23.65
C HIS C 561 -13.62 2.69 -22.14
N TYR C 562 -13.30 1.48 -21.67
CA TYR C 562 -13.08 1.26 -20.24
C TYR C 562 -11.78 1.87 -19.75
N CYS C 563 -10.85 2.19 -20.65
CA CYS C 563 -9.58 2.79 -20.26
C CYS C 563 -9.74 4.18 -19.64
N VAL C 564 -10.80 4.90 -20.00
CA VAL C 564 -11.02 6.25 -19.44
C VAL C 564 -10.98 6.24 -17.92
N THR C 565 -11.57 5.21 -17.30
CA THR C 565 -11.53 5.13 -15.83
C THR C 565 -10.14 4.90 -15.29
N ILE C 566 -9.17 4.60 -16.14
CA ILE C 566 -7.78 4.45 -15.71
C ILE C 566 -6.95 5.27 -16.69
N PRO C 567 -6.92 6.60 -16.53
CA PRO C 567 -6.37 7.46 -17.58
C PRO C 567 -4.88 7.28 -17.85
N GLU C 568 -4.09 6.98 -16.82
CA GLU C 568 -2.64 6.88 -16.95
C GLU C 568 -2.20 5.79 -17.93
N ILE C 569 -3.10 4.88 -18.34
CA ILE C 569 -2.76 3.86 -19.32
C ILE C 569 -2.72 4.44 -20.72
N LEU C 570 -3.00 5.73 -20.88
CA LEU C 570 -3.11 6.35 -22.20
C LEU C 570 -1.89 6.16 -23.10
N PRO C 571 -0.64 6.30 -22.64
CA PRO C 571 0.48 6.02 -23.54
C PRO C 571 0.42 4.63 -24.15
N LYS C 572 0.06 3.62 -23.35
CA LYS C 572 -0.06 2.26 -23.89
C LYS C 572 -1.21 2.15 -24.89
N LEU C 573 -2.34 2.80 -24.59
CA LEU C 573 -3.47 2.75 -25.52
C LEU C 573 -3.14 3.47 -26.82
N LEU C 574 -2.45 4.61 -26.73
CA LEU C 574 -2.12 5.36 -27.94
C LEU C 574 -1.23 4.54 -28.86
N LEU C 575 -0.27 3.80 -28.29
CA LEU C 575 0.59 2.93 -29.09
C LEU C 575 -0.14 1.68 -29.58
N SER C 576 -1.33 1.40 -29.06
CA SER C 576 -2.08 0.22 -29.45
C SER C 576 -3.05 0.49 -30.58
N VAL C 577 -3.15 1.74 -31.03
CA VAL C 577 -4.02 2.06 -32.15
C VAL C 577 -3.30 1.70 -33.45
N LYS C 578 -4.07 1.26 -34.44
CA LYS C 578 -3.53 1.09 -35.79
C LYS C 578 -3.56 2.46 -36.45
N TRP C 579 -2.46 3.20 -36.31
CA TRP C 579 -2.38 4.54 -36.88
C TRP C 579 -2.56 4.52 -38.39
N ASN C 580 -2.37 3.36 -39.03
CA ASN C 580 -2.65 3.19 -40.45
C ASN C 580 -4.12 2.87 -40.72
N SER C 581 -5.01 3.14 -39.78
CA SER C 581 -6.44 2.90 -39.96
C SER C 581 -7.20 4.12 -39.44
N ARG C 582 -7.76 4.91 -40.36
CA ARG C 582 -8.47 6.11 -39.96
C ARG C 582 -9.67 5.79 -39.08
N ASP C 583 -10.27 4.61 -39.24
CA ASP C 583 -11.39 4.24 -38.38
C ASP C 583 -10.97 4.12 -36.93
N GLU C 584 -9.85 3.43 -36.67
CA GLU C 584 -9.32 3.36 -35.31
C GLU C 584 -8.79 4.72 -34.88
N VAL C 585 -8.13 5.43 -35.78
CA VAL C 585 -7.59 6.75 -35.46
C VAL C 585 -8.72 7.71 -35.09
N ALA C 586 -9.79 7.72 -35.89
CA ALA C 586 -10.93 8.58 -35.61
C ALA C 586 -11.53 8.28 -34.24
N GLN C 587 -11.73 7.00 -33.93
CA GLN C 587 -12.23 6.63 -32.62
C GLN C 587 -11.26 7.08 -31.53
N MET C 588 -9.95 6.98 -31.80
CA MET C 588 -8.99 7.45 -30.82
C MET C 588 -9.06 8.96 -30.64
N TYR C 589 -9.27 9.70 -31.74
CA TYR C 589 -9.40 11.15 -31.64
C TYR C 589 -10.53 11.54 -30.69
N CYS C 590 -11.69 10.87 -30.80
CA CYS C 590 -12.79 11.19 -29.91
C CYS C 590 -12.45 10.85 -28.46
N LEU C 591 -11.77 9.72 -28.24
CA LEU C 591 -11.34 9.38 -26.89
C LEU C 591 -10.35 10.40 -26.34
N VAL C 592 -9.54 11.00 -27.22
CA VAL C 592 -8.58 11.99 -26.77
C VAL C 592 -9.28 13.29 -26.39
N LYS C 593 -10.30 13.67 -27.16
CA LYS C 593 -11.02 14.91 -26.92
C LYS C 593 -11.65 14.95 -25.53
N ASP C 594 -12.01 13.79 -24.97
CA ASP C 594 -12.67 13.72 -23.68
C ASP C 594 -11.83 13.03 -22.61
N TRP C 595 -10.56 12.80 -22.86
CA TRP C 595 -9.74 12.08 -21.90
C TRP C 595 -9.52 12.92 -20.64
N PRO C 596 -9.56 12.31 -19.46
CA PRO C 596 -9.28 13.05 -18.23
C PRO C 596 -7.85 13.56 -18.23
N PRO C 597 -7.61 14.77 -17.70
CA PRO C 597 -6.23 15.27 -17.61
C PRO C 597 -5.42 14.41 -16.65
N ILE C 598 -4.19 14.10 -17.06
CA ILE C 598 -3.29 13.29 -16.27
C ILE C 598 -2.20 14.20 -15.70
N LYS C 599 -1.46 13.66 -14.73
CA LYS C 599 -0.39 14.42 -14.09
C LYS C 599 0.62 14.87 -15.14
N PRO C 600 1.29 16.01 -14.93
CA PRO C 600 2.28 16.47 -15.91
C PRO C 600 3.40 15.47 -16.15
N GLU C 601 3.90 14.85 -15.07
CA GLU C 601 5.00 13.90 -15.19
C GLU C 601 4.63 12.69 -16.04
N GLN C 602 3.35 12.48 -16.32
CA GLN C 602 2.89 11.45 -17.23
C GLN C 602 2.51 12.01 -18.60
N ALA C 603 2.08 13.27 -18.65
CA ALA C 603 1.75 13.89 -19.92
C ALA C 603 2.99 14.21 -20.74
N MET C 604 4.14 14.39 -20.06
CA MET C 604 5.36 14.74 -20.77
C MET C 604 5.79 13.64 -21.75
N GLU C 605 5.53 12.37 -21.40
CA GLU C 605 5.84 11.27 -22.31
C GLU C 605 5.17 11.47 -23.66
N LEU C 606 3.95 11.99 -23.67
CA LEU C 606 3.24 12.21 -24.92
C LEU C 606 3.84 13.35 -25.74
N LEU C 607 4.94 13.94 -25.29
CA LEU C 607 5.64 14.96 -26.05
C LEU C 607 6.93 14.47 -26.69
N ASP C 608 7.35 13.24 -26.40
CA ASP C 608 8.61 12.73 -26.96
C ASP C 608 8.38 12.28 -28.40
N CYS C 609 9.39 11.62 -28.96
CA CYS C 609 9.37 11.22 -30.37
C CYS C 609 8.40 10.09 -30.67
N ASN C 610 7.82 9.47 -29.65
CA ASN C 610 6.93 8.33 -29.89
C ASN C 610 5.53 8.76 -30.26
N TYR C 611 5.09 9.93 -29.81
CA TYR C 611 3.72 10.40 -29.97
C TYR C 611 3.73 11.67 -30.80
N PRO C 612 3.88 11.56 -32.12
CA PRO C 612 3.95 12.77 -32.96
C PRO C 612 2.60 13.34 -33.36
N ASP C 613 1.51 12.62 -33.13
CA ASP C 613 0.20 13.09 -33.57
C ASP C 613 -0.14 14.41 -32.90
N PRO C 614 -0.64 15.41 -33.64
CA PRO C 614 -0.88 16.72 -33.01
C PRO C 614 -1.94 16.69 -31.93
N MET C 615 -2.99 15.89 -32.09
CA MET C 615 -4.04 15.85 -31.08
C MET C 615 -3.52 15.28 -29.77
N VAL C 616 -2.68 14.24 -29.85
CA VAL C 616 -2.08 13.70 -28.63
C VAL C 616 -1.22 14.76 -27.94
N ARG C 617 -0.34 15.41 -28.70
CA ARG C 617 0.49 16.46 -28.13
C ARG C 617 -0.37 17.65 -27.70
N GLY C 618 -1.40 17.97 -28.48
CA GLY C 618 -2.33 19.02 -28.07
C GLY C 618 -2.97 18.73 -26.73
N PHE C 619 -3.40 17.49 -26.52
CA PHE C 619 -3.85 17.08 -25.21
C PHE C 619 -2.74 17.19 -24.17
N ALA C 620 -1.52 16.81 -24.54
CA ALA C 620 -0.41 16.81 -23.60
C ALA C 620 -0.11 18.23 -23.11
N VAL C 621 -0.07 19.20 -24.02
CA VAL C 621 0.23 20.57 -23.63
C VAL C 621 -0.87 21.13 -22.74
N ARG C 622 -2.12 20.77 -23.01
CA ARG C 622 -3.22 21.28 -22.20
C ARG C 622 -3.13 20.79 -20.76
N CYS C 623 -2.61 19.58 -20.54
CA CYS C 623 -2.35 19.13 -19.18
C CYS C 623 -1.32 20.03 -18.50
N LEU C 624 -0.35 20.51 -19.27
CA LEU C 624 0.67 21.39 -18.70
C LEU C 624 0.11 22.78 -18.43
N GLU C 625 -0.70 23.31 -19.35
CA GLU C 625 -1.32 24.61 -19.12
C GLU C 625 -2.15 24.62 -17.85
N LYS C 626 -2.76 23.48 -17.52
CA LYS C 626 -3.70 23.39 -16.42
C LYS C 626 -3.06 22.95 -15.11
N TYR C 627 -2.05 22.08 -15.15
CA TYR C 627 -1.50 21.48 -13.95
C TYR C 627 0.00 21.70 -13.71
N LEU C 628 0.77 22.09 -14.73
CA LEU C 628 2.22 22.16 -14.60
C LEU C 628 2.62 23.41 -13.80
N THR C 629 3.06 23.20 -12.56
CA THR C 629 3.55 24.30 -11.75
C THR C 629 4.84 24.85 -12.35
N ASP C 630 5.04 26.16 -12.18
CA ASP C 630 6.24 26.80 -12.71
C ASP C 630 7.51 26.25 -12.06
N ASP C 631 7.40 25.74 -10.82
CA ASP C 631 8.55 25.07 -10.22
C ASP C 631 8.92 23.84 -11.03
N LYS C 632 7.95 22.95 -11.26
CA LYS C 632 8.20 21.76 -12.05
C LYS C 632 8.59 22.13 -13.48
N LEU C 633 8.02 23.20 -14.02
CA LEU C 633 8.40 23.63 -15.36
C LEU C 633 9.89 23.94 -15.44
N SER C 634 10.42 24.69 -14.47
CA SER C 634 11.86 24.93 -14.43
C SER C 634 12.62 23.62 -14.29
N GLN C 635 12.09 22.70 -13.49
CA GLN C 635 12.76 21.43 -13.25
C GLN C 635 12.78 20.56 -14.49
N TYR C 636 11.72 20.62 -15.32
CA TYR C 636 11.66 19.86 -16.56
C TYR C 636 11.87 20.74 -17.79
N LEU C 637 12.38 21.96 -17.62
CA LEU C 637 12.54 22.84 -18.78
C LEU C 637 13.55 22.28 -19.77
N ILE C 638 14.57 21.56 -19.27
CA ILE C 638 15.59 20.99 -20.14
C ILE C 638 14.96 19.98 -21.10
N GLN C 639 14.17 19.04 -20.57
CA GLN C 639 13.50 18.06 -21.42
C GLN C 639 12.48 18.69 -22.35
N LEU C 640 11.81 19.76 -21.89
CA LEU C 640 10.73 20.33 -22.68
C LEU C 640 11.23 21.13 -23.89
N VAL C 641 12.44 21.70 -23.82
CA VAL C 641 12.97 22.32 -25.03
C VAL C 641 13.50 21.28 -25.99
N GLN C 642 14.06 20.19 -25.48
CA GLN C 642 14.64 19.17 -26.34
C GLN C 642 13.59 18.56 -27.26
N VAL C 643 12.44 18.20 -26.69
CA VAL C 643 11.38 17.56 -27.47
C VAL C 643 10.82 18.47 -28.55
N LEU C 644 11.15 19.76 -28.53
CA LEU C 644 10.72 20.65 -29.60
C LEU C 644 11.26 20.20 -30.96
N LYS C 645 12.34 19.42 -30.97
CA LYS C 645 12.93 18.93 -32.21
C LYS C 645 12.02 17.93 -32.92
N TYR C 646 11.08 17.31 -32.20
CA TYR C 646 10.23 16.28 -32.76
C TYR C 646 8.87 16.80 -33.23
N GLU C 647 8.56 18.07 -33.00
CA GLU C 647 7.35 18.64 -33.57
C GLU C 647 7.46 18.63 -35.09
N GLN C 648 6.33 18.39 -35.77
CA GLN C 648 6.35 18.38 -37.23
C GLN C 648 6.66 19.75 -37.80
N TYR C 649 6.14 20.82 -37.18
CA TYR C 649 6.20 22.14 -37.76
C TYR C 649 6.72 23.14 -36.73
N LEU C 650 7.05 24.34 -37.21
CA LEU C 650 7.62 25.35 -36.33
C LEU C 650 6.58 25.93 -35.39
N ASP C 651 5.40 26.27 -35.91
CA ASP C 651 4.33 26.81 -35.08
C ASP C 651 3.51 25.63 -34.57
N ASN C 652 3.58 25.38 -33.27
CA ASN C 652 2.85 24.28 -32.65
C ASN C 652 2.48 24.66 -31.23
N LEU C 653 1.63 23.84 -30.61
CA LEU C 653 1.11 24.17 -29.29
C LEU C 653 2.19 24.13 -28.21
N LEU C 654 3.19 23.26 -28.35
CA LEU C 654 4.19 23.16 -27.30
C LEU C 654 5.11 24.37 -27.25
N VAL C 655 5.57 24.83 -28.42
CA VAL C 655 6.47 25.98 -28.45
C VAL C 655 5.75 27.24 -27.98
N ARG C 656 4.45 27.35 -28.25
CA ARG C 656 3.70 28.50 -27.79
C ARG C 656 3.57 28.48 -26.27
N PHE C 657 3.26 27.31 -25.70
CA PHE C 657 3.19 27.19 -24.25
C PHE C 657 4.54 27.49 -23.61
N LEU C 658 5.62 27.07 -24.25
CA LEU C 658 6.94 27.30 -23.70
C LEU C 658 7.34 28.77 -23.80
N LEU C 659 7.05 29.41 -24.92
CA LEU C 659 7.45 30.80 -25.09
C LEU C 659 6.72 31.71 -24.11
N LYS C 660 5.38 31.63 -24.09
CA LYS C 660 4.59 32.47 -23.19
C LYS C 660 5.02 32.29 -21.75
N LYS C 661 5.22 31.03 -21.32
CA LYS C 661 5.76 30.80 -19.98
C LYS C 661 7.10 31.52 -19.80
N ALA C 662 7.98 31.41 -20.80
CA ALA C 662 9.26 32.11 -20.74
C ALA C 662 9.06 33.63 -20.75
N LEU C 663 8.08 34.11 -21.50
CA LEU C 663 7.83 35.53 -21.62
C LEU C 663 7.06 36.12 -20.44
N THR C 664 6.56 35.29 -19.53
CA THR C 664 5.86 35.78 -18.34
C THR C 664 6.57 35.44 -17.04
N ASN C 665 7.58 34.58 -17.08
CA ASN C 665 8.42 34.29 -15.92
C ASN C 665 9.86 34.43 -16.36
N GLN C 666 10.55 35.45 -15.85
CA GLN C 666 11.90 35.74 -16.33
C GLN C 666 12.90 34.69 -15.90
N ARG C 667 12.75 34.14 -14.68
CA ARG C 667 13.64 33.05 -14.29
C ARG C 667 13.44 31.87 -15.21
N ILE C 668 12.18 31.56 -15.54
CA ILE C 668 11.90 30.56 -16.56
C ILE C 668 12.46 31.02 -17.90
N GLY C 669 12.21 32.28 -18.25
CA GLY C 669 12.72 32.80 -19.51
C GLY C 669 14.23 32.78 -19.60
N HIS C 670 14.91 32.98 -18.48
CA HIS C 670 16.38 32.99 -18.49
C HIS C 670 16.93 31.65 -18.95
N PHE C 671 16.56 30.57 -18.25
CA PHE C 671 17.07 29.26 -18.63
C PHE C 671 16.45 28.77 -19.93
N PHE C 672 15.24 29.23 -20.25
CA PHE C 672 14.72 28.98 -21.59
C PHE C 672 15.65 29.55 -22.64
N PHE C 673 16.26 30.71 -22.36
CA PHE C 673 17.20 31.31 -23.29
C PHE C 673 18.45 30.46 -23.47
N TRP C 674 19.16 30.19 -22.37
CA TRP C 674 20.44 29.50 -22.46
C TRP C 674 20.27 28.09 -23.03
N HIS C 675 19.22 27.38 -22.62
CA HIS C 675 19.01 26.04 -23.16
C HIS C 675 18.81 26.09 -24.67
N LEU C 676 18.07 27.08 -25.16
CA LEU C 676 17.98 27.28 -26.60
C LEU C 676 19.31 27.71 -27.19
N LYS C 677 19.99 28.66 -26.53
CA LYS C 677 21.23 29.21 -27.06
C LYS C 677 22.33 28.16 -27.17
N SER C 678 22.56 27.41 -26.10
CA SER C 678 23.67 26.46 -26.04
C SER C 678 23.67 25.44 -27.18
N GLU C 679 22.56 25.30 -27.91
CA GLU C 679 22.49 24.36 -29.02
C GLU C 679 22.30 25.04 -30.37
N MET C 680 22.54 26.35 -30.46
CA MET C 680 22.47 27.04 -31.74
C MET C 680 23.55 26.55 -32.70
N HIS C 681 24.66 26.00 -32.19
CA HIS C 681 25.69 25.46 -33.07
C HIS C 681 25.18 24.24 -33.84
N ASN C 682 24.28 23.47 -33.25
CA ASN C 682 23.81 22.24 -33.88
C ASN C 682 22.87 22.61 -35.02
N LYS C 683 23.31 22.37 -36.26
CA LYS C 683 22.53 22.76 -37.42
C LYS C 683 21.22 22.00 -37.54
N THR C 684 21.01 20.93 -36.76
CA THR C 684 19.76 20.18 -36.85
C THR C 684 18.58 20.97 -36.28
N VAL C 685 18.84 21.97 -35.44
CA VAL C 685 17.77 22.70 -34.77
C VAL C 685 18.04 24.20 -34.80
N SER C 686 19.21 24.59 -35.32
CA SER C 686 19.65 25.99 -35.22
C SER C 686 18.62 26.95 -35.81
N GLN C 687 17.91 26.55 -36.86
CA GLN C 687 16.87 27.41 -37.41
C GLN C 687 15.69 27.54 -36.46
N ARG C 688 15.16 26.39 -36.01
CA ARG C 688 14.03 26.40 -35.08
C ARG C 688 14.36 27.20 -33.83
N PHE C 689 15.51 26.92 -33.21
CA PHE C 689 15.88 27.65 -32.01
C PHE C 689 16.25 29.09 -32.34
N GLY C 690 16.87 29.32 -33.50
CA GLY C 690 17.17 30.69 -33.90
C GLY C 690 15.91 31.54 -34.05
N LEU C 691 14.95 31.04 -34.82
CA LEU C 691 13.69 31.77 -34.98
C LEU C 691 12.97 31.93 -33.66
N LEU C 692 13.07 30.93 -32.78
CA LEU C 692 12.43 31.04 -31.47
C LEU C 692 13.17 32.03 -30.58
N LEU C 693 14.50 31.94 -30.53
CA LEU C 693 15.28 32.87 -29.74
C LEU C 693 15.08 34.31 -30.21
N GLU C 694 14.83 34.51 -31.50
CA GLU C 694 14.50 35.83 -32.00
C GLU C 694 13.24 36.37 -31.32
N SER C 695 12.20 35.54 -31.26
CA SER C 695 10.92 35.99 -30.72
C SER C 695 11.01 36.25 -29.22
N TYR C 696 11.70 35.39 -28.48
CA TYR C 696 11.85 35.64 -27.05
C TYR C 696 12.63 36.93 -26.80
N CYS C 697 13.68 37.17 -27.58
CA CYS C 697 14.48 38.36 -27.37
C CYS C 697 13.69 39.63 -27.71
N ARG C 698 12.79 39.56 -28.68
CA ARG C 698 12.00 40.74 -29.02
C ARG C 698 11.01 41.12 -27.94
N ALA C 699 10.64 40.18 -27.06
CA ALA C 699 9.59 40.44 -26.08
C ALA C 699 10.05 40.26 -24.64
N CYS C 700 11.30 39.85 -24.39
CA CYS C 700 11.72 39.65 -23.01
C CYS C 700 11.94 40.96 -22.27
N GLY C 701 11.94 42.10 -22.97
CA GLY C 701 12.09 43.39 -22.31
C GLY C 701 13.51 43.77 -21.96
N MET C 702 13.69 44.41 -20.80
CA MET C 702 15.01 44.87 -20.39
C MET C 702 15.97 43.75 -20.06
N TYR C 703 15.50 42.52 -19.98
CA TYR C 703 16.40 41.41 -19.68
C TYR C 703 17.32 41.10 -20.85
N LEU C 704 16.93 41.47 -22.08
CA LEU C 704 17.81 41.27 -23.22
C LEU C 704 19.14 41.99 -23.01
N LYS C 705 19.10 43.20 -22.45
CA LYS C 705 20.35 43.88 -22.09
C LYS C 705 21.16 43.04 -21.12
N HIS C 706 20.50 42.52 -20.08
CA HIS C 706 21.18 41.67 -19.11
C HIS C 706 21.70 40.39 -19.73
N LEU C 707 20.99 39.85 -20.73
CA LEU C 707 21.49 38.66 -21.40
C LEU C 707 22.70 38.98 -22.27
N ASN C 708 22.63 40.09 -23.02
CA ASN C 708 23.79 40.50 -23.82
C ASN C 708 25.02 40.71 -22.94
N ARG C 709 24.82 41.23 -21.73
CA ARG C 709 25.93 41.38 -20.80
C ARG C 709 26.57 40.03 -20.49
N GLN C 710 25.76 39.00 -20.31
CA GLN C 710 26.30 37.66 -20.03
C GLN C 710 26.95 37.05 -21.26
N VAL C 711 26.24 37.09 -22.40
CA VAL C 711 26.78 36.53 -23.64
C VAL C 711 28.15 37.11 -23.94
N GLU C 712 28.27 38.43 -23.87
CA GLU C 712 29.57 39.07 -24.09
C GLU C 712 30.58 38.61 -23.03
N ALA C 713 30.13 38.45 -21.79
CA ALA C 713 31.02 37.96 -20.74
C ALA C 713 31.50 36.55 -21.03
N MET C 714 30.64 35.71 -21.59
CA MET C 714 31.05 34.35 -21.91
C MET C 714 32.01 34.32 -23.10
N GLU C 715 31.80 35.21 -24.08
CA GLU C 715 32.67 35.24 -25.25
C GLU C 715 34.11 35.55 -24.85
N LYS C 716 34.30 36.48 -23.92
CA LYS C 716 35.64 36.75 -23.42
C LYS C 716 36.27 35.50 -22.81
N LEU C 717 35.46 34.72 -22.08
CA LEU C 717 35.99 33.53 -21.43
C LEU C 717 36.30 32.42 -22.45
N ILE C 718 35.42 32.22 -23.42
CA ILE C 718 35.68 31.24 -24.46
C ILE C 718 36.96 31.59 -25.20
N ASN C 719 37.05 32.85 -25.66
CA ASN C 719 38.23 33.29 -26.39
C ASN C 719 39.50 33.09 -25.58
N LEU C 720 39.48 33.49 -24.31
CA LEU C 720 40.65 33.34 -23.47
C LEU C 720 41.04 31.87 -23.31
N THR C 721 40.06 31.02 -22.98
CA THR C 721 40.35 29.60 -22.82
C THR C 721 40.86 28.99 -24.13
N ASP C 722 40.36 29.46 -25.26
CA ASP C 722 40.89 29.01 -26.55
C ASP C 722 42.39 29.25 -26.64
N ILE C 723 42.84 30.45 -26.26
CA ILE C 723 44.26 30.75 -26.28
C ILE C 723 45.03 29.79 -25.39
N LEU C 724 44.58 29.63 -24.14
CA LEU C 724 45.26 28.70 -23.23
C LEU C 724 45.24 27.28 -23.77
N LYS C 725 44.17 26.91 -24.48
CA LYS C 725 44.06 25.55 -24.99
C LYS C 725 44.80 25.36 -26.32
N GLN C 726 44.99 26.43 -27.10
CA GLN C 726 45.60 26.28 -28.40
C GLN C 726 47.02 26.84 -28.48
N GLU C 727 47.12 28.16 -28.62
CA GLU C 727 48.42 28.76 -28.92
C GLU C 727 49.40 28.61 -27.76
N LYS C 728 48.93 28.77 -26.52
CA LYS C 728 49.79 28.65 -25.35
C LYS C 728 49.65 27.30 -24.67
N LYS C 729 49.23 26.26 -25.40
CA LYS C 729 49.01 24.96 -24.79
C LYS C 729 50.31 24.36 -24.25
N ASP C 730 51.46 24.74 -24.80
CA ASP C 730 52.73 24.16 -24.40
C ASP C 730 53.43 24.98 -23.32
N GLU C 731 52.87 26.11 -22.91
CA GLU C 731 53.48 26.92 -21.87
C GLU C 731 53.11 26.39 -20.49
N THR C 732 53.97 26.70 -19.52
CA THR C 732 53.77 26.21 -18.16
C THR C 732 52.58 26.91 -17.50
N GLN C 733 52.25 26.45 -16.29
CA GLN C 733 51.19 27.08 -15.50
C GLN C 733 51.49 28.56 -15.28
N LYS C 734 52.72 28.87 -14.86
CA LYS C 734 53.04 30.26 -14.54
C LYS C 734 53.03 31.13 -15.79
N VAL C 735 53.61 30.64 -16.90
CA VAL C 735 53.62 31.44 -18.12
C VAL C 735 52.20 31.71 -18.57
N GLN C 736 51.30 30.74 -18.40
CA GLN C 736 49.89 30.99 -18.65
C GLN C 736 49.29 31.88 -17.56
N MET C 737 49.71 31.69 -16.30
CA MET C 737 49.21 32.53 -15.22
C MET C 737 49.60 33.99 -15.42
N LYS C 738 50.84 34.26 -15.83
CA LYS C 738 51.22 35.62 -16.19
C LYS C 738 50.29 36.14 -17.27
N PHE C 739 50.11 35.37 -18.33
CA PHE C 739 49.20 35.76 -19.41
C PHE C 739 47.78 35.91 -18.92
N LEU C 740 47.36 35.10 -17.96
CA LEU C 740 46.00 35.21 -17.43
C LEU C 740 45.80 36.55 -16.74
N VAL C 741 46.64 36.87 -15.75
CA VAL C 741 46.58 38.16 -15.08
C VAL C 741 46.73 39.28 -16.10
N GLU C 742 47.55 39.05 -17.12
CA GLU C 742 47.78 40.03 -18.18
C GLU C 742 46.49 40.40 -18.88
N GLN C 743 45.65 39.42 -19.20
CA GLN C 743 44.50 39.70 -20.05
C GLN C 743 43.33 40.30 -19.28
N MET C 744 42.96 39.71 -18.14
CA MET C 744 41.79 40.19 -17.42
C MET C 744 41.97 41.62 -16.92
N ARG C 745 43.21 42.04 -16.67
CA ARG C 745 43.46 43.43 -16.27
C ARG C 745 43.16 44.41 -17.40
N ARG C 746 43.12 43.94 -18.64
CA ARG C 746 42.84 44.83 -19.75
C ARG C 746 41.40 45.35 -19.68
N PRO C 747 41.16 46.60 -20.04
CA PRO C 747 39.82 47.18 -19.88
C PRO C 747 38.71 46.42 -20.59
N ASP C 748 38.98 45.85 -21.77
CA ASP C 748 37.93 45.11 -22.47
C ASP C 748 37.43 43.95 -21.63
N PHE C 749 38.32 43.26 -20.90
CA PHE C 749 37.89 42.22 -19.98
C PHE C 749 37.19 42.80 -18.77
N MET C 750 37.74 43.87 -18.20
CA MET C 750 37.17 44.43 -16.99
C MET C 750 35.73 44.86 -17.22
N ASP C 751 35.45 45.52 -18.35
CA ASP C 751 34.09 45.95 -18.62
C ASP C 751 33.16 44.77 -18.88
N ALA C 752 33.66 43.75 -19.57
CA ALA C 752 32.83 42.60 -19.92
C ALA C 752 32.59 41.67 -18.74
N LEU C 753 33.63 41.41 -17.95
CA LEU C 753 33.58 40.40 -16.89
C LEU C 753 33.28 40.97 -15.51
N GLN C 754 32.81 42.21 -15.43
CA GLN C 754 32.40 42.77 -14.15
C GLN C 754 31.03 43.40 -14.31
N GLY C 755 30.19 43.24 -13.28
CA GLY C 755 28.86 43.80 -13.32
C GLY C 755 27.90 43.09 -14.27
N PHE C 756 27.65 41.81 -14.04
CA PHE C 756 26.65 41.06 -14.80
C PHE C 756 26.06 39.98 -13.91
N LEU C 757 25.02 39.32 -14.42
CA LEU C 757 24.32 38.28 -13.66
C LEU C 757 24.88 36.90 -13.97
N SER C 758 25.16 36.13 -12.92
CA SER C 758 25.63 34.76 -13.06
C SER C 758 24.63 33.93 -13.87
N PRO C 759 25.01 33.40 -15.03
CA PRO C 759 24.06 32.56 -15.78
C PRO C 759 23.64 31.32 -15.03
N LEU C 760 24.46 30.82 -14.10
CA LEU C 760 24.05 29.68 -13.28
C LEU C 760 22.81 30.00 -12.47
N ASN C 761 22.76 31.20 -11.89
CA ASN C 761 21.62 31.65 -11.11
C ASN C 761 21.60 33.18 -11.15
N PRO C 762 20.76 33.78 -11.98
CA PRO C 762 20.75 35.25 -12.09
C PRO C 762 20.42 35.97 -10.79
N ALA C 763 19.95 35.26 -9.77
CA ALA C 763 19.78 35.89 -8.47
C ALA C 763 21.11 36.26 -7.82
N HIS C 764 22.22 35.79 -8.39
CA HIS C 764 23.55 36.14 -7.92
C HIS C 764 24.09 37.24 -8.82
N GLN C 765 24.42 38.38 -8.22
CA GLN C 765 25.03 39.46 -8.98
C GLN C 765 26.54 39.28 -8.95
N LEU C 766 27.18 39.41 -10.11
CA LEU C 766 28.63 39.27 -10.22
C LEU C 766 29.19 40.68 -10.42
N GLY C 767 29.82 41.21 -9.38
CA GLY C 767 30.35 42.56 -9.43
C GLY C 767 31.75 42.63 -10.00
N ASN C 768 32.68 43.20 -9.24
CA ASN C 768 34.06 43.29 -9.69
C ASN C 768 34.78 41.95 -9.52
N LEU C 769 35.77 41.73 -10.37
CA LEU C 769 36.55 40.51 -10.32
C LEU C 769 37.49 40.52 -9.11
N ARG C 770 37.48 39.42 -8.35
CA ARG C 770 38.48 39.18 -7.32
C ARG C 770 39.66 38.51 -7.99
N LEU C 771 40.48 39.33 -8.65
CA LEU C 771 41.50 38.82 -9.56
C LEU C 771 42.50 37.90 -8.85
N GLU C 772 42.83 38.21 -7.60
CA GLU C 772 43.80 37.37 -6.89
C GLU C 772 43.30 35.95 -6.69
N GLU C 773 41.99 35.74 -6.73
CA GLU C 773 41.42 34.40 -6.56
C GLU C 773 41.15 33.72 -7.90
N CYS C 774 41.30 34.43 -9.02
CA CYS C 774 41.12 33.83 -10.33
C CYS C 774 42.37 33.04 -10.71
N ARG C 775 42.17 31.84 -11.23
CA ARG C 775 43.29 30.97 -11.57
C ARG C 775 42.88 29.98 -12.66
N ILE C 776 43.89 29.44 -13.33
CA ILE C 776 43.72 28.30 -14.21
C ILE C 776 43.93 27.03 -13.39
N MET C 777 43.03 26.06 -13.55
CA MET C 777 43.10 24.83 -12.80
C MET C 777 43.98 23.82 -13.54
N SER C 778 44.42 22.80 -12.78
CA SER C 778 45.46 21.90 -13.27
C SER C 778 45.05 21.16 -14.54
N SER C 779 43.75 20.96 -14.75
CA SER C 779 43.27 20.15 -15.87
C SER C 779 43.77 20.68 -17.21
N ALA C 780 43.97 19.76 -18.16
CA ALA C 780 44.44 20.13 -19.49
C ALA C 780 43.35 20.81 -20.31
N LYS C 781 42.11 20.75 -19.86
CA LYS C 781 41.04 21.50 -20.51
C LYS C 781 41.10 22.98 -20.13
N ARG C 782 42.03 23.33 -19.24
CA ARG C 782 42.25 24.70 -18.81
C ARG C 782 40.99 25.35 -18.25
N PRO C 783 40.38 24.77 -17.22
CA PRO C 783 39.21 25.43 -16.61
C PRO C 783 39.67 26.67 -15.86
N LEU C 784 38.72 27.60 -15.69
CA LEU C 784 39.00 28.91 -15.10
C LEU C 784 38.17 29.09 -13.84
N TRP C 785 38.85 29.08 -12.70
CA TRP C 785 38.24 29.34 -11.41
C TRP C 785 38.10 30.85 -11.25
N LEU C 786 36.87 31.34 -11.25
CA LEU C 786 36.60 32.77 -11.23
C LEU C 786 35.90 33.15 -9.93
N ASN C 787 36.28 34.31 -9.38
CA ASN C 787 35.76 34.80 -8.11
C ASN C 787 35.36 36.26 -8.26
N TRP C 788 34.14 36.58 -7.86
CA TRP C 788 33.64 37.95 -7.86
C TRP C 788 33.29 38.39 -6.45
N GLU C 789 33.30 39.71 -6.25
CA GLU C 789 32.62 40.26 -5.09
C GLU C 789 31.11 40.24 -5.33
N ASN C 790 30.36 40.10 -4.23
CA ASN C 790 28.90 40.18 -4.30
C ASN C 790 28.51 41.61 -4.01
N PRO C 791 27.98 42.36 -4.99
CA PRO C 791 27.65 43.77 -4.75
C PRO C 791 26.44 43.99 -3.86
N ASP C 792 25.83 42.92 -3.37
CA ASP C 792 24.68 43.04 -2.48
C ASP C 792 25.07 43.78 -1.21
N ILE C 793 24.17 44.63 -0.72
CA ILE C 793 24.47 45.42 0.47
C ILE C 793 24.60 44.53 1.69
N MET C 794 23.95 43.36 1.68
CA MET C 794 24.04 42.37 2.75
C MET C 794 24.84 41.14 2.30
N SER C 795 25.81 41.36 1.41
CA SER C 795 26.59 40.24 0.86
C SER C 795 27.27 39.41 1.93
N GLU C 796 27.70 40.04 3.03
CA GLU C 796 28.47 39.34 4.06
C GLU C 796 27.65 38.29 4.80
N LEU C 797 26.33 38.27 4.68
CA LEU C 797 25.52 37.29 5.38
C LEU C 797 25.27 36.03 4.58
N LEU C 798 25.48 36.06 3.27
CA LEU C 798 25.20 34.91 2.41
C LEU C 798 26.48 34.43 1.75
N PHE C 799 27.08 35.23 0.87
CA PHE C 799 28.40 34.91 0.34
C PHE C 799 29.04 36.22 -0.11
N GLN C 800 30.21 36.53 0.45
CA GLN C 800 30.93 37.71 -0.03
C GLN C 800 31.64 37.43 -1.35
N ASN C 801 31.75 36.16 -1.73
CA ASN C 801 32.38 35.73 -2.98
C ASN C 801 31.42 34.86 -3.76
N ASN C 802 31.27 35.15 -5.05
CA ASN C 802 30.60 34.26 -5.98
C ASN C 802 31.66 33.58 -6.82
N GLU C 803 31.70 32.25 -6.76
CA GLU C 803 32.74 31.47 -7.41
C GLU C 803 32.11 30.53 -8.43
N ILE C 804 32.61 30.58 -9.66
CA ILE C 804 32.12 29.76 -10.75
C ILE C 804 33.33 29.20 -11.50
N ILE C 805 33.27 27.92 -11.84
CA ILE C 805 34.30 27.26 -12.65
C ILE C 805 33.85 27.27 -14.10
N PHE C 806 34.64 27.90 -14.96
CA PHE C 806 34.38 27.94 -16.39
C PHE C 806 35.20 26.87 -17.10
N LYS C 807 34.55 26.03 -17.90
CA LYS C 807 35.20 24.89 -18.53
C LYS C 807 34.91 24.89 -20.02
N ASN C 808 35.97 24.97 -20.83
CA ASN C 808 35.88 24.91 -22.28
C ASN C 808 36.52 23.61 -22.75
N GLY C 809 35.73 22.73 -23.34
CA GLY C 809 36.25 21.52 -23.93
C GLY C 809 35.58 20.21 -23.54
N ASP C 810 34.54 20.27 -22.69
CA ASP C 810 33.82 19.08 -22.28
C ASP C 810 32.33 19.30 -22.40
N ASP C 811 31.63 18.30 -22.95
CA ASP C 811 30.18 18.35 -23.07
C ASP C 811 29.57 18.19 -21.68
N LEU C 812 28.89 19.25 -21.21
CA LEU C 812 28.31 19.25 -19.88
C LEU C 812 26.86 18.79 -19.86
N ARG C 813 26.29 18.44 -21.01
CA ARG C 813 24.89 18.03 -21.05
C ARG C 813 24.64 16.81 -20.19
N GLN C 814 25.63 15.91 -20.07
CA GLN C 814 25.47 14.76 -19.18
C GLN C 814 25.32 15.20 -17.73
N ASP C 815 26.26 16.02 -17.25
CA ASP C 815 26.20 16.44 -15.86
C ASP C 815 24.95 17.28 -15.59
N MET C 816 24.53 18.10 -16.55
CA MET C 816 23.26 18.80 -16.44
C MET C 816 22.13 17.82 -16.16
N LEU C 817 22.01 16.80 -17.00
CA LEU C 817 20.93 15.82 -16.87
C LEU C 817 21.09 15.01 -15.58
N THR C 818 22.30 14.56 -15.28
CA THR C 818 22.52 13.81 -14.05
C THR C 818 22.15 14.65 -12.83
N LEU C 819 22.65 15.89 -12.77
CA LEU C 819 22.34 16.76 -11.64
C LEU C 819 20.84 17.09 -11.60
N GLN C 820 20.19 17.19 -12.76
CA GLN C 820 18.74 17.34 -12.76
C GLN C 820 18.07 16.10 -12.18
N ILE C 821 18.52 14.91 -12.58
CA ILE C 821 17.95 13.68 -12.06
C ILE C 821 18.24 13.55 -10.57
N ILE C 822 19.45 13.90 -10.14
CA ILE C 822 19.81 13.82 -8.73
C ILE C 822 18.88 14.68 -7.89
N ARG C 823 18.56 15.88 -8.37
CA ARG C 823 17.68 16.77 -7.62
C ARG C 823 16.29 16.16 -7.47
N ILE C 824 15.81 15.51 -8.52
CA ILE C 824 14.46 14.95 -8.49
C ILE C 824 14.41 13.74 -7.56
N MET C 825 15.43 12.89 -7.60
CA MET C 825 15.49 11.75 -6.67
C MET C 825 15.38 12.22 -5.22
N GLU C 826 16.01 13.35 -4.91
CA GLU C 826 15.91 13.88 -3.55
C GLU C 826 14.48 14.32 -3.25
N ASN C 827 13.81 14.96 -4.22
CA ASN C 827 12.42 15.37 -4.01
C ASN C 827 11.54 14.17 -3.70
N ILE C 828 11.78 13.06 -4.39
CA ILE C 828 11.03 11.84 -4.13
C ILE C 828 11.34 11.30 -2.74
N TRP C 829 12.63 11.19 -2.41
CA TRP C 829 13.03 10.62 -1.12
C TRP C 829 12.52 11.45 0.05
N GLN C 830 12.48 12.78 -0.10
CA GLN C 830 12.05 13.62 1.00
C GLN C 830 10.57 13.42 1.33
N ASN C 831 9.73 13.34 0.30
CA ASN C 831 8.31 13.09 0.54
C ASN C 831 8.08 11.70 1.13
N GLN C 832 8.94 10.74 0.79
CA GLN C 832 8.86 9.41 1.35
C GLN C 832 9.72 9.25 2.61
N GLY C 833 10.22 10.35 3.18
CA GLY C 833 10.78 10.35 4.51
C GLY C 833 12.22 9.91 4.67
N LEU C 834 12.97 9.76 3.58
CA LEU C 834 14.39 9.44 3.69
C LEU C 834 15.14 10.74 3.42
N ASP C 835 15.60 11.38 4.48
CA ASP C 835 16.31 12.66 4.36
C ASP C 835 17.75 12.36 3.92
N LEU C 836 17.88 12.07 2.63
CA LEU C 836 19.16 11.77 2.00
C LEU C 836 19.60 13.04 1.28
N ARG C 837 20.54 13.76 1.88
CA ARG C 837 20.94 15.06 1.36
C ARG C 837 21.77 14.90 0.09
N MET C 838 21.18 15.23 -1.04
CA MET C 838 21.92 15.34 -2.29
C MET C 838 22.46 16.77 -2.41
N LEU C 839 23.20 17.02 -3.48
CA LEU C 839 23.73 18.36 -3.75
C LEU C 839 23.82 18.55 -5.25
N PRO C 840 22.69 18.75 -5.91
CA PRO C 840 22.72 19.02 -7.36
C PRO C 840 23.16 20.45 -7.65
N TYR C 841 24.47 20.67 -7.57
CA TYR C 841 25.03 21.99 -7.79
C TYR C 841 24.75 22.48 -9.21
N GLY C 842 24.91 23.78 -9.40
CA GLY C 842 24.60 24.38 -10.69
C GLY C 842 25.56 23.89 -11.76
N CYS C 843 25.01 23.52 -12.91
CA CYS C 843 25.81 23.21 -14.09
C CYS C 843 24.97 23.59 -15.29
N LEU C 844 25.54 24.39 -16.18
CA LEU C 844 24.79 24.94 -17.31
C LEU C 844 25.67 24.93 -18.54
N SER C 845 25.30 24.10 -19.52
CA SER C 845 25.97 24.16 -20.81
C SER C 845 25.52 25.42 -21.53
N ILE C 846 26.49 26.24 -21.95
CA ILE C 846 26.22 27.49 -22.64
C ILE C 846 26.56 27.41 -24.11
N GLY C 847 27.13 26.31 -24.55
CA GLY C 847 27.48 26.15 -25.95
C GLY C 847 28.12 24.81 -26.18
N ASP C 848 28.78 24.68 -27.34
CA ASP C 848 29.40 23.42 -27.73
C ASP C 848 30.55 23.10 -26.78
N CYS C 849 30.29 22.22 -25.83
CA CYS C 849 31.29 21.75 -24.86
C CYS C 849 31.91 22.92 -24.09
N VAL C 850 31.05 23.81 -23.61
CA VAL C 850 31.48 24.94 -22.80
C VAL C 850 30.32 25.32 -21.89
N GLY C 851 30.64 25.54 -20.61
CA GLY C 851 29.58 25.84 -19.66
C GLY C 851 30.15 26.23 -18.33
N LEU C 852 29.26 26.43 -17.37
CA LEU C 852 29.62 26.92 -16.04
C LEU C 852 29.24 25.88 -14.99
N ILE C 853 30.01 25.85 -13.91
CA ILE C 853 29.76 24.97 -12.78
C ILE C 853 29.83 25.79 -11.50
N GLU C 854 28.78 25.70 -10.68
CA GLU C 854 28.76 26.44 -9.42
C GLU C 854 29.74 25.82 -8.44
N VAL C 855 30.56 26.66 -7.82
CA VAL C 855 31.50 26.17 -6.81
C VAL C 855 30.75 25.92 -5.52
N VAL C 856 30.94 24.74 -4.94
CA VAL C 856 30.42 24.41 -3.63
C VAL C 856 31.55 24.65 -2.64
N ARG C 857 31.43 25.73 -1.87
CA ARG C 857 32.48 26.10 -0.94
C ARG C 857 32.62 25.07 0.18
N ASN C 858 33.81 25.04 0.77
CA ASN C 858 34.14 24.14 1.89
C ASN C 858 33.89 22.68 1.51
N SER C 859 34.22 22.33 0.28
CA SER C 859 34.10 20.97 -0.22
C SER C 859 35.46 20.52 -0.75
N HIS C 860 35.77 19.24 -0.56
CA HIS C 860 37.03 18.70 -1.01
C HIS C 860 36.81 17.30 -1.54
N THR C 861 37.48 16.98 -2.65
CA THR C 861 37.50 15.61 -3.11
C THR C 861 38.13 14.72 -2.05
N ILE C 862 37.68 13.47 -2.00
CA ILE C 862 38.21 12.49 -1.05
C ILE C 862 39.74 12.48 -1.09
N MET C 863 40.29 12.64 -2.30
CA MET C 863 41.74 12.67 -2.45
C MET C 863 42.35 13.85 -1.70
N GLN C 864 41.76 15.04 -1.86
CA GLN C 864 42.25 16.20 -1.12
C GLN C 864 42.23 15.96 0.37
N ILE C 865 41.24 15.20 0.86
CA ILE C 865 41.22 14.80 2.26
C ILE C 865 42.31 13.78 2.54
N GLN C 866 42.56 12.88 1.59
CA GLN C 866 43.53 11.81 1.79
C GLN C 866 44.96 12.33 1.92
N CYS C 867 45.26 13.51 1.38
CA CYS C 867 46.62 14.03 1.42
C CYS C 867 47.07 14.46 2.82
N LYS C 868 46.27 14.24 3.85
CA LYS C 868 46.57 14.66 5.20
C LYS C 868 46.85 13.45 6.09
N GLY C 869 47.40 13.74 7.27
CA GLY C 869 47.80 12.69 8.20
C GLY C 869 48.94 11.84 7.68
N ASN C 878 45.82 5.60 3.78
CA ASN C 878 45.28 4.77 4.85
C ASN C 878 43.75 4.84 4.81
N SER C 879 43.10 3.69 4.99
CA SER C 879 41.65 3.63 4.90
C SER C 879 40.99 4.42 6.02
N HIS C 880 41.67 4.57 7.16
CA HIS C 880 41.13 5.28 8.31
C HIS C 880 41.25 6.78 8.17
N THR C 881 41.95 7.28 7.15
CA THR C 881 42.21 8.72 7.04
C THR C 881 40.93 9.52 6.85
N LEU C 882 39.96 8.97 6.12
CA LEU C 882 38.73 9.72 5.85
C LEU C 882 38.00 10.06 7.15
N HIS C 883 37.76 9.05 7.99
CA HIS C 883 37.13 9.30 9.28
C HIS C 883 37.99 10.20 10.15
N GLN C 884 39.31 9.97 10.14
CA GLN C 884 40.23 10.79 10.93
C GLN C 884 40.09 12.27 10.60
N TRP C 885 39.93 12.60 9.32
CA TRP C 885 39.78 14.00 8.95
C TRP C 885 38.45 14.56 9.45
N LEU C 886 37.35 13.87 9.16
CA LEU C 886 36.03 14.37 9.58
C LEU C 886 35.89 14.36 11.09
N LYS C 887 36.43 13.34 11.76
CA LYS C 887 36.38 13.32 13.22
C LYS C 887 37.13 14.52 13.80
N ASP C 888 38.23 14.90 13.15
CA ASP C 888 38.97 16.08 13.60
C ASP C 888 38.24 17.35 13.15
N LYS C 889 37.63 17.30 11.96
CA LYS C 889 36.87 18.45 11.46
C LYS C 889 35.62 18.67 12.29
N ASN C 890 34.88 17.59 12.58
CA ASN C 890 33.63 17.65 13.33
C ASN C 890 33.80 16.85 14.62
N LYS C 891 34.43 17.47 15.61
CA LYS C 891 34.60 16.85 16.91
C LYS C 891 33.46 17.24 17.85
N GLY C 892 33.15 16.35 18.79
CA GLY C 892 32.14 16.61 19.79
C GLY C 892 30.71 16.21 19.44
N GLU C 893 29.75 17.06 19.80
CA GLU C 893 28.35 16.71 19.62
C GLU C 893 27.96 16.70 18.14
N ILE C 894 28.53 17.61 17.34
CA ILE C 894 28.27 17.64 15.91
C ILE C 894 28.89 16.47 15.18
N TYR C 895 29.77 15.72 15.86
CA TYR C 895 30.40 14.55 15.25
C TYR C 895 29.36 13.55 14.78
N ASP C 896 28.42 13.19 15.67
CA ASP C 896 27.40 12.23 15.30
C ASP C 896 26.53 12.75 14.17
N ALA C 897 26.25 14.06 14.17
CA ALA C 897 25.42 14.64 13.12
C ALA C 897 26.11 14.59 11.75
N ALA C 898 27.44 14.69 11.73
CA ALA C 898 28.17 14.64 10.47
C ALA C 898 28.23 13.22 9.94
N ILE C 899 28.58 12.25 10.80
CA ILE C 899 28.56 10.84 10.40
C ILE C 899 27.18 10.46 9.91
N ASP C 900 26.14 11.00 10.56
CA ASP C 900 24.78 10.78 10.08
C ASP C 900 24.58 11.39 8.71
N LEU C 901 24.94 12.67 8.57
CA LEU C 901 24.81 13.34 7.28
C LEU C 901 25.65 12.66 6.21
N PHE C 902 26.84 12.18 6.59
CA PHE C 902 27.67 11.41 5.66
C PHE C 902 26.94 10.13 5.24
N THR C 903 26.51 9.34 6.22
CA THR C 903 25.84 8.08 5.92
C THR C 903 24.52 8.32 5.17
N ARG C 904 23.86 9.44 5.45
CA ARG C 904 22.66 9.80 4.70
C ARG C 904 23.01 10.05 3.23
N SER C 905 23.97 10.93 2.98
CA SER C 905 24.31 11.33 1.63
C SER C 905 25.02 10.23 0.86
N CYS C 906 25.89 9.47 1.54
CA CYS C 906 26.58 8.38 0.86
C CYS C 906 25.59 7.37 0.31
N ALA C 907 24.54 7.07 1.08
CA ALA C 907 23.51 6.14 0.61
C ALA C 907 22.77 6.70 -0.60
N GLY C 908 22.38 7.98 -0.53
CA GLY C 908 21.64 8.56 -1.63
C GLY C 908 22.42 8.57 -2.93
N TYR C 909 23.69 8.99 -2.86
CA TYR C 909 24.49 8.97 -4.08
C TYR C 909 24.83 7.54 -4.48
N CYS C 910 24.97 6.63 -3.52
CA CYS C 910 25.19 5.23 -3.85
C CYS C 910 24.03 4.68 -4.68
N VAL C 911 22.80 4.96 -4.24
CA VAL C 911 21.64 4.51 -5.00
C VAL C 911 21.54 5.26 -6.32
N ALA C 912 21.73 6.57 -6.30
CA ALA C 912 21.60 7.37 -7.51
C ALA C 912 22.65 6.97 -8.55
N THR C 913 23.90 6.77 -8.12
CA THR C 913 24.93 6.38 -9.06
C THR C 913 24.76 4.94 -9.51
N PHE C 914 24.19 4.08 -8.67
CA PHE C 914 23.95 2.69 -9.08
C PHE C 914 22.87 2.63 -10.14
N ILE C 915 21.70 3.21 -9.85
CA ILE C 915 20.58 3.16 -10.79
C ILE C 915 20.97 3.76 -12.12
N LEU C 916 21.66 4.90 -12.08
CA LEU C 916 21.99 5.62 -13.30
C LEU C 916 23.21 5.04 -14.02
N GLY C 917 23.91 4.08 -13.43
CA GLY C 917 25.07 3.53 -14.08
C GLY C 917 26.22 4.50 -14.18
N ILE C 918 26.34 5.41 -13.22
CA ILE C 918 27.44 6.37 -13.20
C ILE C 918 28.66 5.63 -12.68
N GLY C 919 29.53 5.19 -13.59
CA GLY C 919 30.72 4.46 -13.25
C GLY C 919 31.95 5.34 -13.10
N ASP C 920 33.08 4.68 -12.87
CA ASP C 920 34.39 5.32 -12.79
C ASP C 920 34.50 6.25 -11.59
N ARG C 921 33.84 5.90 -10.50
CA ARG C 921 33.88 6.71 -9.28
C ARG C 921 35.05 6.28 -8.40
N HIS C 922 35.95 7.21 -8.14
CA HIS C 922 37.08 6.98 -7.26
C HIS C 922 37.36 8.26 -6.48
N ASN C 923 38.43 8.25 -5.69
CA ASN C 923 38.68 9.31 -4.72
C ASN C 923 38.77 10.71 -5.32
N SER C 924 38.91 10.83 -6.64
CA SER C 924 39.03 12.14 -7.27
C SER C 924 37.69 12.79 -7.58
N ASN C 925 36.60 12.02 -7.66
CA ASN C 925 35.31 12.58 -8.04
C ASN C 925 34.23 12.33 -7.00
N ILE C 926 34.62 12.13 -5.74
CA ILE C 926 33.71 12.09 -4.61
C ILE C 926 34.11 13.24 -3.68
N MET C 927 33.15 14.10 -3.35
CA MET C 927 33.43 15.29 -2.55
C MET C 927 32.62 15.26 -1.27
N VAL C 928 33.14 15.92 -0.23
CA VAL C 928 32.47 16.02 1.07
C VAL C 928 32.59 17.45 1.57
N LYS C 929 31.48 18.00 2.06
CA LYS C 929 31.55 19.31 2.69
C LYS C 929 32.17 19.18 4.08
N ASP C 930 32.59 20.31 4.64
CA ASP C 930 33.13 20.31 5.98
C ASP C 930 32.11 19.83 7.01
N ASP C 931 30.83 20.08 6.78
CA ASP C 931 29.81 19.61 7.72
C ASP C 931 29.60 18.09 7.64
N GLY C 932 30.18 17.43 6.65
CA GLY C 932 30.07 15.99 6.51
C GLY C 932 29.21 15.53 5.36
N GLN C 933 28.55 16.45 4.64
CA GLN C 933 27.70 16.05 3.53
C GLN C 933 28.57 15.59 2.36
N LEU C 934 28.32 14.37 1.89
CA LEU C 934 29.02 13.82 0.73
C LEU C 934 28.23 14.11 -0.54
N PHE C 935 28.94 14.37 -1.63
CA PHE C 935 28.30 14.53 -2.92
C PHE C 935 29.30 14.17 -4.01
N HIS C 936 28.76 13.70 -5.14
CA HIS C 936 29.57 13.28 -6.26
C HIS C 936 29.68 14.39 -7.29
N ILE C 937 30.77 14.37 -8.05
CA ILE C 937 31.02 15.34 -9.10
C ILE C 937 31.50 14.57 -10.33
N ASP C 938 31.49 15.26 -11.47
CA ASP C 938 31.97 14.71 -12.73
C ASP C 938 31.19 13.46 -13.14
N PHE C 939 30.00 13.66 -13.72
CA PHE C 939 29.15 12.58 -14.20
C PHE C 939 29.26 12.44 -15.71
N GLY C 940 30.46 12.59 -16.26
CA GLY C 940 30.63 12.68 -17.70
C GLY C 940 30.06 11.49 -18.45
N HIS C 941 30.02 10.32 -17.82
CA HIS C 941 29.51 9.12 -18.47
C HIS C 941 28.66 8.33 -17.49
N PHE C 942 27.48 7.94 -17.94
CA PHE C 942 26.54 7.14 -17.17
C PHE C 942 25.97 6.05 -18.08
N LEU C 943 24.99 5.32 -17.57
CA LEU C 943 24.23 4.34 -18.37
C LEU C 943 25.15 3.27 -18.96
N ASP C 944 26.12 2.80 -18.18
CA ASP C 944 26.97 1.66 -18.55
C ASP C 944 27.78 1.93 -19.81
N HIS C 945 28.15 3.19 -20.03
CA HIS C 945 28.97 3.52 -21.19
C HIS C 945 30.46 3.38 -20.93
N LYS C 946 30.87 3.31 -19.66
CA LYS C 946 32.28 3.04 -19.37
C LYS C 946 32.63 1.59 -19.70
N LYS C 947 31.67 0.66 -19.56
CA LYS C 947 31.91 -0.73 -19.89
C LYS C 947 31.47 -1.07 -21.31
N LYS C 948 30.78 -0.14 -21.98
CA LYS C 948 30.44 -0.33 -23.38
C LYS C 948 31.66 -0.20 -24.27
N LYS C 949 32.65 0.57 -23.81
CA LYS C 949 33.80 0.93 -24.64
C LYS C 949 34.93 -0.09 -24.59
N PHE C 950 34.92 -1.02 -23.63
CA PHE C 950 36.07 -1.87 -23.40
C PHE C 950 35.92 -3.30 -23.89
N GLY C 951 34.71 -3.82 -24.05
CA GLY C 951 34.58 -5.17 -24.54
C GLY C 951 34.77 -6.26 -23.51
N TYR C 952 34.84 -5.92 -22.23
CA TYR C 952 35.07 -6.88 -21.17
C TYR C 952 33.74 -7.27 -20.55
N LYS C 953 33.43 -8.57 -20.61
CA LYS C 953 32.13 -9.09 -20.16
C LYS C 953 32.20 -9.44 -18.68
N ARG C 954 31.80 -8.50 -17.84
CA ARG C 954 31.84 -8.72 -16.39
C ARG C 954 30.80 -7.88 -15.65
N GLU C 955 30.91 -6.55 -15.75
CA GLU C 955 30.05 -5.62 -15.00
C GLU C 955 30.18 -5.86 -13.49
N ARG C 956 31.42 -6.08 -13.01
CA ARG C 956 31.66 -6.53 -11.64
C ARG C 956 32.90 -5.80 -11.11
N VAL C 957 32.80 -4.48 -10.96
CA VAL C 957 33.88 -3.65 -10.43
C VAL C 957 33.69 -3.45 -8.93
N PRO C 958 34.71 -3.73 -8.10
CA PRO C 958 34.58 -3.41 -6.67
C PRO C 958 34.64 -1.92 -6.42
N PHE C 959 33.75 -1.42 -5.56
CA PHE C 959 33.75 -0.02 -5.19
C PHE C 959 35.05 0.33 -4.46
N VAL C 960 35.92 1.10 -5.13
CA VAL C 960 37.28 1.36 -4.65
C VAL C 960 37.27 1.90 -3.22
N LEU C 961 36.31 2.75 -2.88
CA LEU C 961 36.29 3.41 -1.57
C LEU C 961 35.31 2.78 -0.60
N THR C 962 35.04 1.49 -0.74
CA THR C 962 34.14 0.81 0.19
C THR C 962 34.68 0.87 1.61
N GLN C 963 35.93 0.43 1.79
CA GLN C 963 36.53 0.38 3.12
C GLN C 963 36.64 1.77 3.74
N ASP C 964 37.24 2.71 3.00
CA ASP C 964 37.38 4.08 3.50
C ASP C 964 36.06 4.66 3.98
N PHE C 965 34.99 4.45 3.21
CA PHE C 965 33.70 5.01 3.58
C PHE C 965 33.05 4.26 4.74
N LEU C 966 33.28 2.95 4.83
CA LEU C 966 32.72 2.19 5.94
C LEU C 966 33.31 2.60 7.28
N ILE C 967 34.62 2.82 7.34
CA ILE C 967 35.28 3.18 8.60
C ILE C 967 34.63 4.42 9.22
N VAL C 968 34.29 5.41 8.39
CA VAL C 968 33.59 6.58 8.92
C VAL C 968 32.17 6.20 9.32
N ILE C 969 31.49 5.41 8.48
CA ILE C 969 30.15 4.95 8.80
C ILE C 969 30.17 4.10 10.07
N SER C 970 31.22 3.30 10.26
CA SER C 970 31.35 2.40 11.41
C SER C 970 31.79 3.10 12.69
N LYS C 971 31.70 4.43 12.76
CA LYS C 971 32.08 5.14 13.99
C LYS C 971 31.01 6.14 14.39
N ALA C 973 35.04 0.18 14.79
CA ALA C 973 35.17 -1.27 14.88
C ALA C 973 36.09 -1.81 13.78
N GLN C 974 36.79 -2.90 14.07
CA GLN C 974 37.59 -3.58 13.06
C GLN C 974 36.70 -4.28 12.04
N GLU C 975 35.58 -4.83 12.51
CA GLU C 975 34.60 -5.48 11.63
C GLU C 975 33.48 -4.49 11.32
N CYS C 976 33.83 -3.53 10.46
CA CYS C 976 32.89 -2.46 10.11
C CYS C 976 31.60 -3.04 9.55
N THR C 977 31.69 -4.11 8.77
CA THR C 977 30.52 -4.71 8.15
C THR C 977 29.64 -5.45 9.16
N LYS C 978 30.13 -5.66 10.38
CA LYS C 978 29.36 -6.33 11.42
C LYS C 978 28.65 -5.35 12.34
N THR C 979 28.76 -4.05 12.06
CA THR C 979 28.29 -3.00 12.95
C THR C 979 26.81 -2.71 12.72
N ARG C 980 26.21 -2.04 13.70
CA ARG C 980 24.82 -1.61 13.56
C ARG C 980 24.65 -0.52 12.52
N GLU C 981 25.68 0.33 12.33
CA GLU C 981 25.56 1.41 11.35
C GLU C 981 25.44 0.87 9.93
N PHE C 982 26.22 -0.17 9.59
CA PHE C 982 26.12 -0.76 8.27
C PHE C 982 24.74 -1.37 8.04
N GLU C 983 24.17 -1.99 9.08
CA GLU C 983 22.83 -2.53 8.97
C GLU C 983 21.81 -1.41 8.76
N ARG C 984 21.94 -0.32 9.52
CA ARG C 984 21.08 0.84 9.29
C ARG C 984 21.32 1.44 7.90
N PHE C 985 22.58 1.47 7.47
CA PHE C 985 22.93 2.05 6.16
C PHE C 985 22.25 1.30 5.02
N GLN C 986 22.17 -0.03 5.13
CA GLN C 986 21.58 -0.81 4.04
C GLN C 986 20.07 -0.61 3.95
N GLU C 987 19.38 -0.40 5.07
CA GLU C 987 17.94 -0.15 4.99
C GLU C 987 17.66 1.13 4.21
N MET C 988 18.49 2.16 4.40
CA MET C 988 18.35 3.40 3.64
C MET C 988 18.48 3.14 2.14
N CYS C 989 19.51 2.37 1.76
CA CYS C 989 19.74 2.09 0.35
C CYS C 989 18.63 1.24 -0.25
N TYR C 990 18.10 0.28 0.54
CA TYR C 990 16.96 -0.49 0.07
C TYR C 990 15.72 0.38 -0.08
N LYS C 991 15.45 1.23 0.92
CA LYS C 991 14.28 2.10 0.84
C LYS C 991 14.41 3.09 -0.31
N ALA C 992 15.59 3.67 -0.48
CA ALA C 992 15.78 4.61 -1.58
C ALA C 992 15.63 3.92 -2.93
N TYR C 993 16.12 2.68 -3.04
CA TYR C 993 16.08 1.98 -4.31
C TYR C 993 14.65 1.74 -4.77
N LEU C 994 13.79 1.27 -3.87
CA LEU C 994 12.39 1.05 -4.22
C LEU C 994 11.64 2.34 -4.47
N ALA C 995 12.00 3.41 -3.75
CA ALA C 995 11.30 4.69 -3.91
C ALA C 995 11.33 5.16 -5.36
N ILE C 996 12.51 5.17 -5.98
CA ILE C 996 12.61 5.56 -7.38
C ILE C 996 12.01 4.50 -8.28
N ARG C 997 12.15 3.23 -7.90
CA ARG C 997 11.59 2.15 -8.69
C ARG C 997 10.09 2.34 -8.88
N GLN C 998 9.40 2.91 -7.90
CA GLN C 998 7.99 3.25 -8.07
C GLN C 998 7.80 4.42 -9.01
N HIS C 999 8.85 5.21 -9.25
CA HIS C 999 8.77 6.38 -10.12
C HIS C 999 9.55 6.16 -11.41
N ALA C 1000 9.77 4.90 -11.79
CA ALA C 1000 10.54 4.61 -12.99
C ALA C 1000 9.96 5.30 -14.22
N ASN C 1001 8.64 5.51 -14.23
CA ASN C 1001 8.00 6.13 -15.39
C ASN C 1001 8.52 7.55 -15.62
N LEU C 1002 8.68 8.32 -14.54
CA LEU C 1002 9.16 9.70 -14.67
C LEU C 1002 10.56 9.73 -15.26
N PHE C 1003 11.48 8.95 -14.69
CA PHE C 1003 12.86 9.00 -15.13
C PHE C 1003 13.03 8.47 -16.55
N ILE C 1004 12.37 7.35 -16.87
CA ILE C 1004 12.41 6.83 -18.22
C ILE C 1004 11.89 7.87 -19.21
N ASN C 1005 10.84 8.59 -18.82
CA ASN C 1005 10.32 9.64 -19.70
C ASN C 1005 11.33 10.78 -19.84
N LEU C 1006 11.94 11.20 -18.74
CA LEU C 1006 12.93 12.28 -18.80
C LEU C 1006 14.05 11.94 -19.77
N PHE C 1007 14.59 10.72 -19.66
CA PHE C 1007 15.61 10.28 -20.62
C PHE C 1007 15.05 10.17 -22.02
N SER C 1008 13.82 9.66 -22.15
CA SER C 1008 13.20 9.55 -23.47
C SER C 1008 13.06 10.92 -24.12
N MET C 1009 12.81 11.96 -23.34
CA MET C 1009 12.68 13.31 -23.87
C MET C 1009 14.02 13.89 -24.31
N MET C 1010 15.14 13.28 -23.93
CA MET C 1010 16.46 13.80 -24.26
C MET C 1010 17.06 13.14 -25.49
N LEU C 1011 16.28 12.34 -26.23
CA LEU C 1011 16.84 11.56 -27.32
C LEU C 1011 17.39 12.45 -28.43
N GLY C 1012 16.71 13.55 -28.73
CA GLY C 1012 17.15 14.39 -29.82
C GLY C 1012 18.38 15.23 -29.53
N SER C 1013 18.90 15.18 -28.31
CA SER C 1013 20.02 16.04 -27.92
C SER C 1013 21.32 15.70 -28.64
N GLY C 1014 21.44 14.48 -29.16
CA GLY C 1014 22.72 14.08 -29.73
C GLY C 1014 23.77 13.80 -28.68
N MET C 1015 23.37 13.65 -27.42
CA MET C 1015 24.32 13.29 -26.40
C MET C 1015 24.88 11.90 -26.70
N PRO C 1016 26.19 11.70 -26.58
CA PRO C 1016 26.78 10.43 -27.04
C PRO C 1016 26.23 9.21 -26.31
N GLU C 1017 25.87 9.33 -25.03
CA GLU C 1017 25.37 8.19 -24.27
C GLU C 1017 23.86 8.02 -24.38
N LEU C 1018 23.19 8.71 -25.29
CA LEU C 1018 21.74 8.74 -25.23
C LEU C 1018 21.15 9.02 -26.62
N GLN C 1019 21.23 8.02 -27.51
CA GLN C 1019 20.70 8.17 -28.86
C GLN C 1019 19.52 7.25 -29.17
N SER C 1020 19.36 6.15 -28.44
CA SER C 1020 18.27 5.22 -28.69
C SER C 1020 17.68 4.77 -27.37
N PHE C 1021 16.48 4.22 -27.44
CA PHE C 1021 15.86 3.66 -26.25
C PHE C 1021 16.71 2.55 -25.64
N ASP C 1022 17.53 1.87 -26.45
CA ASP C 1022 18.45 0.87 -25.91
C ASP C 1022 19.41 1.50 -24.92
N ASP C 1023 19.80 2.76 -25.14
CA ASP C 1023 20.61 3.45 -24.16
C ASP C 1023 19.85 3.63 -22.85
N ILE C 1024 18.56 3.97 -22.94
CA ILE C 1024 17.74 4.15 -21.75
C ILE C 1024 17.38 2.82 -21.11
N ALA C 1025 17.39 1.72 -21.87
CA ALA C 1025 16.96 0.44 -21.34
C ALA C 1025 17.81 -0.02 -20.16
N TYR C 1026 19.06 0.44 -20.09
CA TYR C 1026 19.91 0.07 -18.97
C TYR C 1026 19.28 0.47 -17.64
N ILE C 1027 18.50 1.55 -17.62
CA ILE C 1027 17.80 1.95 -16.41
C ILE C 1027 16.73 0.92 -16.06
N ARG C 1028 16.13 0.28 -17.05
CA ARG C 1028 15.16 -0.76 -16.78
C ARG C 1028 15.81 -1.94 -16.06
N LYS C 1029 17.04 -2.27 -16.44
CA LYS C 1029 17.78 -3.36 -15.79
C LYS C 1029 18.21 -2.97 -14.39
N THR C 1030 18.75 -1.76 -14.21
CA THR C 1030 19.20 -1.34 -12.88
C THR C 1030 18.05 -1.21 -11.91
N LEU C 1031 16.86 -0.84 -12.40
CA LEU C 1031 15.66 -0.77 -11.58
C LEU C 1031 14.94 -2.11 -11.49
N ALA C 1032 15.39 -3.10 -12.25
CA ALA C 1032 14.87 -4.47 -12.20
C ALA C 1032 13.35 -4.51 -12.40
N LEU C 1033 12.91 -4.01 -13.56
CA LEU C 1033 11.49 -4.08 -13.90
C LEU C 1033 11.12 -5.44 -14.47
N ASP C 1034 12.09 -6.18 -15.02
CA ASP C 1034 11.83 -7.55 -15.46
C ASP C 1034 11.61 -8.49 -14.30
N LYS C 1035 11.84 -8.04 -13.08
CA LYS C 1035 11.67 -8.81 -11.87
C LYS C 1035 10.44 -8.32 -11.11
N THR C 1036 10.23 -8.89 -9.94
CA THR C 1036 9.21 -8.41 -9.01
C THR C 1036 9.85 -7.49 -7.97
N GLU C 1037 9.02 -6.86 -7.16
CA GLU C 1037 9.52 -5.97 -6.12
C GLU C 1037 10.49 -6.70 -5.19
N GLN C 1038 10.23 -7.97 -4.90
CA GLN C 1038 11.14 -8.72 -4.03
C GLN C 1038 12.40 -9.17 -4.76
N GLU C 1039 12.24 -9.68 -6.00
CA GLU C 1039 13.40 -10.05 -6.79
C GLU C 1039 14.28 -8.86 -7.10
N ALA C 1040 13.69 -7.65 -7.15
CA ALA C 1040 14.47 -6.45 -7.43
C ALA C 1040 15.36 -6.08 -6.25
N LEU C 1041 14.80 -6.10 -5.04
CA LEU C 1041 15.60 -5.81 -3.86
C LEU C 1041 16.71 -6.84 -3.70
N GLU C 1042 16.41 -8.11 -3.99
CA GLU C 1042 17.46 -9.13 -4.04
C GLU C 1042 18.50 -8.82 -5.09
N TYR C 1043 18.05 -8.36 -6.27
CA TYR C 1043 18.98 -7.96 -7.32
C TYR C 1043 19.89 -6.83 -6.85
N PHE C 1044 19.31 -5.84 -6.15
CA PHE C 1044 20.12 -4.77 -5.58
C PHE C 1044 21.14 -5.32 -4.59
N MET C 1045 20.68 -6.13 -3.63
CA MET C 1045 21.57 -6.65 -2.60
C MET C 1045 22.74 -7.43 -3.20
N LYS C 1046 22.49 -8.21 -4.25
CA LYS C 1046 23.58 -8.97 -4.87
C LYS C 1046 24.59 -8.06 -5.55
N GLN C 1047 24.11 -7.17 -6.42
CA GLN C 1047 25.02 -6.24 -7.11
C GLN C 1047 25.80 -5.39 -6.13
N MET C 1048 25.17 -4.97 -5.04
CA MET C 1048 25.90 -4.18 -4.04
C MET C 1048 26.98 -5.02 -3.37
N ASN C 1049 26.68 -6.28 -3.04
CA ASN C 1049 27.71 -7.15 -2.50
C ASN C 1049 28.80 -7.45 -3.52
N ASP C 1050 28.45 -7.53 -4.81
CA ASP C 1050 29.41 -7.77 -5.86
C ASP C 1050 30.45 -6.65 -6.00
N ALA C 1051 30.15 -5.45 -5.48
CA ALA C 1051 31.07 -4.33 -5.60
C ALA C 1051 31.79 -4.01 -4.30
N ARG C 1052 31.90 -4.98 -3.40
CA ARG C 1052 32.58 -4.76 -2.13
C ARG C 1052 34.10 -4.73 -2.32
N MET D 5 10.34 -33.85 -30.55
CA MET D 5 11.42 -32.86 -30.47
C MET D 5 11.22 -31.90 -29.30
N SER D 6 12.33 -31.44 -28.72
CA SER D 6 12.30 -30.67 -27.49
C SER D 6 12.31 -29.17 -27.75
N LEU D 7 12.07 -28.41 -26.68
CA LEU D 7 12.11 -26.95 -26.76
C LEU D 7 13.54 -26.44 -26.79
N GLN D 8 14.41 -27.00 -25.94
CA GLN D 8 15.80 -26.55 -25.90
C GLN D 8 16.50 -26.81 -27.23
N ASP D 9 16.17 -27.93 -27.89
CA ASP D 9 16.81 -28.31 -29.13
C ASP D 9 16.30 -27.53 -30.34
N ALA D 10 15.23 -26.77 -30.19
CA ALA D 10 14.71 -25.97 -31.29
C ALA D 10 15.72 -24.90 -31.68
N GLU D 11 16.07 -24.87 -32.96
CA GLU D 11 17.06 -23.91 -33.45
C GLU D 11 16.61 -22.48 -33.23
N TRP D 12 15.30 -22.23 -33.26
CA TRP D 12 14.77 -20.89 -33.02
C TRP D 12 14.64 -20.56 -31.53
N TYR D 13 14.92 -21.51 -30.65
CA TYR D 13 14.80 -21.28 -29.21
C TYR D 13 16.13 -20.78 -28.68
N TRP D 14 16.14 -19.55 -28.18
CA TRP D 14 17.36 -18.93 -27.67
C TRP D 14 17.31 -18.75 -26.16
N ARG D 19 16.22 -8.09 -25.36
CA ARG D 19 15.49 -7.48 -26.46
C ARG D 19 16.44 -6.95 -27.52
N GLU D 20 17.60 -6.48 -27.08
CA GLU D 20 18.56 -5.90 -28.01
C GLU D 20 19.11 -6.95 -28.97
N GLU D 21 19.37 -8.16 -28.47
CA GLU D 21 19.83 -9.23 -29.33
C GLU D 21 18.75 -9.63 -30.33
N VAL D 22 17.48 -9.46 -29.97
CA VAL D 22 16.40 -9.69 -30.93
C VAL D 22 16.44 -8.62 -32.02
N ASN D 23 16.83 -7.39 -31.67
CA ASN D 23 16.86 -6.31 -32.65
C ASN D 23 17.98 -6.50 -33.67
N GLU D 24 19.12 -7.06 -33.27
CA GLU D 24 20.19 -7.28 -34.23
C GLU D 24 19.94 -8.53 -35.06
N LYS D 25 19.48 -9.62 -34.43
CA LYS D 25 19.18 -10.83 -35.17
C LYS D 25 18.11 -10.59 -36.23
N LEU D 26 17.18 -9.67 -35.97
CA LEU D 26 16.13 -9.32 -36.91
C LEU D 26 16.36 -7.98 -37.59
N ARG D 27 17.59 -7.47 -37.53
CA ARG D 27 17.93 -6.27 -38.29
C ARG D 27 18.24 -6.66 -39.73
N ASP D 28 17.55 -6.03 -40.68
CA ASP D 28 17.80 -6.23 -42.10
C ASP D 28 17.55 -7.67 -42.53
N THR D 29 16.59 -8.34 -41.88
CA THR D 29 16.26 -9.71 -42.21
C THR D 29 14.98 -9.76 -43.03
N ALA D 30 14.75 -10.93 -43.64
CA ALA D 30 13.62 -11.10 -44.54
C ALA D 30 12.30 -11.14 -43.78
N ASP D 31 11.21 -10.94 -44.52
CA ASP D 31 9.89 -11.09 -43.97
C ASP D 31 9.63 -12.56 -43.65
N GLY D 32 9.34 -12.85 -42.39
CA GLY D 32 9.16 -14.22 -41.92
C GLY D 32 10.24 -14.68 -40.97
N THR D 33 11.29 -13.89 -40.78
CA THR D 33 12.33 -14.25 -39.82
C THR D 33 11.77 -14.19 -38.41
N PHE D 34 12.12 -15.19 -37.60
CA PHE D 34 11.51 -15.31 -36.28
C PHE D 34 12.44 -16.05 -35.34
N LEU D 35 12.14 -15.94 -34.05
CA LEU D 35 12.77 -16.75 -33.00
C LEU D 35 11.84 -16.73 -31.80
N VAL D 36 12.00 -17.73 -30.93
CA VAL D 36 11.23 -17.83 -29.70
C VAL D 36 12.20 -17.72 -28.53
N ARG D 37 11.88 -16.83 -27.60
CA ARG D 37 12.70 -16.58 -26.42
C ARG D 37 11.81 -16.63 -25.19
N ASP D 38 12.45 -16.64 -24.02
CA ASP D 38 11.70 -16.54 -22.78
C ASP D 38 11.11 -15.14 -22.64
N ALA D 39 9.91 -15.05 -22.08
CA ALA D 39 9.31 -13.76 -21.83
C ALA D 39 10.09 -13.02 -20.74
N SER D 40 10.32 -11.73 -20.97
CA SER D 40 11.13 -10.94 -20.05
C SER D 40 10.51 -10.77 -18.67
N THR D 41 9.25 -11.20 -18.49
CA THR D 41 8.64 -11.26 -17.17
C THR D 41 8.89 -12.65 -16.60
N LYS D 42 9.40 -12.70 -15.37
CA LYS D 42 9.85 -13.96 -14.78
C LYS D 42 8.71 -14.91 -14.42
N MET D 43 7.65 -14.91 -15.21
CA MET D 43 6.57 -15.89 -15.09
C MET D 43 6.94 -17.07 -15.96
N HIS D 44 7.42 -18.15 -15.34
CA HIS D 44 7.82 -19.32 -16.10
C HIS D 44 6.59 -19.97 -16.75
N GLY D 45 6.71 -20.25 -18.04
CA GLY D 45 5.59 -20.65 -18.87
C GLY D 45 5.22 -19.63 -19.92
N ASP D 46 5.61 -18.38 -19.72
CA ASP D 46 5.42 -17.32 -20.71
C ASP D 46 6.68 -17.22 -21.56
N TYR D 47 6.51 -17.36 -22.89
CA TYR D 47 7.58 -17.15 -23.84
C TYR D 47 7.08 -16.18 -24.90
N THR D 48 8.00 -15.66 -25.70
CA THR D 48 7.69 -14.61 -26.66
C THR D 48 8.28 -14.93 -28.02
N LEU D 49 7.41 -15.14 -29.01
CA LEU D 49 7.82 -15.28 -30.40
C LEU D 49 7.84 -13.89 -31.03
N THR D 50 8.98 -13.50 -31.57
CA THR D 50 9.15 -12.19 -32.20
C THR D 50 9.54 -12.43 -33.66
N LEU D 51 8.68 -12.04 -34.58
CA LEU D 51 8.96 -12.18 -36.00
C LEU D 51 8.92 -10.81 -36.68
N ARG D 52 9.28 -10.80 -37.96
CA ARG D 52 9.48 -9.57 -38.71
C ARG D 52 8.57 -9.53 -39.93
N LYS D 53 8.05 -8.33 -40.22
CA LYS D 53 7.24 -8.09 -41.41
C LYS D 53 7.40 -6.63 -41.81
N GLY D 54 7.99 -6.40 -42.98
CA GLY D 54 8.15 -5.05 -43.50
C GLY D 54 8.89 -4.11 -42.59
N GLY D 55 9.91 -4.60 -41.89
CA GLY D 55 10.70 -3.77 -41.01
C GLY D 55 10.07 -3.48 -39.66
N ASN D 56 9.06 -4.23 -39.27
CA ASN D 56 8.40 -4.04 -37.97
C ASN D 56 8.51 -5.31 -37.15
N ASN D 57 8.95 -5.16 -35.91
CA ASN D 57 9.05 -6.28 -34.97
C ASN D 57 7.72 -6.43 -34.26
N LYS D 58 6.94 -7.44 -34.64
CA LYS D 58 5.69 -7.74 -33.98
C LYS D 58 5.93 -8.78 -32.90
N LEU D 59 5.57 -8.45 -31.66
CA LEU D 59 5.83 -9.33 -30.52
C LEU D 59 4.61 -10.18 -30.23
N ILE D 60 4.84 -11.48 -30.02
CA ILE D 60 3.77 -12.44 -29.76
C ILE D 60 4.09 -13.16 -28.45
N LYS D 61 3.11 -13.17 -27.54
CA LYS D 61 3.24 -13.88 -26.28
C LYS D 61 2.52 -15.22 -26.36
N ILE D 62 3.13 -16.26 -25.79
CA ILE D 62 2.54 -17.59 -25.76
C ILE D 62 2.28 -17.96 -24.30
N PHE D 63 1.17 -18.65 -24.06
CA PHE D 63 0.72 -19.00 -22.72
C PHE D 63 0.74 -20.51 -22.53
N HIS D 64 0.80 -20.91 -21.26
CA HIS D 64 0.75 -22.30 -20.87
C HIS D 64 -0.43 -22.50 -19.94
N ARG D 65 -1.25 -23.52 -20.23
CA ARG D 65 -2.35 -23.89 -19.35
C ARG D 65 -2.76 -25.31 -19.65
N ASP D 66 -2.88 -26.14 -18.61
CA ASP D 66 -3.26 -27.55 -18.73
C ASP D 66 -2.34 -28.29 -19.71
N GLY D 67 -1.03 -28.07 -19.59
CA GLY D 67 -0.08 -28.63 -20.52
C GLY D 67 -0.26 -28.21 -21.97
N LYS D 68 -1.15 -27.26 -22.25
CA LYS D 68 -1.42 -26.79 -23.60
C LYS D 68 -0.86 -25.39 -23.79
N TYR D 69 -0.54 -25.07 -25.05
CA TYR D 69 0.15 -23.84 -25.40
C TYR D 69 -0.62 -23.13 -26.50
N GLY D 70 -0.48 -21.81 -26.57
CA GLY D 70 -1.18 -21.05 -27.59
C GLY D 70 -0.89 -19.57 -27.44
N PHE D 71 -1.37 -18.82 -28.43
CA PHE D 71 -1.19 -17.37 -28.45
C PHE D 71 -2.34 -16.64 -27.76
N SER D 72 -3.52 -17.24 -27.72
CA SER D 72 -4.68 -16.63 -27.07
C SER D 72 -5.71 -17.73 -26.80
N ASP D 73 -6.66 -17.40 -25.95
CA ASP D 73 -7.72 -18.35 -25.62
C ASP D 73 -8.51 -18.69 -26.88
N PRO D 74 -8.73 -19.98 -27.18
CA PRO D 74 -8.30 -21.17 -26.42
C PRO D 74 -6.92 -21.66 -26.85
N LEU D 75 -6.13 -22.20 -25.92
CA LEU D 75 -4.81 -22.73 -26.27
C LEU D 75 -4.97 -24.12 -26.86
N THR D 76 -4.36 -24.33 -28.03
CA THR D 76 -4.54 -25.55 -28.81
C THR D 76 -3.36 -26.50 -28.77
N PHE D 77 -2.13 -25.98 -28.88
CA PHE D 77 -0.96 -26.82 -29.05
C PHE D 77 -0.54 -27.50 -27.76
N SER D 78 0.11 -28.65 -27.91
CA SER D 78 0.61 -29.42 -26.78
C SER D 78 2.04 -29.06 -26.37
N SER D 79 2.74 -28.26 -27.19
CA SER D 79 4.08 -27.80 -26.86
C SER D 79 4.38 -26.57 -27.70
N VAL D 80 5.28 -25.73 -27.19
CA VAL D 80 5.71 -24.55 -27.93
C VAL D 80 6.40 -24.96 -29.22
N VAL D 81 7.12 -26.08 -29.21
CA VAL D 81 7.73 -26.58 -30.43
C VAL D 81 6.65 -26.95 -31.45
N GLU D 82 5.55 -27.54 -30.99
CA GLU D 82 4.43 -27.80 -31.87
C GLU D 82 3.73 -26.53 -32.29
N LEU D 83 3.68 -25.53 -31.39
CA LEU D 83 3.04 -24.26 -31.72
C LEU D 83 3.73 -23.60 -32.92
N ILE D 84 5.06 -23.65 -32.97
CA ILE D 84 5.79 -23.02 -34.06
C ILE D 84 5.62 -23.81 -35.35
N ASN D 85 5.59 -25.14 -35.25
CA ASN D 85 5.58 -25.99 -36.44
C ASN D 85 4.39 -25.70 -37.34
N HIS D 86 3.22 -25.42 -36.76
CA HIS D 86 2.03 -25.19 -37.58
C HIS D 86 2.15 -23.90 -38.38
N TYR D 87 2.53 -22.81 -37.73
CA TYR D 87 2.57 -21.51 -38.39
C TYR D 87 3.80 -21.31 -39.25
N ARG D 88 4.71 -22.29 -39.34
CA ARG D 88 5.78 -22.21 -40.32
C ARG D 88 5.30 -22.62 -41.70
N ASN D 89 4.39 -23.59 -41.76
CA ASN D 89 3.78 -24.04 -43.01
C ASN D 89 2.40 -23.43 -43.23
N GLU D 90 1.94 -22.55 -42.34
CA GLU D 90 0.68 -21.85 -42.50
C GLU D 90 0.93 -20.36 -42.31
N SER D 91 0.33 -19.57 -43.20
CA SER D 91 0.49 -18.11 -43.11
C SER D 91 -0.13 -17.60 -41.82
N LEU D 92 0.41 -16.48 -41.33
CA LEU D 92 -0.11 -15.85 -40.13
C LEU D 92 -1.41 -15.08 -40.36
N ALA D 93 -1.99 -15.18 -41.56
CA ALA D 93 -3.24 -14.45 -41.83
C ALA D 93 -4.36 -14.88 -40.89
N GLN D 94 -4.32 -16.13 -40.40
CA GLN D 94 -5.39 -16.60 -39.53
C GLN D 94 -5.36 -15.88 -38.18
N TYR D 95 -4.17 -15.62 -37.64
CA TYR D 95 -4.07 -14.94 -36.35
C TYR D 95 -4.46 -13.47 -36.49
N ASN D 96 -3.87 -12.77 -37.46
CA ASN D 96 -4.15 -11.37 -37.70
C ASN D 96 -4.02 -11.14 -39.20
N PRO D 97 -4.95 -10.41 -39.82
CA PRO D 97 -4.86 -10.20 -41.27
C PRO D 97 -3.66 -9.37 -41.69
N LYS D 98 -3.23 -8.42 -40.84
CA LYS D 98 -2.11 -7.55 -41.20
C LYS D 98 -0.86 -8.37 -41.50
N LEU D 99 -0.60 -9.43 -40.74
CA LEU D 99 0.55 -10.30 -40.94
C LEU D 99 0.11 -11.50 -41.77
N ASP D 100 0.61 -11.58 -43.00
CA ASP D 100 0.29 -12.65 -43.94
C ASP D 100 1.51 -13.54 -44.20
N VAL D 101 2.44 -13.59 -43.25
CA VAL D 101 3.73 -14.25 -43.46
C VAL D 101 3.77 -15.55 -42.68
N LYS D 102 4.51 -16.51 -43.23
CA LYS D 102 4.82 -17.75 -42.53
C LYS D 102 6.09 -17.57 -41.71
N LEU D 103 6.30 -18.48 -40.77
CA LEU D 103 7.52 -18.49 -39.96
C LEU D 103 8.61 -19.20 -40.76
N LEU D 104 9.11 -18.48 -41.77
CA LEU D 104 10.04 -19.07 -42.74
C LEU D 104 11.44 -19.25 -42.15
N TYR D 105 12.10 -18.14 -41.81
CA TYR D 105 13.52 -18.15 -41.49
C TYR D 105 13.76 -18.06 -39.98
N PRO D 106 14.04 -19.17 -39.29
CA PRO D 106 14.34 -19.08 -37.87
C PRO D 106 15.76 -18.59 -37.63
N VAL D 107 15.92 -17.79 -36.59
CA VAL D 107 17.24 -17.33 -36.17
C VAL D 107 17.97 -18.52 -35.57
N SER D 108 18.86 -19.13 -36.34
CA SER D 108 19.46 -20.40 -35.98
C SER D 108 20.61 -20.23 -34.99
N LYS D 109 20.64 -21.10 -33.98
CA LYS D 109 21.79 -21.23 -33.11
C LYS D 109 22.82 -22.21 -33.64
N TYR D 110 22.41 -23.11 -34.55
CA TYR D 110 23.34 -23.99 -35.24
C TYR D 110 23.97 -23.31 -36.44
N GLN D 111 23.60 -22.06 -36.73
CA GLN D 111 24.15 -21.35 -37.88
C GLN D 111 25.64 -21.07 -37.72
N GLN D 112 26.14 -21.06 -36.49
CA GLN D 112 27.57 -20.83 -36.27
C GLN D 112 28.41 -22.05 -36.59
N ASP D 113 27.87 -23.25 -36.39
CA ASP D 113 28.61 -24.47 -36.72
C ASP D 113 28.91 -24.56 -38.21
N GLN D 114 28.14 -23.87 -39.05
CA GLN D 114 28.42 -23.81 -40.47
C GLN D 114 29.40 -22.68 -40.83
N VAL D 115 29.57 -21.70 -39.96
CA VAL D 115 30.52 -20.63 -40.22
C VAL D 115 31.89 -20.94 -39.62
N VAL D 116 31.94 -21.69 -38.52
CA VAL D 116 33.19 -22.07 -37.89
C VAL D 116 33.77 -23.26 -38.67
N LYS D 117 34.81 -23.00 -39.45
CA LYS D 117 35.36 -23.95 -40.42
C LYS D 117 36.56 -24.74 -39.86
N GLU D 118 37.00 -24.45 -38.65
CA GLU D 118 38.20 -25.09 -38.09
C GLU D 118 37.82 -26.14 -37.06
N ASP D 119 38.36 -27.35 -37.24
CA ASP D 119 38.04 -28.49 -36.39
C ASP D 119 38.71 -28.43 -35.02
N ASN D 120 39.84 -27.75 -34.90
CA ASN D 120 40.56 -27.66 -33.63
C ASN D 120 39.92 -26.56 -32.79
N ILE D 121 39.29 -26.95 -31.68
CA ILE D 121 38.62 -25.99 -30.80
C ILE D 121 39.62 -24.96 -30.29
N GLU D 122 40.86 -25.39 -30.02
CA GLU D 122 41.88 -24.44 -29.60
C GLU D 122 42.20 -23.44 -30.71
N ALA D 123 42.11 -23.87 -31.97
CA ALA D 123 42.36 -22.97 -33.09
C ALA D 123 41.21 -22.01 -33.34
N VAL D 124 39.98 -22.43 -33.00
CA VAL D 124 38.85 -21.51 -33.12
C VAL D 124 39.00 -20.33 -32.16
N GLY D 125 39.60 -20.58 -30.99
CA GLY D 125 39.91 -19.47 -30.10
C GLY D 125 40.95 -18.53 -30.67
N LYS D 126 41.88 -19.06 -31.46
CA LYS D 126 42.83 -18.19 -32.16
C LYS D 126 42.10 -17.23 -33.09
N LYS D 127 41.16 -17.75 -33.88
CA LYS D 127 40.43 -16.89 -34.80
C LYS D 127 39.56 -15.89 -34.07
N LEU D 128 38.97 -16.29 -32.95
CA LEU D 128 38.14 -15.37 -32.18
C LEU D 128 38.99 -14.22 -31.64
N HIS D 129 40.16 -14.53 -31.08
CA HIS D 129 41.10 -13.49 -30.69
C HIS D 129 41.57 -12.70 -31.91
N GLU D 130 41.85 -13.41 -33.01
CA GLU D 130 42.29 -12.77 -34.23
C GLU D 130 41.21 -11.85 -34.80
N TYR D 131 39.97 -12.32 -34.81
CA TYR D 131 38.87 -11.49 -35.29
C TYR D 131 38.53 -10.38 -34.30
N ASN D 132 38.75 -10.62 -33.00
CA ASN D 132 38.46 -9.59 -32.00
C ASN D 132 39.44 -8.43 -32.10
N THR D 133 40.73 -8.74 -32.30
CA THR D 133 41.70 -7.67 -32.47
C THR D 133 41.46 -6.92 -33.77
N GLN D 134 41.09 -7.65 -34.84
CA GLN D 134 40.79 -6.98 -36.11
C GLN D 134 39.55 -6.11 -35.98
N PHE D 135 38.54 -6.58 -35.25
CA PHE D 135 37.34 -5.78 -35.08
C PHE D 135 37.61 -4.52 -34.24
N GLN D 136 38.27 -4.70 -33.10
CA GLN D 136 38.50 -3.56 -32.22
C GLN D 136 39.44 -2.54 -32.85
N GLU D 137 40.27 -2.95 -33.81
CA GLU D 137 41.08 -1.98 -34.53
C GLU D 137 40.23 -1.12 -35.44
N LYS D 138 39.42 -1.76 -36.31
CA LYS D 138 38.57 -0.99 -37.22
C LYS D 138 37.59 -0.13 -36.44
N SER D 139 37.23 -0.53 -35.22
CA SER D 139 36.46 0.36 -34.36
C SER D 139 37.25 1.63 -34.08
N ARG D 140 38.55 1.48 -33.78
CA ARG D 140 39.39 2.65 -33.54
C ARG D 140 39.61 3.46 -34.81
N GLU D 141 39.75 2.78 -35.95
CA GLU D 141 39.94 3.50 -37.21
C GLU D 141 38.66 4.23 -37.62
N TYR D 142 37.51 3.58 -37.46
CA TYR D 142 36.24 4.27 -37.75
C TYR D 142 36.03 5.44 -36.81
N ASP D 143 36.43 5.29 -35.54
CA ASP D 143 36.30 6.39 -34.59
C ASP D 143 37.26 7.52 -34.96
N ARG D 144 38.52 7.19 -35.25
CA ARG D 144 39.47 8.21 -35.66
C ARG D 144 39.02 8.90 -36.94
N LEU D 145 38.60 8.13 -37.94
CA LEU D 145 38.09 8.70 -39.18
C LEU D 145 36.90 9.61 -38.91
N TYR D 146 36.03 9.22 -37.98
CA TYR D 146 34.89 10.07 -37.67
C TYR D 146 35.31 11.36 -36.99
N GLU D 147 36.41 11.33 -36.22
CA GLU D 147 36.92 12.55 -35.62
C GLU D 147 37.44 13.51 -36.69
N GLU D 148 38.32 13.03 -37.56
CA GLU D 148 38.77 13.88 -38.67
C GLU D 148 37.60 14.30 -39.54
N TYR D 149 36.59 13.44 -39.66
CA TYR D 149 35.42 13.76 -40.47
C TYR D 149 34.68 14.97 -39.92
N THR D 150 34.29 14.91 -38.64
CA THR D 150 33.53 16.01 -38.04
C THR D 150 34.37 17.28 -37.94
N ARG D 151 35.65 17.14 -37.60
CA ARG D 151 36.53 18.31 -37.55
C ARG D 151 36.64 18.97 -38.91
N THR D 152 36.79 18.17 -39.97
CA THR D 152 36.89 18.71 -41.32
C THR D 152 35.60 19.41 -41.73
N SER D 153 34.45 18.89 -41.29
CA SER D 153 33.18 19.49 -41.65
C SER D 153 33.01 20.88 -41.03
N GLN D 154 33.40 21.03 -39.76
CA GLN D 154 33.33 22.34 -39.14
C GLN D 154 34.29 23.32 -39.81
N GLU D 155 35.50 22.85 -40.13
CA GLU D 155 36.46 23.71 -40.82
C GLU D 155 35.93 24.15 -42.18
N ILE D 156 35.36 23.21 -42.94
CA ILE D 156 34.77 23.55 -44.23
C ILE D 156 33.72 24.63 -44.07
N GLN D 157 32.88 24.52 -43.03
CA GLN D 157 31.87 25.53 -42.79
C GLN D 157 32.50 26.89 -42.50
N MET D 158 33.62 26.89 -41.75
CA MET D 158 34.32 28.14 -41.47
C MET D 158 34.86 28.76 -42.76
N LYS D 159 35.42 27.94 -43.65
CA LYS D 159 35.89 28.46 -44.93
C LYS D 159 34.73 29.05 -45.73
N ARG D 160 33.55 28.41 -45.66
CA ARG D 160 32.40 28.96 -46.37
C ARG D 160 31.98 30.29 -45.76
N THR D 161 32.15 30.44 -44.44
CA THR D 161 31.85 31.70 -43.78
C THR D 161 32.77 32.81 -44.28
N ALA D 162 34.08 32.58 -44.20
CA ALA D 162 35.04 33.61 -44.56
C ALA D 162 34.94 33.98 -46.04
N ILE D 163 34.67 33.01 -46.91
CA ILE D 163 34.44 33.34 -48.31
C ILE D 163 33.21 34.23 -48.43
N GLU D 164 32.18 33.96 -47.64
CA GLU D 164 30.99 34.81 -47.64
C GLU D 164 31.33 36.20 -47.11
N ALA D 165 32.17 36.27 -46.08
CA ALA D 165 32.56 37.56 -45.53
C ALA D 165 33.49 38.31 -46.49
N PHE D 166 34.35 37.59 -47.21
CA PHE D 166 35.22 38.25 -48.17
C PHE D 166 34.41 38.90 -49.28
N ASN D 167 33.35 38.22 -49.74
CA ASN D 167 32.48 38.81 -50.75
C ASN D 167 31.85 40.10 -50.26
N GLU D 168 31.45 40.13 -48.98
CA GLU D 168 30.84 41.34 -48.44
C GLU D 168 31.86 42.46 -48.31
N THR D 169 33.10 42.11 -47.97
CA THR D 169 34.15 43.11 -47.87
C THR D 169 34.52 43.64 -49.25
N ILE D 170 34.63 42.75 -50.24
CA ILE D 170 34.95 43.20 -51.59
C ILE D 170 33.86 44.13 -52.10
N LYS D 171 32.59 43.78 -51.84
CA LYS D 171 31.50 44.63 -52.29
C LYS D 171 31.58 46.01 -51.66
N ILE D 172 31.98 46.08 -50.39
CA ILE D 172 32.10 47.36 -49.70
C ILE D 172 33.25 48.17 -50.30
N PHE D 173 34.39 47.54 -50.56
CA PHE D 173 35.51 48.25 -51.14
C PHE D 173 35.19 48.73 -52.56
N GLU D 174 34.49 47.91 -53.34
CA GLU D 174 34.14 48.35 -54.69
C GLU D 174 33.16 49.51 -54.66
N GLU D 175 32.27 49.53 -53.67
CA GLU D 175 31.42 50.70 -53.48
C GLU D 175 32.25 51.92 -53.10
N GLN D 176 33.26 51.72 -52.23
CA GLN D 176 34.13 52.81 -51.85
C GLN D 176 34.85 53.39 -53.06
N CYS D 177 35.20 52.54 -54.04
CA CYS D 177 35.81 53.05 -55.26
C CYS D 177 34.82 53.84 -56.09
N GLN D 178 33.57 53.38 -56.14
CA GLN D 178 32.56 54.07 -56.95
C GLN D 178 32.30 55.48 -56.43
N THR D 179 32.19 55.62 -55.10
CA THR D 179 31.93 56.94 -54.52
C THR D 179 33.12 57.87 -54.73
N GLN D 180 34.34 57.34 -54.61
CA GLN D 180 35.52 58.15 -54.90
C GLN D 180 35.46 58.71 -56.31
N GLU D 181 35.16 57.85 -57.29
CA GLU D 181 35.05 58.31 -58.67
C GLU D 181 33.94 59.35 -58.83
N ARG D 182 32.89 59.25 -58.00
CA ARG D 182 31.79 60.19 -58.08
C ARG D 182 32.18 61.55 -57.50
N TYR D 183 32.77 61.54 -56.31
CA TYR D 183 33.09 62.78 -55.64
C TYR D 183 34.35 63.45 -56.19
N SER D 184 35.33 62.67 -56.61
CA SER D 184 36.59 63.25 -57.08
C SER D 184 36.43 63.95 -58.43
N LYS D 185 35.33 63.72 -59.15
CA LYS D 185 35.20 64.18 -60.52
C LYS D 185 35.45 65.68 -60.65
N GLU D 186 34.71 66.48 -59.88
CA GLU D 186 34.81 67.92 -60.04
C GLU D 186 36.08 68.50 -59.43
N TYR D 187 36.70 67.79 -58.49
CA TYR D 187 38.01 68.24 -58.00
C TYR D 187 39.09 67.98 -59.05
N ILE D 188 39.03 66.82 -59.72
CA ILE D 188 39.94 66.58 -60.84
C ILE D 188 39.75 67.66 -61.90
N GLU D 189 38.50 68.04 -62.17
CA GLU D 189 38.24 69.10 -63.14
C GLU D 189 38.83 70.43 -62.67
N LYS D 190 38.73 70.72 -61.38
CA LYS D 190 39.31 71.96 -60.86
C LYS D 190 40.82 71.92 -60.92
N PHE D 191 41.42 70.81 -60.47
CA PHE D 191 42.88 70.69 -60.48
C PHE D 191 43.43 70.67 -61.90
N LYS D 192 42.60 70.34 -62.89
CA LYS D 192 43.05 70.44 -64.27
C LYS D 192 43.18 71.89 -64.70
N ARG D 193 42.12 72.67 -64.50
CA ARG D 193 42.16 74.07 -64.91
C ARG D 193 43.24 74.84 -64.16
N GLU D 194 43.43 74.54 -62.88
CA GLU D 194 44.39 75.28 -62.07
C GLU D 194 45.81 74.73 -62.20
N GLY D 195 46.05 73.83 -63.16
CA GLY D 195 47.39 73.32 -63.38
C GLY D 195 47.98 72.58 -62.22
N ASN D 196 47.14 72.18 -61.26
CA ASN D 196 47.62 71.51 -60.05
C ASN D 196 47.72 70.01 -60.31
N GLU D 197 48.72 69.65 -61.12
CA GLU D 197 48.98 68.24 -61.39
C GLU D 197 49.45 67.53 -60.13
N LYS D 198 50.10 68.25 -59.21
CA LYS D 198 50.63 67.63 -58.00
C LYS D 198 49.51 67.09 -57.13
N GLU D 199 48.34 67.73 -57.15
CA GLU D 199 47.22 67.25 -56.36
C GLU D 199 46.52 66.07 -57.01
N ILE D 200 46.51 66.01 -58.34
CA ILE D 200 45.88 64.89 -59.03
C ILE D 200 46.63 63.60 -58.70
N GLN D 201 47.95 63.68 -58.60
CA GLN D 201 48.71 62.51 -58.18
C GLN D 201 48.31 62.07 -56.77
N ARG D 202 47.96 63.01 -55.90
CA ARG D 202 47.47 62.66 -54.57
C ARG D 202 46.18 61.85 -54.67
N ILE D 203 45.21 62.36 -55.42
CA ILE D 203 43.94 61.66 -55.58
C ILE D 203 44.14 60.33 -56.28
N MET D 204 44.95 60.32 -57.34
CA MET D 204 45.21 59.05 -58.02
C MET D 204 45.97 58.08 -57.12
N HIS D 205 46.83 58.58 -56.23
CA HIS D 205 47.61 57.70 -55.37
C HIS D 205 46.72 56.99 -54.37
N ASN D 206 45.80 57.72 -53.75
CA ASN D 206 44.85 57.08 -52.85
C ASN D 206 43.95 56.12 -53.62
N TYR D 207 43.50 56.53 -54.81
CA TYR D 207 42.70 55.64 -55.65
C TYR D 207 43.46 54.35 -55.96
N ASP D 208 44.78 54.45 -56.18
CA ASP D 208 45.58 53.25 -56.41
C ASP D 208 45.61 52.38 -55.17
N LYS D 209 45.68 52.99 -53.97
CA LYS D 209 45.70 52.21 -52.73
C LYS D 209 44.40 51.44 -52.56
N LEU D 210 43.28 52.05 -52.94
CA LEU D 210 42.00 51.36 -52.85
C LEU D 210 41.97 50.13 -53.72
N LYS D 211 42.31 50.30 -55.01
CA LYS D 211 42.22 49.18 -55.95
C LYS D 211 43.37 48.21 -55.79
N SER D 212 44.49 48.63 -55.22
CA SER D 212 45.52 47.67 -54.85
C SER D 212 45.05 46.78 -53.72
N ARG D 213 44.27 47.35 -52.79
CA ARG D 213 43.75 46.57 -51.68
C ARG D 213 42.64 45.61 -52.15
N ILE D 214 41.80 46.05 -53.09
CA ILE D 214 40.69 45.21 -53.53
C ILE D 214 41.21 43.94 -54.17
N SER D 215 42.16 44.06 -55.11
CA SER D 215 42.74 42.86 -55.70
C SER D 215 43.41 42.00 -54.62
N GLU D 216 44.07 42.64 -53.66
CA GLU D 216 44.67 41.92 -52.55
C GLU D 216 43.62 41.15 -51.75
N ILE D 217 42.41 41.70 -51.63
CA ILE D 217 41.33 41.02 -50.93
C ILE D 217 40.70 39.95 -51.82
N ILE D 218 40.53 40.26 -53.11
CA ILE D 218 40.05 39.24 -54.05
C ILE D 218 41.01 38.06 -54.08
N ASP D 219 42.32 38.35 -53.95
CA ASP D 219 43.31 37.28 -53.95
C ASP D 219 43.17 36.42 -52.70
N SER D 220 42.91 37.04 -51.55
CA SER D 220 42.72 36.26 -50.33
C SER D 220 41.50 35.35 -50.45
N ARG D 221 40.41 35.87 -51.02
CA ARG D 221 39.22 35.05 -51.20
C ARG D 221 39.46 33.92 -52.19
N ARG D 222 40.13 34.23 -53.31
CA ARG D 222 40.42 33.21 -54.30
C ARG D 222 41.28 32.10 -53.72
N ARG D 223 42.28 32.46 -52.90
CA ARG D 223 43.10 31.44 -52.26
C ARG D 223 42.29 30.61 -51.27
N LEU D 224 41.34 31.26 -50.58
CA LEU D 224 40.46 30.52 -49.68
C LEU D 224 39.51 29.62 -50.45
N GLU D 225 39.05 30.06 -51.62
CA GLU D 225 38.22 29.20 -52.45
C GLU D 225 38.97 27.94 -52.86
N GLU D 226 40.24 28.08 -53.23
CA GLU D 226 41.04 26.91 -53.59
C GLU D 226 41.27 26.02 -52.37
N ASP D 227 41.55 26.61 -51.21
CA ASP D 227 41.75 25.81 -50.01
C ASP D 227 40.47 25.06 -49.63
N LEU D 228 39.32 25.72 -49.77
CA LEU D 228 38.05 25.06 -49.47
C LEU D 228 37.79 23.92 -50.44
N LYS D 229 38.09 24.13 -51.73
CA LYS D 229 37.94 23.06 -52.71
C LYS D 229 38.82 21.86 -52.34
N LYS D 230 40.04 22.12 -51.85
CA LYS D 230 40.91 21.04 -51.44
C LYS D 230 40.36 20.30 -50.24
N GLN D 231 39.85 21.04 -49.24
CA GLN D 231 39.33 20.39 -48.05
C GLN D 231 38.02 19.67 -48.33
N ALA D 232 37.18 20.26 -49.21
CA ALA D 232 35.94 19.60 -49.58
C ALA D 232 36.19 18.27 -50.27
N ALA D 233 37.31 18.16 -51.01
CA ALA D 233 37.68 16.89 -51.60
C ALA D 233 38.20 15.93 -50.54
N GLU D 234 39.03 16.42 -49.62
CA GLU D 234 39.51 15.58 -48.52
C GLU D 234 38.34 15.07 -47.70
N TYR D 235 37.33 15.91 -47.48
CA TYR D 235 36.15 15.51 -46.72
C TYR D 235 35.48 14.30 -47.35
N ARG D 236 35.21 14.36 -48.66
CA ARG D 236 34.61 13.21 -49.33
C ARG D 236 35.51 11.99 -49.26
N GLU D 237 36.82 12.20 -49.24
CA GLU D 237 37.75 11.07 -49.15
C GLU D 237 37.59 10.34 -47.84
N ILE D 238 37.36 11.07 -46.74
CA ILE D 238 37.12 10.43 -45.45
C ILE D 238 35.80 9.67 -45.48
N ASP D 239 34.74 10.31 -45.98
CA ASP D 239 33.46 9.65 -46.08
C ASP D 239 33.53 8.40 -46.97
N LYS D 240 34.38 8.44 -47.99
CA LYS D 240 34.65 7.23 -48.76
C LYS D 240 35.26 6.16 -47.87
N ARG D 241 36.30 6.53 -47.12
CA ARG D 241 36.99 5.56 -46.27
C ARG D 241 36.09 5.06 -45.15
N MET D 242 35.27 5.94 -44.58
CA MET D 242 34.35 5.52 -43.53
C MET D 242 33.30 4.56 -44.06
N ASN D 243 32.71 4.85 -45.23
CA ASN D 243 31.66 4.02 -45.78
C ASN D 243 32.14 2.63 -46.21
N SER D 244 33.46 2.41 -46.27
CA SER D 244 33.98 1.06 -46.49
C SER D 244 34.28 0.34 -45.19
N ILE D 245 34.50 1.07 -44.10
CA ILE D 245 34.76 0.43 -42.82
C ILE D 245 33.47 0.07 -42.08
N LYS D 246 32.42 0.87 -42.23
CA LYS D 246 31.13 0.56 -41.60
C LYS D 246 30.64 -0.84 -41.92
N PRO D 247 30.62 -1.32 -43.16
CA PRO D 247 30.17 -2.70 -43.38
C PRO D 247 31.16 -3.74 -42.87
N ASP D 248 32.47 -3.49 -43.00
CA ASP D 248 33.45 -4.42 -42.47
C ASP D 248 33.33 -4.53 -40.95
N LEU D 249 32.99 -3.43 -40.29
CA LEU D 249 32.74 -3.47 -38.85
C LEU D 249 31.56 -4.37 -38.52
N ILE D 250 30.55 -4.37 -39.38
CA ILE D 250 29.38 -5.22 -39.16
C ILE D 250 29.75 -6.68 -39.32
N GLN D 251 30.49 -7.01 -40.39
CA GLN D 251 30.89 -8.39 -40.61
C GLN D 251 31.81 -8.88 -39.50
N LEU D 252 32.79 -8.06 -39.11
CA LEU D 252 33.70 -8.48 -38.05
C LEU D 252 32.98 -8.62 -36.72
N ARG D 253 31.98 -7.77 -36.47
CA ARG D 253 31.19 -7.94 -35.24
C ARG D 253 30.32 -9.18 -35.32
N LYS D 254 29.77 -9.47 -36.50
CA LYS D 254 28.95 -10.67 -36.68
C LYS D 254 29.79 -11.93 -36.57
N THR D 255 30.91 -11.98 -37.29
CA THR D 255 31.77 -13.17 -37.26
C THR D 255 32.35 -13.40 -35.87
N ARG D 256 32.76 -12.33 -35.19
CA ARG D 256 33.32 -12.48 -33.86
C ARG D 256 32.30 -13.03 -32.87
N ASP D 257 31.06 -12.57 -32.97
CA ASP D 257 30.04 -13.03 -32.02
C ASP D 257 29.61 -14.46 -32.30
N GLN D 258 29.63 -14.91 -33.56
CA GLN D 258 29.36 -16.31 -33.85
C GLN D 258 30.42 -17.21 -33.25
N TYR D 259 31.69 -16.82 -33.38
CA TYR D 259 32.77 -17.57 -32.76
C TYR D 259 32.71 -17.52 -31.24
N LEU D 260 31.99 -16.54 -30.68
CA LEU D 260 31.90 -16.42 -29.23
C LEU D 260 30.91 -17.41 -28.65
N MET D 261 29.70 -17.48 -29.21
CA MET D 261 28.62 -18.24 -28.59
C MET D 261 28.86 -19.74 -28.64
N TRP D 262 29.35 -20.26 -29.78
CA TRP D 262 29.50 -21.71 -29.89
C TRP D 262 30.64 -22.25 -29.03
N LEU D 263 31.70 -21.47 -28.85
CA LEU D 263 32.78 -21.90 -27.96
C LEU D 263 32.37 -21.80 -26.50
N THR D 264 31.63 -20.74 -26.15
CA THR D 264 31.19 -20.58 -24.77
C THR D 264 30.17 -21.64 -24.37
N GLN D 265 29.31 -22.04 -25.31
CA GLN D 265 28.34 -23.11 -25.02
C GLN D 265 29.01 -24.42 -24.69
N LYS D 266 30.32 -24.55 -24.95
CA LYS D 266 31.12 -25.67 -24.49
C LYS D 266 31.64 -25.48 -23.07
N GLY D 267 31.15 -24.47 -22.36
CA GLY D 267 31.57 -24.22 -20.99
C GLY D 267 33.03 -23.88 -20.84
N VAL D 268 33.60 -23.16 -21.82
CA VAL D 268 35.03 -22.86 -21.76
C VAL D 268 35.32 -21.89 -20.62
N ARG D 269 36.58 -21.89 -20.18
CA ARG D 269 36.98 -21.13 -19.02
C ARG D 269 36.94 -19.63 -19.30
N GLN D 270 36.41 -18.87 -18.35
CA GLN D 270 36.42 -17.41 -18.44
C GLN D 270 37.84 -16.88 -18.57
N LYS D 271 38.80 -17.52 -17.91
CA LYS D 271 40.20 -17.12 -18.05
C LYS D 271 40.64 -17.28 -19.50
N LYS D 272 40.20 -18.34 -20.18
CA LYS D 272 40.50 -18.48 -21.60
C LYS D 272 39.68 -17.52 -22.44
N LEU D 273 38.50 -17.11 -21.94
CA LEU D 273 37.73 -16.08 -22.63
C LEU D 273 38.42 -14.73 -22.50
N ASN D 274 38.87 -14.39 -21.30
CA ASN D 274 39.61 -13.14 -21.10
C ASN D 274 40.95 -13.17 -21.82
N GLU D 275 41.51 -14.36 -22.04
CA GLU D 275 42.74 -14.47 -22.81
C GLU D 275 42.53 -14.08 -24.26
N TRP D 276 41.47 -14.61 -24.89
CA TRP D 276 41.22 -14.34 -26.30
C TRP D 276 40.53 -12.99 -26.53
N LEU D 277 39.89 -12.43 -25.50
CA LEU D 277 39.38 -11.07 -25.59
C LEU D 277 40.48 -10.02 -25.47
N GLY D 278 41.70 -10.42 -25.09
CA GLY D 278 42.78 -9.49 -24.89
C GLY D 278 42.65 -8.61 -23.67
N ASN D 279 41.76 -8.94 -22.74
CA ASN D 279 41.55 -8.13 -21.54
C ASN D 279 42.07 -8.85 -20.29
#